data_8KAR
#
_entry.id   8KAR
#
_cell.length_a   95.267
_cell.length_b   156.419
_cell.length_c   99.330
_cell.angle_alpha   90.00
_cell.angle_beta   110.30
_cell.angle_gamma   90.00
#
_symmetry.space_group_name_H-M   'C 1 2 1'
#
loop_
_entity.id
_entity.type
_entity.pdbx_description
1 polymer 'Glutamate dehydrogenase'
2 non-polymer '2-OXOGLUTARIC ACID'
3 non-polymer NICOTINAMIDE-ADENINE-DINUCLEOTIDE
4 non-polymer 1,2-ETHANEDIOL
5 water water
#
_entity_poly.entity_id   1
_entity_poly.type   'polypeptide(L)'
_entity_poly.pdbx_seq_one_letter_code
;MEELLTSNLLVQQVKKLYKVGELLGLDSETIDVLSQPERVMQVKIQIRSSDGKLRTFIGWRSQHNSALGPYKGGVRYGPN
VTQDEVIALSMIMTWKNSLLLLPYGGGKGGIRVDPKKLTLKELEDLSRKYVQLIHKYLGSDVDIPAPDINTNPQTMAWFL
DEYIKITGKVDFAVFTGKPSELGGIGVRLYSTGLGVATIARDAANKFIGGIEGSRVIIQGFGNVGFFTAKFLSEMGAKII
GVSDIGGGVINENGIDVNRALEVVQSTGSVVNYLEGKKVTNEELLISDCDILIPAAVENVINKFNAPKVRAKLIVEGANG
PLTADADEIMKQRGVIVIPDILANAGGVVGSYVEWANNRSGGIISDEEAKKLIVDRMINAFNTLYDFHKRKFADQDLRTV
AMALAVDRVVGAMKARGLL
;
_entity_poly.pdbx_strand_id   A,B,C
#
loop_
_chem_comp.id
_chem_comp.type
_chem_comp.name
_chem_comp.formula
AKG non-polymer '2-OXOGLUTARIC ACID' 'C5 H6 O5'
EDO non-polymer 1,2-ETHANEDIOL 'C2 H6 O2'
NAD non-polymer NICOTINAMIDE-ADENINE-DINUCLEOTIDE 'C21 H27 N7 O14 P2'
#
# COMPACT_ATOMS: atom_id res chain seq x y z
N THR A 6 18.45 -15.31 -2.48
CA THR A 6 18.54 -15.67 -3.89
C THR A 6 19.49 -14.73 -4.61
N SER A 7 19.96 -13.70 -3.92
CA SER A 7 20.91 -12.76 -4.51
C SER A 7 21.62 -11.95 -3.44
N ASN A 8 22.90 -11.70 -3.64
CA ASN A 8 23.68 -10.97 -2.65
C ASN A 8 23.29 -9.49 -2.60
N LEU A 9 22.67 -8.98 -3.65
CA LEU A 9 22.34 -7.56 -3.65
C LEU A 9 21.42 -7.22 -2.48
N LEU A 10 20.53 -8.15 -2.09
CA LEU A 10 19.67 -7.83 -0.96
C LEU A 10 20.48 -7.72 0.32
N VAL A 11 21.45 -8.61 0.52
CA VAL A 11 22.29 -8.53 1.69
C VAL A 11 23.00 -7.16 1.73
N GLN A 12 23.48 -6.70 0.58
CA GLN A 12 24.21 -5.45 0.50
C GLN A 12 23.28 -4.26 0.80
N GLN A 13 22.10 -4.28 0.21
CA GLN A 13 21.20 -3.12 0.33
C GLN A 13 20.64 -3.04 1.76
N VAL A 14 20.42 -4.19 2.41
CA VAL A 14 19.98 -4.21 3.81
C VAL A 14 21.11 -3.69 4.70
N LYS A 15 22.34 -4.02 4.37
CA LYS A 15 23.45 -3.58 5.22
C LYS A 15 23.60 -2.06 5.10
N LYS A 16 23.42 -1.51 3.89
CA LYS A 16 23.54 -0.08 3.69
C LYS A 16 22.43 0.67 4.44
N LEU A 17 21.23 0.10 4.47
CA LEU A 17 20.12 0.63 5.25
C LEU A 17 20.43 0.57 6.76
N TYR A 18 20.91 -0.56 7.28
CA TYR A 18 21.27 -0.67 8.69
C TYR A 18 22.21 0.47 9.11
N LYS A 19 23.18 0.80 8.26
CA LYS A 19 24.20 1.79 8.60
C LYS A 19 23.60 3.18 8.73
N VAL A 20 22.74 3.59 7.76
CA VAL A 20 22.10 4.89 7.86
C VAL A 20 21.08 4.91 9.01
N GLY A 21 20.34 3.82 9.24
CA GLY A 21 19.39 3.79 10.35
C GLY A 21 20.07 4.05 11.70
N GLU A 22 21.25 3.45 11.91
CA GLU A 22 22.04 3.67 13.11
C GLU A 22 22.43 5.15 13.22
N LEU A 23 22.80 5.77 12.09
CA LEU A 23 23.21 7.17 12.11
C LEU A 23 22.03 8.07 12.46
N LEU A 24 20.82 7.70 12.02
CA LEU A 24 19.61 8.48 12.24
C LEU A 24 19.04 8.26 13.65
N GLY A 25 19.54 7.24 14.34
CA GLY A 25 19.07 6.91 15.67
C GLY A 25 17.72 6.18 15.63
N LEU A 26 17.42 5.51 14.51
CA LEU A 26 16.15 4.83 14.33
C LEU A 26 16.13 3.59 15.22
N ASP A 27 14.96 3.18 15.65
CA ASP A 27 14.96 1.97 16.45
C ASP A 27 15.05 0.75 15.55
N SER A 28 15.58 -0.31 16.15
CA SER A 28 15.93 -1.52 15.44
C SER A 28 14.71 -2.02 14.66
N GLU A 29 13.54 -1.87 15.26
CA GLU A 29 12.32 -2.44 14.74
C GLU A 29 11.85 -1.63 13.54
N THR A 30 12.13 -0.31 13.54
CA THR A 30 11.75 0.56 12.43
C THR A 30 12.63 0.17 11.25
N ILE A 31 13.92 -0.02 11.52
CA ILE A 31 14.83 -0.44 10.46
C ILE A 31 14.31 -1.75 9.85
N ASP A 32 13.87 -2.67 10.71
CA ASP A 32 13.33 -3.93 10.21
C ASP A 32 12.21 -3.71 9.22
N VAL A 33 11.25 -2.81 9.53
CA VAL A 33 10.14 -2.56 8.63
C VAL A 33 10.64 -2.06 7.28
N LEU A 34 11.57 -1.09 7.30
CA LEU A 34 12.15 -0.56 6.08
C LEU A 34 12.97 -1.59 5.29
N SER A 35 13.54 -2.60 5.98
CA SER A 35 14.36 -3.63 5.36
C SER A 35 13.57 -4.64 4.51
N GLN A 36 12.24 -4.68 4.66
CA GLN A 36 11.38 -5.71 4.09
C GLN A 36 10.36 -5.05 3.16
N PRO A 37 10.12 -5.68 2.02
CA PRO A 37 9.15 -5.06 1.13
C PRO A 37 7.71 -5.31 1.50
N GLU A 38 6.84 -4.34 1.17
CA GLU A 38 5.45 -4.55 1.44
C GLU A 38 4.83 -5.73 0.73
N ARG A 39 5.11 -5.88 -0.58
CA ARG A 39 4.48 -6.92 -1.34
C ARG A 39 5.40 -7.39 -2.46
N VAL A 40 5.50 -8.68 -2.60
CA VAL A 40 6.28 -9.24 -3.70
C VAL A 40 5.39 -10.26 -4.39
N MET A 41 5.37 -10.20 -5.75
CA MET A 41 4.62 -11.17 -6.53
C MET A 41 5.66 -11.95 -7.32
N GLN A 42 5.50 -13.26 -7.32
CA GLN A 42 6.23 -14.12 -8.25
C GLN A 42 5.22 -14.74 -9.20
N VAL A 43 5.54 -14.84 -10.49
CA VAL A 43 4.55 -15.33 -11.42
C VAL A 43 5.25 -16.28 -12.42
N LYS A 44 4.48 -17.27 -12.86
CA LYS A 44 4.91 -18.21 -13.86
C LYS A 44 4.38 -17.76 -15.23
N ILE A 45 5.28 -17.74 -16.23
CA ILE A 45 4.96 -17.39 -17.59
C ILE A 45 5.36 -18.57 -18.46
N GLN A 46 4.43 -19.20 -19.19
CA GLN A 46 4.86 -20.19 -20.18
C GLN A 46 4.58 -19.63 -21.58
N ILE A 47 5.47 -19.96 -22.50
CA ILE A 47 5.33 -19.56 -23.88
C ILE A 47 5.64 -20.78 -24.75
N ARG A 48 4.99 -20.83 -25.91
CA ARG A 48 5.26 -21.83 -26.93
C ARG A 48 6.25 -21.21 -27.92
N SER A 49 7.43 -21.78 -28.04
CA SER A 49 8.50 -21.17 -28.82
C SER A 49 8.29 -21.43 -30.31
N SER A 50 9.14 -20.80 -31.15
CA SER A 50 9.14 -20.96 -32.60
C SER A 50 9.32 -22.42 -33.00
N ASP A 51 10.21 -23.13 -32.28
CA ASP A 51 10.49 -24.53 -32.54
C ASP A 51 9.33 -25.44 -32.11
N GLY A 52 8.30 -24.92 -31.44
CA GLY A 52 7.17 -25.73 -31.01
C GLY A 52 7.28 -26.20 -29.56
N LYS A 53 8.42 -25.90 -28.91
CA LYS A 53 8.72 -26.32 -27.55
C LYS A 53 8.04 -25.36 -26.56
N LEU A 54 7.46 -25.92 -25.49
CA LEU A 54 6.89 -25.11 -24.42
C LEU A 54 7.98 -24.78 -23.40
N ARG A 55 8.10 -23.50 -23.05
CA ARG A 55 9.11 -23.08 -22.10
C ARG A 55 8.47 -22.27 -20.98
N THR A 56 8.97 -22.48 -19.77
CA THR A 56 8.43 -21.82 -18.57
C THR A 56 9.48 -20.89 -17.96
N PHE A 57 9.06 -19.64 -17.62
CA PHE A 57 9.94 -18.65 -17.03
C PHE A 57 9.29 -18.09 -15.77
N ILE A 58 10.11 -17.70 -14.81
CA ILE A 58 9.61 -17.08 -13.58
C ILE A 58 9.96 -15.59 -13.58
N GLY A 59 9.02 -14.74 -13.09
CA GLY A 59 9.31 -13.33 -12.92
C GLY A 59 8.78 -12.83 -11.57
N TRP A 60 9.26 -11.64 -11.17
CA TRP A 60 8.82 -10.98 -9.96
C TRP A 60 8.43 -9.52 -10.19
N ARG A 61 7.57 -9.01 -9.28
CA ARG A 61 7.39 -7.60 -9.09
C ARG A 61 7.44 -7.34 -7.57
N SER A 62 8.45 -6.56 -7.14
CA SER A 62 8.63 -6.24 -5.75
C SER A 62 8.15 -4.82 -5.54
N GLN A 63 7.30 -4.67 -4.54
CA GLN A 63 6.68 -3.39 -4.21
C GLN A 63 7.18 -3.10 -2.79
N HIS A 64 8.27 -2.32 -2.69
CA HIS A 64 9.08 -2.30 -1.48
C HIS A 64 8.40 -1.42 -0.45
N ASN A 65 8.06 -0.19 -0.89
CA ASN A 65 7.62 0.85 0.01
C ASN A 65 6.75 1.86 -0.75
N SER A 66 5.58 2.21 -0.19
CA SER A 66 4.64 3.14 -0.83
C SER A 66 4.23 4.27 0.14
N ALA A 67 5.09 4.57 1.14
CA ALA A 67 4.83 5.67 2.07
C ALA A 67 4.60 6.99 1.31
N LEU A 68 5.31 7.16 0.18
CA LEU A 68 5.44 8.48 -0.47
C LEU A 68 4.69 8.50 -1.78
N GLY A 69 4.00 7.41 -2.10
CA GLY A 69 3.22 7.37 -3.33
C GLY A 69 3.21 5.96 -3.94
N PRO A 70 2.63 5.82 -5.14
CA PRO A 70 2.61 4.53 -5.83
C PRO A 70 4.02 4.04 -6.12
N TYR A 71 4.13 2.72 -6.19
CA TYR A 71 5.43 2.09 -6.48
C TYR A 71 5.87 2.50 -7.89
N LYS A 72 7.18 2.77 -8.03
CA LYS A 72 7.79 3.14 -9.31
C LYS A 72 9.12 2.42 -9.51
N GLY A 73 9.33 1.85 -10.72
CA GLY A 73 10.62 1.27 -11.05
C GLY A 73 10.56 0.35 -12.26
N GLY A 74 11.73 0.04 -12.81
CA GLY A 74 11.83 -0.65 -14.08
C GLY A 74 11.65 -2.17 -13.99
N VAL A 75 11.76 -2.82 -15.16
CA VAL A 75 11.70 -4.27 -15.21
C VAL A 75 12.91 -4.76 -16.03
N ARG A 76 13.66 -5.70 -15.46
CA ARG A 76 14.85 -6.26 -16.16
C ARG A 76 14.68 -7.68 -16.57
N TYR A 77 15.26 -8.00 -17.75
CA TYR A 77 15.24 -9.37 -18.21
C TYR A 77 16.70 -9.85 -18.23
N GLY A 78 16.91 -10.99 -17.63
CA GLY A 78 18.27 -11.52 -17.56
C GLY A 78 18.31 -12.92 -16.98
N PRO A 79 19.30 -13.76 -17.41
CA PRO A 79 19.31 -15.18 -17.04
C PRO A 79 19.71 -15.44 -15.58
N ASN A 80 20.27 -14.43 -14.89
CA ASN A 80 20.63 -14.54 -13.48
C ASN A 80 19.71 -13.75 -12.55
N VAL A 81 18.59 -13.22 -13.06
CA VAL A 81 17.64 -12.54 -12.20
C VAL A 81 17.07 -13.49 -11.15
N THR A 82 16.95 -13.01 -9.92
CA THR A 82 16.37 -13.78 -8.83
C THR A 82 15.43 -12.88 -8.07
N GLN A 83 14.59 -13.48 -7.23
CA GLN A 83 13.66 -12.77 -6.34
C GLN A 83 14.39 -11.71 -5.50
N ASP A 84 15.42 -12.13 -4.76
CA ASP A 84 16.09 -11.17 -3.88
C ASP A 84 16.79 -10.04 -4.63
N GLU A 85 17.22 -10.28 -5.87
CA GLU A 85 17.76 -9.21 -6.66
C GLU A 85 16.67 -8.15 -6.94
N VAL A 86 15.50 -8.66 -7.30
CA VAL A 86 14.44 -7.73 -7.68
C VAL A 86 13.99 -6.93 -6.43
N ILE A 87 13.91 -7.62 -5.31
CA ILE A 87 13.56 -6.96 -4.04
C ILE A 87 14.60 -5.86 -3.76
N ALA A 88 15.87 -6.20 -3.77
CA ALA A 88 16.93 -5.22 -3.51
C ALA A 88 16.86 -4.01 -4.42
N LEU A 89 16.70 -4.25 -5.74
CA LEU A 89 16.54 -3.16 -6.69
C LEU A 89 15.34 -2.29 -6.32
N SER A 90 14.20 -2.89 -5.92
CA SER A 90 13.04 -2.10 -5.49
C SER A 90 13.36 -1.20 -4.29
N MET A 91 14.28 -1.61 -3.39
CA MET A 91 14.63 -0.82 -2.21
C MET A 91 15.42 0.42 -2.63
N ILE A 92 16.25 0.27 -3.66
CA ILE A 92 17.06 1.38 -4.15
C ILE A 92 16.13 2.42 -4.76
N MET A 93 15.07 1.95 -5.41
CA MET A 93 14.07 2.85 -6.00
C MET A 93 13.35 3.65 -4.91
N THR A 94 13.04 3.03 -3.77
CA THR A 94 12.40 3.76 -2.68
C THR A 94 13.27 4.97 -2.31
N TRP A 95 14.54 4.74 -2.07
CA TRP A 95 15.47 5.76 -1.61
C TRP A 95 15.69 6.84 -2.67
N LYS A 96 15.87 6.44 -3.94
CA LYS A 96 16.07 7.37 -5.05
C LYS A 96 14.88 8.31 -5.16
N ASN A 97 13.66 7.74 -5.08
CA ASN A 97 12.44 8.49 -5.33
C ASN A 97 12.22 9.46 -4.19
N SER A 98 12.56 9.02 -2.97
CA SER A 98 12.47 9.86 -1.80
C SER A 98 13.46 11.04 -1.93
N LEU A 99 14.72 10.73 -2.24
CA LEU A 99 15.79 11.73 -2.34
C LEU A 99 15.39 12.82 -3.32
N LEU A 100 14.82 12.43 -4.48
CA LEU A 100 14.47 13.37 -5.52
C LEU A 100 13.11 14.01 -5.30
N LEU A 101 12.50 13.75 -4.13
CA LEU A 101 11.20 14.30 -3.72
C LEU A 101 10.11 14.00 -4.74
N LEU A 102 10.16 12.82 -5.33
CA LEU A 102 9.14 12.35 -6.25
C LEU A 102 7.98 11.76 -5.45
N PRO A 103 6.72 11.89 -5.95
CA PRO A 103 5.55 11.32 -5.26
C PRO A 103 5.39 9.84 -5.58
N TYR A 104 6.47 9.08 -5.35
CA TYR A 104 6.61 7.68 -5.75
C TYR A 104 7.26 6.88 -4.63
N GLY A 105 6.73 5.66 -4.32
CA GLY A 105 7.50 4.64 -3.65
C GLY A 105 8.41 3.85 -4.60
N GLY A 106 9.00 2.77 -4.08
CA GLY A 106 9.94 1.94 -4.82
C GLY A 106 9.31 0.62 -5.28
N GLY A 107 9.49 0.34 -6.57
CA GLY A 107 9.07 -0.93 -7.12
C GLY A 107 10.12 -1.41 -8.12
N LYS A 108 10.09 -2.69 -8.43
CA LYS A 108 10.99 -3.22 -9.45
C LYS A 108 10.47 -4.56 -9.94
N GLY A 109 10.86 -4.94 -11.17
CA GLY A 109 10.49 -6.24 -11.67
C GLY A 109 11.66 -6.88 -12.40
N GLY A 110 11.54 -8.19 -12.56
CA GLY A 110 12.54 -8.98 -13.31
C GLY A 110 11.97 -10.28 -13.84
N ILE A 111 12.45 -10.71 -15.02
CA ILE A 111 12.14 -12.05 -15.44
C ILE A 111 13.48 -12.78 -15.61
N ARG A 112 13.52 -14.02 -15.18
CA ARG A 112 14.68 -14.88 -15.25
C ARG A 112 14.65 -15.60 -16.61
N VAL A 113 15.36 -15.01 -17.55
CA VAL A 113 15.31 -15.41 -18.97
C VAL A 113 16.53 -14.80 -19.64
N ASP A 114 17.05 -15.48 -20.68
CA ASP A 114 18.04 -14.87 -21.55
C ASP A 114 17.36 -14.31 -22.79
N PRO A 115 17.11 -12.97 -22.84
CA PRO A 115 16.30 -12.40 -23.92
C PRO A 115 17.00 -12.49 -25.27
N LYS A 116 18.34 -12.65 -25.24
CA LYS A 116 19.12 -12.71 -26.46
C LYS A 116 18.86 -14.03 -27.18
N LYS A 117 18.24 -15.00 -26.49
CA LYS A 117 17.98 -16.32 -27.05
C LYS A 117 16.52 -16.51 -27.46
N LEU A 118 15.71 -15.44 -27.36
CA LEU A 118 14.31 -15.51 -27.74
C LEU A 118 14.14 -14.68 -29.01
N THR A 119 13.15 -15.07 -29.78
CA THR A 119 12.72 -14.23 -30.92
C THR A 119 11.93 -13.00 -30.43
N LEU A 120 11.73 -12.01 -31.31
CA LEU A 120 10.95 -10.83 -30.96
C LEU A 120 9.52 -11.22 -30.56
N LYS A 121 8.98 -12.23 -31.28
CA LYS A 121 7.62 -12.71 -31.03
C LYS A 121 7.53 -13.35 -29.64
N GLU A 122 8.55 -14.11 -29.27
CA GLU A 122 8.63 -14.71 -27.95
C GLU A 122 8.72 -13.65 -26.86
N LEU A 123 9.54 -12.61 -27.09
CA LEU A 123 9.76 -11.60 -26.10
C LEU A 123 8.49 -10.80 -25.89
N GLU A 124 7.72 -10.63 -26.96
CA GLU A 124 6.46 -9.92 -26.89
C GLU A 124 5.48 -10.71 -26.03
N ASP A 125 5.42 -12.01 -26.29
CA ASP A 125 4.50 -12.89 -25.60
C ASP A 125 4.88 -12.95 -24.11
N LEU A 126 6.19 -13.06 -23.85
CA LEU A 126 6.71 -12.99 -22.48
C LEU A 126 6.25 -11.69 -21.78
N SER A 127 6.42 -10.55 -22.49
CA SER A 127 6.15 -9.25 -21.90
C SER A 127 4.67 -9.11 -21.57
N ARG A 128 3.82 -9.49 -22.51
CA ARG A 128 2.38 -9.40 -22.29
C ARG A 128 1.92 -10.22 -21.10
N LYS A 129 2.46 -11.42 -20.95
CA LYS A 129 2.01 -12.34 -19.93
C LYS A 129 2.47 -11.87 -18.56
N TYR A 130 3.66 -11.23 -18.51
CA TYR A 130 4.15 -10.68 -17.26
C TYR A 130 3.14 -9.65 -16.77
N VAL A 131 2.75 -8.71 -17.65
CA VAL A 131 1.75 -7.71 -17.25
C VAL A 131 0.44 -8.39 -16.83
N GLN A 132 -0.01 -9.35 -17.62
CA GLN A 132 -1.27 -10.01 -17.35
C GLN A 132 -1.28 -10.60 -15.94
N LEU A 133 -0.18 -11.25 -15.52
CA LEU A 133 -0.20 -12.00 -14.25
C LEU A 133 -0.15 -11.12 -13.00
N ILE A 134 0.33 -9.87 -13.09
CA ILE A 134 0.48 -9.02 -11.94
C ILE A 134 -0.50 -7.81 -12.00
N HIS A 135 -1.27 -7.67 -13.09
CA HIS A 135 -1.94 -6.41 -13.34
C HIS A 135 -2.90 -5.92 -12.25
N LYS A 136 -3.44 -6.80 -11.38
CA LYS A 136 -4.30 -6.35 -10.30
C LYS A 136 -3.56 -5.47 -9.31
N TYR A 137 -2.22 -5.51 -9.32
CA TYR A 137 -1.35 -4.69 -8.47
C TYR A 137 -0.49 -3.74 -9.30
N LEU A 138 -0.93 -3.44 -10.53
CA LEU A 138 -0.43 -2.30 -11.31
C LEU A 138 -1.52 -1.22 -11.49
N GLY A 139 -1.10 0.01 -11.81
CA GLY A 139 -2.00 1.08 -12.17
C GLY A 139 -1.20 2.35 -12.16
N SER A 140 -1.72 3.40 -12.79
CA SER A 140 -0.99 4.67 -12.89
C SER A 140 -0.97 5.41 -11.55
N ASP A 141 -1.76 4.93 -10.60
CA ASP A 141 -1.74 5.38 -9.22
C ASP A 141 -1.56 4.22 -8.24
N VAL A 142 -0.90 3.14 -8.68
CA VAL A 142 -0.63 1.99 -7.83
C VAL A 142 0.83 1.54 -7.96
N ASP A 143 1.25 1.25 -9.20
CA ASP A 143 2.60 0.79 -9.48
C ASP A 143 2.85 0.98 -10.97
N ILE A 144 3.80 1.87 -11.29
CA ILE A 144 4.09 2.30 -12.65
C ILE A 144 5.45 1.74 -13.12
N PRO A 145 5.50 0.64 -13.85
CA PRO A 145 6.80 0.18 -14.38
C PRO A 145 7.43 1.03 -15.50
N ALA A 146 8.57 0.52 -15.99
CA ALA A 146 9.49 1.25 -16.85
C ALA A 146 10.56 0.26 -17.34
N PRO A 147 11.50 0.69 -18.22
CA PRO A 147 12.64 -0.15 -18.63
C PRO A 147 13.73 -0.36 -17.56
N ASP A 148 14.62 -1.31 -17.83
CA ASP A 148 15.82 -1.54 -17.08
C ASP A 148 16.67 -2.42 -17.97
N ILE A 149 17.54 -3.27 -17.42
CA ILE A 149 18.40 -4.05 -18.33
C ILE A 149 17.55 -4.91 -19.24
N ASN A 150 17.88 -4.89 -20.55
CA ASN A 150 17.28 -5.69 -21.59
C ASN A 150 15.81 -5.36 -21.86
N THR A 151 15.27 -4.26 -21.32
CA THR A 151 13.96 -3.79 -21.77
C THR A 151 14.13 -2.35 -22.24
N ASN A 152 13.11 -1.81 -22.94
CA ASN A 152 13.31 -0.65 -23.78
C ASN A 152 11.92 -0.13 -24.16
N PRO A 153 11.82 0.99 -24.88
CA PRO A 153 10.50 1.50 -25.27
C PRO A 153 9.59 0.50 -26.00
N GLN A 154 10.19 -0.41 -26.81
CA GLN A 154 9.43 -1.44 -27.47
C GLN A 154 8.77 -2.37 -26.46
N THR A 155 9.53 -2.79 -25.41
CA THR A 155 8.93 -3.57 -24.33
C THR A 155 7.74 -2.81 -23.71
N MET A 156 7.95 -1.53 -23.47
CA MET A 156 6.90 -0.72 -22.81
C MET A 156 5.68 -0.60 -23.72
N ALA A 157 5.87 -0.62 -25.07
CA ALA A 157 4.70 -0.52 -25.95
C ALA A 157 3.88 -1.80 -25.79
N TRP A 158 4.56 -2.95 -25.64
CA TRP A 158 3.84 -4.22 -25.49
C TRP A 158 3.11 -4.26 -24.16
N PHE A 159 3.80 -3.84 -23.11
CA PHE A 159 3.26 -3.77 -21.76
C PHE A 159 2.00 -2.92 -21.81
N LEU A 160 2.11 -1.73 -22.40
CA LEU A 160 0.96 -0.82 -22.45
C LEU A 160 -0.18 -1.47 -23.23
N ASP A 161 0.12 -2.03 -24.41
CA ASP A 161 -0.95 -2.54 -25.24
C ASP A 161 -1.67 -3.67 -24.51
N GLU A 162 -0.95 -4.49 -23.77
CA GLU A 162 -1.60 -5.57 -23.05
C GLU A 162 -2.47 -5.02 -21.90
N TYR A 163 -2.01 -3.95 -21.28
CA TYR A 163 -2.77 -3.36 -20.16
C TYR A 163 -4.08 -2.76 -20.71
N ILE A 164 -4.00 -2.12 -21.88
CA ILE A 164 -5.19 -1.56 -22.52
C ILE A 164 -6.16 -2.69 -22.87
N LYS A 165 -5.63 -3.80 -23.40
CA LYS A 165 -6.41 -4.98 -23.74
C LYS A 165 -7.16 -5.50 -22.52
N ILE A 166 -6.48 -5.54 -21.37
CA ILE A 166 -7.01 -6.15 -20.17
C ILE A 166 -8.04 -5.22 -19.54
N THR A 167 -7.71 -3.93 -19.40
CA THR A 167 -8.51 -3.02 -18.58
C THR A 167 -9.51 -2.21 -19.37
N GLY A 168 -9.29 -2.12 -20.69
CA GLY A 168 -10.12 -1.28 -21.52
C GLY A 168 -9.77 0.21 -21.44
N LYS A 169 -8.74 0.59 -20.69
CA LYS A 169 -8.45 2.00 -20.41
C LYS A 169 -7.17 2.42 -21.11
N VAL A 170 -7.25 3.48 -21.93
CA VAL A 170 -6.06 3.96 -22.61
C VAL A 170 -5.34 4.88 -21.64
N ASP A 171 -4.69 4.26 -20.65
CA ASP A 171 -4.08 5.03 -19.56
C ASP A 171 -2.58 5.06 -19.85
N PHE A 172 -2.15 6.12 -20.54
CA PHE A 172 -0.74 6.26 -20.89
C PHE A 172 0.21 6.20 -19.68
N ALA A 173 -0.27 6.63 -18.53
CA ALA A 173 0.56 6.85 -17.36
C ALA A 173 0.90 5.55 -16.63
N VAL A 174 0.38 4.38 -17.06
CA VAL A 174 0.66 3.15 -16.34
C VAL A 174 2.09 2.66 -16.56
N PHE A 175 2.77 3.08 -17.68
CA PHE A 175 4.15 2.69 -17.97
C PHE A 175 4.89 3.95 -18.41
N THR A 176 6.15 4.05 -18.03
CA THR A 176 7.04 5.09 -18.54
C THR A 176 8.14 4.45 -19.36
N GLY A 177 9.05 5.28 -19.93
CA GLY A 177 9.91 4.87 -21.02
C GLY A 177 9.16 4.45 -22.28
N LYS A 178 7.95 4.99 -22.50
CA LYS A 178 7.17 4.64 -23.68
C LYS A 178 7.73 5.32 -24.92
N PRO A 179 7.54 4.76 -26.14
CA PRO A 179 7.82 5.52 -27.35
C PRO A 179 7.06 6.86 -27.32
N SER A 180 7.70 7.90 -27.84
CA SER A 180 7.09 9.22 -27.89
C SER A 180 5.80 9.27 -28.71
N GLU A 181 5.56 8.35 -29.66
CA GLU A 181 4.29 8.37 -30.38
C GLU A 181 3.19 7.62 -29.62
N LEU A 182 3.54 6.95 -28.51
CA LEU A 182 2.55 6.36 -27.61
C LEU A 182 2.61 7.02 -26.23
N GLY A 183 2.77 8.34 -26.20
CA GLY A 183 2.61 9.08 -24.96
C GLY A 183 3.92 9.22 -24.17
N GLY A 184 5.05 8.81 -24.77
CA GLY A 184 6.36 8.98 -24.16
C GLY A 184 6.89 10.38 -24.47
N ILE A 185 8.11 10.66 -24.01
CA ILE A 185 8.81 11.91 -24.29
C ILE A 185 10.19 11.58 -24.81
N GLY A 186 10.59 12.24 -25.91
CA GLY A 186 11.88 11.98 -26.53
C GLY A 186 13.05 12.00 -25.54
N VAL A 187 13.04 12.94 -24.60
CA VAL A 187 14.16 13.07 -23.63
C VAL A 187 14.37 11.84 -22.73
N ARG A 188 13.32 11.09 -22.48
CA ARG A 188 13.43 9.93 -21.60
C ARG A 188 14.40 8.85 -22.12
N LEU A 189 14.53 8.77 -23.43
CA LEU A 189 15.45 7.79 -24.01
C LEU A 189 16.86 7.96 -23.49
N TYR A 190 17.31 9.19 -23.41
CA TYR A 190 18.67 9.46 -22.98
C TYR A 190 18.76 10.20 -21.61
N SER A 191 17.66 10.28 -20.84
CA SER A 191 17.64 11.10 -19.63
C SER A 191 18.50 10.50 -18.51
N THR A 192 18.65 9.16 -18.42
CA THR A 192 19.54 8.62 -17.41
C THR A 192 20.99 9.06 -17.67
N GLY A 193 21.49 8.82 -18.88
CA GLY A 193 22.85 9.19 -19.21
C GLY A 193 23.08 10.69 -19.22
N LEU A 194 22.05 11.48 -19.57
CA LEU A 194 22.20 12.93 -19.49
C LEU A 194 22.40 13.31 -18.03
N GLY A 195 21.66 12.66 -17.13
CA GLY A 195 21.77 12.90 -15.69
C GLY A 195 23.11 12.43 -15.14
N VAL A 196 23.63 11.29 -15.66
CA VAL A 196 24.89 10.78 -15.09
C VAL A 196 26.00 11.74 -15.56
N ALA A 197 25.94 12.16 -16.82
CA ALA A 197 26.94 13.08 -17.36
C ALA A 197 26.95 14.41 -16.64
N THR A 198 25.73 14.95 -16.43
CA THR A 198 25.52 16.23 -15.77
C THR A 198 26.11 16.19 -14.37
N ILE A 199 25.73 15.15 -13.64
CA ILE A 199 26.20 14.97 -12.27
C ILE A 199 27.70 14.68 -12.23
N ALA A 200 28.23 13.90 -13.18
CA ALA A 200 29.65 13.59 -13.20
C ALA A 200 30.44 14.90 -13.41
N ARG A 201 29.89 15.76 -14.27
CA ARG A 201 30.60 16.98 -14.59
C ARG A 201 30.62 17.91 -13.37
N ASP A 202 29.44 18.09 -12.75
CA ASP A 202 29.26 18.89 -11.56
C ASP A 202 30.16 18.34 -10.46
N ALA A 203 30.14 17.02 -10.25
CA ALA A 203 30.96 16.37 -9.23
C ALA A 203 32.44 16.60 -9.48
N ALA A 204 32.86 16.52 -10.76
CA ALA A 204 34.27 16.66 -11.12
C ALA A 204 34.73 18.09 -10.91
N ASN A 205 33.88 19.05 -11.25
CA ASN A 205 34.18 20.44 -10.96
C ASN A 205 34.30 20.65 -9.44
N LYS A 206 33.48 20.01 -8.63
CA LYS A 206 33.50 20.31 -7.20
C LYS A 206 34.64 19.57 -6.50
N PHE A 207 35.14 18.46 -7.07
CA PHE A 207 35.86 17.48 -6.26
C PHE A 207 37.19 17.02 -6.86
N ILE A 208 37.46 17.18 -8.16
CA ILE A 208 38.72 16.66 -8.71
C ILE A 208 39.42 17.64 -9.65
N GLY A 209 38.93 18.87 -9.76
CA GLY A 209 39.60 19.85 -10.60
C GLY A 209 38.92 20.13 -11.94
N GLY A 210 37.83 19.42 -12.27
CA GLY A 210 37.05 19.72 -13.46
C GLY A 210 36.94 18.53 -14.40
N ILE A 211 35.99 18.60 -15.34
CA ILE A 211 35.64 17.46 -16.20
C ILE A 211 36.50 17.47 -17.47
N GLU A 212 36.95 18.67 -17.86
CA GLU A 212 37.60 18.83 -19.15
C GLU A 212 38.94 18.10 -19.15
N GLY A 213 39.08 17.12 -20.07
CA GLY A 213 40.26 16.27 -20.16
C GLY A 213 40.31 15.18 -19.11
N SER A 214 39.31 15.13 -18.21
CA SER A 214 39.23 14.07 -17.24
C SER A 214 39.16 12.73 -17.98
N ARG A 215 39.90 11.72 -17.54
CA ARG A 215 39.88 10.41 -18.18
C ARG A 215 38.80 9.54 -17.52
N VAL A 216 37.90 9.00 -18.33
CA VAL A 216 36.67 8.36 -17.86
C VAL A 216 36.63 6.92 -18.37
N ILE A 217 36.35 6.01 -17.45
CA ILE A 217 36.11 4.62 -17.76
C ILE A 217 34.66 4.31 -17.39
N ILE A 218 33.92 3.74 -18.35
CA ILE A 218 32.51 3.41 -18.20
C ILE A 218 32.35 1.92 -18.43
N GLN A 219 31.73 1.24 -17.44
CA GLN A 219 31.41 -0.18 -17.54
C GLN A 219 29.96 -0.34 -17.98
N GLY A 220 29.76 -0.98 -19.15
CA GLY A 220 28.44 -1.04 -19.74
C GLY A 220 28.28 0.00 -20.83
N PHE A 221 27.56 -0.39 -21.89
CA PHE A 221 27.43 0.50 -23.04
C PHE A 221 26.04 0.42 -23.64
N GLY A 222 25.02 0.24 -22.80
CA GLY A 222 23.67 0.28 -23.30
C GLY A 222 23.00 1.64 -23.09
N ASN A 223 21.77 1.57 -22.65
CA ASN A 223 20.98 2.81 -22.52
C ASN A 223 21.69 3.84 -21.64
N VAL A 224 22.18 3.42 -20.45
CA VAL A 224 22.88 4.32 -19.55
C VAL A 224 24.30 4.60 -20.06
N GLY A 225 25.07 3.53 -20.31
CA GLY A 225 26.48 3.66 -20.63
C GLY A 225 26.77 4.39 -21.94
N PHE A 226 26.00 4.10 -22.99
CA PHE A 226 26.22 4.80 -24.25
C PHE A 226 25.96 6.30 -24.09
N PHE A 227 24.80 6.67 -23.54
CA PHE A 227 24.44 8.08 -23.46
C PHE A 227 25.33 8.83 -22.49
N THR A 228 25.77 8.13 -21.41
CA THR A 228 26.71 8.74 -20.50
C THR A 228 28.00 9.09 -21.24
N ALA A 229 28.54 8.13 -22.01
CA ALA A 229 29.73 8.35 -22.82
C ALA A 229 29.53 9.49 -23.82
N LYS A 230 28.43 9.45 -24.53
CA LYS A 230 28.18 10.46 -25.55
C LYS A 230 28.20 11.85 -24.93
N PHE A 231 27.41 12.07 -23.88
CA PHE A 231 27.29 13.40 -23.31
C PHE A 231 28.60 13.82 -22.64
N LEU A 232 29.28 12.90 -21.91
CA LEU A 232 30.54 13.27 -21.30
C LEU A 232 31.56 13.65 -22.38
N SER A 233 31.55 12.95 -23.53
CA SER A 233 32.42 13.29 -24.64
C SER A 233 32.15 14.72 -25.11
N GLU A 234 30.88 15.07 -25.27
CA GLU A 234 30.48 16.40 -25.67
C GLU A 234 30.91 17.44 -24.62
N MET A 235 31.01 17.06 -23.34
CA MET A 235 31.34 17.98 -22.28
C MET A 235 32.86 18.19 -22.14
N GLY A 236 33.64 17.49 -22.98
CA GLY A 236 35.08 17.62 -22.97
C GLY A 236 35.81 16.59 -22.11
N ALA A 237 35.15 15.54 -21.58
CA ALA A 237 35.90 14.46 -20.97
C ALA A 237 36.51 13.58 -22.06
N LYS A 238 37.50 12.80 -21.67
CA LYS A 238 38.11 11.82 -22.55
C LYS A 238 37.65 10.44 -22.10
N ILE A 239 36.90 9.76 -22.98
CA ILE A 239 36.43 8.41 -22.66
C ILE A 239 37.56 7.44 -23.01
N ILE A 240 38.22 6.85 -22.00
CA ILE A 240 39.38 6.00 -22.23
C ILE A 240 39.04 4.53 -22.02
N GLY A 241 37.81 4.24 -21.67
CA GLY A 241 37.45 2.86 -21.44
C GLY A 241 35.95 2.69 -21.52
N VAL A 242 35.56 1.63 -22.20
CA VAL A 242 34.17 1.22 -22.28
C VAL A 242 34.13 -0.30 -22.23
N SER A 243 33.01 -0.85 -21.82
CA SER A 243 32.86 -2.30 -21.83
C SER A 243 31.39 -2.67 -21.92
N ASP A 244 31.18 -3.97 -22.18
CA ASP A 244 29.86 -4.57 -22.10
C ASP A 244 30.05 -6.03 -21.70
N ILE A 245 29.01 -6.85 -21.82
CA ILE A 245 29.07 -8.24 -21.38
C ILE A 245 30.14 -9.03 -22.15
N GLY A 246 30.52 -8.57 -23.35
CA GLY A 246 31.53 -9.23 -24.16
C GLY A 246 32.96 -8.86 -23.78
N GLY A 247 33.14 -7.94 -22.82
CA GLY A 247 34.44 -7.44 -22.40
C GLY A 247 34.62 -5.96 -22.66
N GLY A 248 35.83 -5.46 -22.45
CA GLY A 248 36.12 -4.05 -22.57
C GLY A 248 37.32 -3.70 -23.43
N VAL A 249 37.45 -2.38 -23.60
CA VAL A 249 38.53 -1.78 -24.37
C VAL A 249 39.02 -0.55 -23.65
N ILE A 250 40.36 -0.41 -23.58
CA ILE A 250 41.01 0.72 -22.97
C ILE A 250 41.84 1.38 -24.07
N ASN A 251 41.63 2.69 -24.26
CA ASN A 251 42.48 3.43 -25.17
C ASN A 251 42.75 4.82 -24.57
N GLU A 252 44.00 5.06 -24.14
CA GLU A 252 44.36 6.33 -23.50
C GLU A 252 44.29 7.50 -24.49
N ASN A 253 44.13 7.23 -25.78
CA ASN A 253 43.98 8.29 -26.79
C ASN A 253 42.52 8.76 -26.88
N GLY A 254 41.62 8.00 -26.26
CA GLY A 254 40.20 8.28 -26.38
C GLY A 254 39.46 7.29 -27.27
N ILE A 255 38.23 6.98 -26.87
CA ILE A 255 37.36 6.12 -27.65
C ILE A 255 36.38 7.01 -28.40
N ASP A 256 36.21 6.70 -29.69
CA ASP A 256 35.20 7.31 -30.53
C ASP A 256 33.86 6.63 -30.20
N VAL A 257 33.01 7.35 -29.43
CA VAL A 257 31.81 6.78 -28.84
C VAL A 257 30.80 6.29 -29.89
N ASN A 258 30.53 7.10 -30.91
CA ASN A 258 29.60 6.67 -31.95
C ASN A 258 30.14 5.46 -32.75
N ARG A 259 31.42 5.45 -32.99
CA ARG A 259 32.04 4.29 -33.67
C ARG A 259 31.90 3.05 -32.83
N ALA A 260 32.10 3.18 -31.52
CA ALA A 260 31.90 2.06 -30.64
C ALA A 260 30.50 1.51 -30.69
N LEU A 261 29.48 2.40 -30.75
CA LEU A 261 28.11 1.90 -30.87
C LEU A 261 27.91 1.16 -32.20
N GLU A 262 28.51 1.64 -33.29
CA GLU A 262 28.42 0.96 -34.58
C GLU A 262 29.09 -0.42 -34.52
N VAL A 263 30.16 -0.55 -33.71
CA VAL A 263 30.80 -1.84 -33.49
C VAL A 263 29.84 -2.77 -32.76
N VAL A 264 29.10 -2.25 -31.77
CA VAL A 264 28.15 -3.13 -31.10
C VAL A 264 27.07 -3.56 -32.09
N GLN A 265 26.53 -2.61 -32.84
CA GLN A 265 25.47 -2.88 -33.80
C GLN A 265 25.91 -3.97 -34.79
N SER A 266 27.12 -3.87 -35.35
CA SER A 266 27.49 -4.85 -36.36
C SER A 266 28.04 -6.16 -35.76
N THR A 267 28.62 -6.15 -34.55
CA THR A 267 29.34 -7.32 -34.06
C THR A 267 28.74 -7.90 -32.79
N GLY A 268 27.86 -7.16 -32.09
CA GLY A 268 27.29 -7.62 -30.82
C GLY A 268 28.09 -7.27 -29.56
N SER A 269 29.33 -6.72 -29.66
CA SER A 269 30.05 -6.29 -28.46
C SER A 269 31.07 -5.19 -28.78
N VAL A 270 31.20 -4.24 -27.85
CA VAL A 270 32.21 -3.19 -27.90
C VAL A 270 33.63 -3.76 -27.82
N VAL A 271 33.77 -5.03 -27.39
CA VAL A 271 35.08 -5.63 -27.24
C VAL A 271 35.77 -5.76 -28.60
N ASN A 272 35.00 -5.62 -29.69
CA ASN A 272 35.52 -5.82 -31.03
C ASN A 272 36.05 -4.51 -31.62
N TYR A 273 36.07 -3.45 -30.81
CA TYR A 273 36.63 -2.16 -31.22
C TYR A 273 38.13 -2.34 -31.46
N LEU A 274 38.56 -1.98 -32.69
CA LEU A 274 39.86 -2.42 -33.20
C LEU A 274 41.00 -1.68 -32.52
N GLU A 275 40.87 -0.37 -32.30
CA GLU A 275 41.98 0.42 -31.77
C GLU A 275 41.89 0.57 -30.24
N GLY A 276 42.61 -0.29 -29.53
CA GLY A 276 42.62 -0.25 -28.07
C GLY A 276 43.10 -1.56 -27.50
N LYS A 277 43.39 -1.58 -26.19
CA LYS A 277 43.73 -2.80 -25.50
C LYS A 277 42.44 -3.46 -25.04
N LYS A 278 42.17 -4.68 -25.51
CA LYS A 278 41.03 -5.45 -25.02
C LYS A 278 41.33 -5.95 -23.61
N VAL A 279 40.33 -5.90 -22.74
CA VAL A 279 40.50 -6.24 -21.32
C VAL A 279 39.26 -6.97 -20.83
N THR A 280 39.45 -7.67 -19.72
CA THR A 280 38.35 -8.20 -18.95
C THR A 280 37.65 -7.02 -18.28
N ASN A 281 36.39 -7.24 -17.97
CA ASN A 281 35.64 -6.27 -17.18
C ASN A 281 36.33 -6.04 -15.83
N GLU A 282 36.90 -7.12 -15.27
CA GLU A 282 37.62 -7.03 -14.01
C GLU A 282 38.79 -6.06 -14.14
N GLU A 283 39.55 -6.19 -15.22
CA GLU A 283 40.73 -5.35 -15.42
C GLU A 283 40.29 -3.92 -15.68
N LEU A 284 39.17 -3.76 -16.38
CA LEU A 284 38.71 -2.43 -16.78
C LEU A 284 38.41 -1.62 -15.52
N LEU A 285 37.74 -2.24 -14.53
CA LEU A 285 37.36 -1.54 -13.32
C LEU A 285 38.54 -1.05 -12.48
N ILE A 286 39.71 -1.70 -12.59
CA ILE A 286 40.86 -1.37 -11.76
C ILE A 286 41.94 -0.73 -12.64
N SER A 287 41.56 -0.26 -13.82
CA SER A 287 42.54 0.41 -14.65
C SER A 287 42.66 1.87 -14.26
N ASP A 288 43.78 2.48 -14.64
CA ASP A 288 43.99 3.89 -14.36
C ASP A 288 42.97 4.78 -15.05
N CYS A 289 42.39 5.70 -14.25
CA CYS A 289 41.48 6.74 -14.74
C CYS A 289 41.28 7.78 -13.66
N ASP A 290 40.62 8.88 -14.05
CA ASP A 290 40.20 9.92 -13.14
C ASP A 290 38.81 9.59 -12.58
N ILE A 291 37.87 9.25 -13.47
CA ILE A 291 36.49 8.95 -13.08
C ILE A 291 36.11 7.55 -13.56
N LEU A 292 35.47 6.77 -12.68
CA LEU A 292 34.98 5.44 -13.04
C LEU A 292 33.47 5.42 -12.85
N ILE A 293 32.76 4.97 -13.91
CA ILE A 293 31.31 4.96 -13.98
C ILE A 293 30.84 3.54 -14.28
N PRO A 294 30.59 2.74 -13.23
CA PRO A 294 29.84 1.49 -13.36
C PRO A 294 28.49 1.83 -13.97
N ALA A 295 28.16 1.23 -15.13
CA ALA A 295 26.90 1.48 -15.79
C ALA A 295 26.25 0.19 -16.31
N ALA A 296 26.52 -0.94 -15.64
CA ALA A 296 26.06 -2.23 -16.17
C ALA A 296 25.21 -2.95 -15.14
N VAL A 297 25.88 -3.64 -14.19
CA VAL A 297 25.21 -4.46 -13.20
C VAL A 297 25.71 -4.10 -11.80
N GLU A 298 25.07 -4.73 -10.81
CA GLU A 298 25.33 -4.51 -9.39
C GLU A 298 26.57 -5.29 -8.93
N ASN A 299 27.11 -4.90 -7.74
CA ASN A 299 28.13 -5.64 -7.01
C ASN A 299 29.39 -5.87 -7.86
N VAL A 300 29.74 -4.93 -8.77
CA VAL A 300 30.89 -5.11 -9.63
C VAL A 300 32.15 -4.69 -8.86
N ILE A 301 31.98 -3.87 -7.83
CA ILE A 301 33.08 -3.44 -7.00
C ILE A 301 32.79 -3.91 -5.58
N ASN A 302 33.70 -4.75 -5.07
CA ASN A 302 33.48 -5.47 -3.84
C ASN A 302 34.74 -5.35 -2.99
N LYS A 303 34.82 -6.15 -1.92
CA LYS A 303 35.94 -6.06 -0.99
C LYS A 303 37.24 -6.51 -1.64
N PHE A 304 37.16 -7.20 -2.78
CA PHE A 304 38.36 -7.72 -3.44
C PHE A 304 39.04 -6.67 -4.31
N ASN A 305 38.26 -6.00 -5.17
CA ASN A 305 38.79 -5.03 -6.11
C ASN A 305 38.64 -3.57 -5.63
N ALA A 306 37.86 -3.28 -4.56
CA ALA A 306 37.78 -1.91 -4.10
C ALA A 306 39.18 -1.35 -3.79
N PRO A 307 40.10 -2.12 -3.14
CA PRO A 307 41.45 -1.63 -2.84
C PRO A 307 42.31 -1.32 -4.07
N LYS A 308 41.96 -1.89 -5.24
CA LYS A 308 42.70 -1.72 -6.48
C LYS A 308 42.06 -0.70 -7.44
N VAL A 309 40.88 -0.14 -7.13
CA VAL A 309 40.32 0.90 -7.98
C VAL A 309 41.26 2.12 -7.94
N ARG A 310 41.53 2.69 -9.11
CA ARG A 310 42.49 3.79 -9.27
C ARG A 310 41.79 5.15 -9.47
N ALA A 311 40.48 5.14 -9.73
CA ALA A 311 39.72 6.38 -9.92
C ALA A 311 39.71 7.20 -8.63
N LYS A 312 39.69 8.53 -8.79
CA LYS A 312 39.53 9.44 -7.66
C LYS A 312 38.04 9.59 -7.36
N LEU A 313 37.23 9.46 -8.42
CA LEU A 313 35.81 9.73 -8.37
C LEU A 313 35.05 8.59 -9.01
N ILE A 314 34.13 7.98 -8.27
CA ILE A 314 33.18 7.05 -8.85
C ILE A 314 31.79 7.72 -8.95
N VAL A 315 31.17 7.57 -10.13
CA VAL A 315 29.79 8.01 -10.35
C VAL A 315 28.97 6.77 -10.76
N GLU A 316 27.97 6.42 -9.95
CA GLU A 316 27.20 5.19 -10.13
C GLU A 316 26.05 5.39 -11.14
N GLY A 317 26.22 4.90 -12.37
CA GLY A 317 25.13 4.89 -13.33
C GLY A 317 24.26 3.63 -13.13
N ALA A 318 24.90 2.50 -12.88
CA ALA A 318 24.19 1.26 -12.49
C ALA A 318 23.53 1.42 -11.12
N ASN A 319 22.53 0.58 -10.81
CA ASN A 319 22.03 0.43 -9.46
C ASN A 319 22.90 -0.56 -8.68
N GLY A 320 23.30 -0.11 -7.48
CA GLY A 320 24.04 -0.90 -6.52
C GLY A 320 25.32 -1.53 -7.06
N PRO A 321 26.20 -0.79 -7.75
CA PRO A 321 27.45 -1.38 -8.22
C PRO A 321 28.51 -1.64 -7.14
N LEU A 322 28.41 -0.96 -5.97
CA LEU A 322 29.35 -1.23 -4.88
C LEU A 322 28.66 -2.01 -3.77
N THR A 323 29.40 -2.99 -3.23
CA THR A 323 29.01 -3.70 -2.02
C THR A 323 29.19 -2.76 -0.82
N ALA A 324 28.59 -3.16 0.30
CA ALA A 324 28.74 -2.42 1.56
C ALA A 324 30.21 -2.37 2.01
N ASP A 325 30.98 -3.47 1.79
CA ASP A 325 32.39 -3.44 2.10
C ASP A 325 33.10 -2.41 1.22
N ALA A 326 32.75 -2.37 -0.08
CA ALA A 326 33.43 -1.48 -1.01
C ALA A 326 33.20 -0.03 -0.59
N ASP A 327 31.97 0.30 -0.18
CA ASP A 327 31.70 1.59 0.44
C ASP A 327 32.68 1.98 1.54
N GLU A 328 32.89 1.07 2.47
CA GLU A 328 33.80 1.36 3.59
C GLU A 328 35.23 1.55 3.12
N ILE A 329 35.66 0.73 2.16
CA ILE A 329 36.99 0.83 1.59
C ILE A 329 37.17 2.15 0.87
N MET A 330 36.19 2.56 0.03
CA MET A 330 36.35 3.85 -0.63
C MET A 330 36.44 4.98 0.39
N LYS A 331 35.58 4.94 1.42
CA LYS A 331 35.65 5.93 2.49
C LYS A 331 37.05 5.94 3.12
N GLN A 332 37.59 4.76 3.45
CA GLN A 332 38.90 4.68 4.08
C GLN A 332 40.00 5.18 3.14
N ARG A 333 39.78 5.03 1.82
CA ARG A 333 40.81 5.32 0.84
C ARG A 333 40.74 6.76 0.35
N GLY A 334 39.66 7.50 0.68
CA GLY A 334 39.51 8.87 0.18
C GLY A 334 39.01 8.91 -1.26
N VAL A 335 38.30 7.85 -1.70
CA VAL A 335 37.69 7.86 -3.03
C VAL A 335 36.26 8.37 -2.86
N ILE A 336 35.87 9.37 -3.66
CA ILE A 336 34.55 10.01 -3.60
C ILE A 336 33.60 9.20 -4.49
N VAL A 337 32.48 8.79 -3.91
CA VAL A 337 31.47 8.03 -4.62
C VAL A 337 30.17 8.84 -4.68
N ILE A 338 29.77 9.18 -5.91
CA ILE A 338 28.46 9.83 -6.10
C ILE A 338 27.41 8.72 -6.18
N PRO A 339 26.51 8.56 -5.20
CA PRO A 339 25.66 7.36 -5.16
C PRO A 339 24.63 7.27 -6.28
N ASP A 340 24.34 6.00 -6.65
CA ASP A 340 23.28 5.66 -7.62
C ASP A 340 22.03 6.51 -7.41
N ILE A 341 21.57 6.62 -6.17
CA ILE A 341 20.24 7.18 -5.92
C ILE A 341 20.19 8.65 -6.30
N LEU A 342 21.34 9.34 -6.37
CA LEU A 342 21.39 10.65 -7.00
C LEU A 342 21.80 10.52 -8.46
N ALA A 343 22.97 9.92 -8.72
CA ALA A 343 23.63 9.99 -10.02
C ALA A 343 22.78 9.44 -11.16
N ASN A 344 21.99 8.38 -10.92
CA ASN A 344 21.28 7.70 -12.00
C ASN A 344 19.80 8.10 -12.11
N ALA A 345 19.37 9.07 -11.27
CA ALA A 345 17.97 9.41 -11.05
C ALA A 345 17.40 10.13 -12.26
N GLY A 346 18.23 10.38 -13.30
CA GLY A 346 17.80 10.90 -14.59
C GLY A 346 16.66 10.09 -15.21
N GLY A 347 16.79 8.79 -15.01
CA GLY A 347 15.82 7.83 -15.51
C GLY A 347 14.44 8.08 -14.93
N VAL A 348 14.34 7.92 -13.61
CA VAL A 348 13.10 8.05 -12.89
C VAL A 348 12.60 9.49 -12.89
N VAL A 349 13.48 10.52 -12.89
CA VAL A 349 12.99 11.88 -12.99
C VAL A 349 12.43 12.14 -14.38
N GLY A 350 13.05 11.56 -15.42
CA GLY A 350 12.45 11.59 -16.74
C GLY A 350 11.11 10.88 -16.81
N SER A 351 11.01 9.71 -16.16
CA SER A 351 9.74 9.01 -16.07
C SER A 351 8.68 9.85 -15.32
N TYR A 352 9.10 10.55 -14.27
CA TYR A 352 8.16 11.40 -13.53
C TYR A 352 7.52 12.41 -14.48
N VAL A 353 8.33 13.17 -15.21
CA VAL A 353 7.83 14.11 -16.20
C VAL A 353 6.94 13.45 -17.25
N GLU A 354 7.27 12.24 -17.70
CA GLU A 354 6.47 11.52 -18.68
C GLU A 354 5.09 11.27 -18.08
N TRP A 355 5.11 10.80 -16.82
CA TRP A 355 3.93 10.36 -16.09
C TRP A 355 3.06 11.59 -15.77
N ALA A 356 3.68 12.69 -15.36
CA ALA A 356 2.93 13.91 -15.04
C ALA A 356 2.39 14.52 -16.34
N ASN A 357 3.17 14.43 -17.42
CA ASN A 357 2.69 14.92 -18.71
C ASN A 357 1.44 14.13 -19.13
N ASN A 358 1.52 12.80 -19.00
CA ASN A 358 0.40 11.95 -19.33
C ASN A 358 -0.84 12.34 -18.52
N ARG A 359 -0.70 12.46 -17.19
CA ARG A 359 -1.81 12.85 -16.32
C ARG A 359 -2.37 14.21 -16.70
N SER A 360 -1.51 15.15 -17.09
CA SER A 360 -1.84 16.51 -17.49
C SER A 360 -2.44 16.56 -18.90
N GLY A 361 -2.44 15.44 -19.61
CA GLY A 361 -3.01 15.35 -20.94
C GLY A 361 -2.04 15.75 -22.05
N GLY A 362 -0.73 15.78 -21.75
CA GLY A 362 0.32 15.79 -22.77
C GLY A 362 0.86 17.17 -23.10
N ILE A 363 0.68 18.16 -22.20
CA ILE A 363 0.91 19.56 -22.54
C ILE A 363 2.36 20.03 -22.26
N ILE A 364 3.26 19.16 -21.80
CA ILE A 364 4.65 19.54 -21.57
C ILE A 364 5.43 19.26 -22.85
N SER A 365 6.22 20.23 -23.35
CA SER A 365 7.05 19.97 -24.52
C SER A 365 8.26 19.19 -24.09
N ASP A 366 8.96 18.63 -25.08
CA ASP A 366 10.17 17.88 -24.83
C ASP A 366 11.28 18.82 -24.36
N GLU A 367 11.29 20.07 -24.83
CA GLU A 367 12.33 21.03 -24.42
C GLU A 367 12.12 21.51 -22.98
N GLU A 368 10.88 21.78 -22.57
CA GLU A 368 10.62 22.02 -21.15
C GLU A 368 11.01 20.79 -20.34
N ALA A 369 10.66 19.60 -20.83
CA ALA A 369 10.92 18.39 -20.06
C ALA A 369 12.41 18.21 -19.79
N LYS A 370 13.27 18.53 -20.76
CA LYS A 370 14.69 18.35 -20.58
C LYS A 370 15.20 19.29 -19.48
N LYS A 371 14.69 20.52 -19.48
CA LYS A 371 15.06 21.51 -18.47
C LYS A 371 14.60 21.06 -17.09
N LEU A 372 13.37 20.57 -16.98
CA LEU A 372 12.82 20.15 -15.69
C LEU A 372 13.69 19.06 -15.07
N ILE A 373 14.20 18.14 -15.92
CA ILE A 373 14.97 16.98 -15.46
C ILE A 373 16.32 17.46 -14.92
N VAL A 374 17.03 18.25 -15.72
CA VAL A 374 18.38 18.67 -15.37
C VAL A 374 18.34 19.55 -14.12
N ASP A 375 17.34 20.41 -14.01
CA ASP A 375 17.25 21.33 -12.89
C ASP A 375 17.05 20.57 -11.58
N ARG A 376 16.18 19.58 -11.59
CA ARG A 376 15.91 18.81 -10.42
C ARG A 376 17.18 18.07 -10.00
N MET A 377 17.89 17.53 -10.98
CA MET A 377 19.09 16.78 -10.67
C MET A 377 20.12 17.69 -10.02
N ILE A 378 20.42 18.80 -10.68
CA ILE A 378 21.43 19.72 -10.15
C ILE A 378 21.02 20.23 -8.76
N ASN A 379 19.76 20.68 -8.60
CA ASN A 379 19.20 21.12 -7.30
C ASN A 379 19.37 20.04 -6.21
N ALA A 380 19.09 18.78 -6.55
CA ALA A 380 19.28 17.69 -5.62
C ALA A 380 20.76 17.58 -5.22
N PHE A 381 21.68 17.69 -6.18
CA PHE A 381 23.10 17.59 -5.86
C PHE A 381 23.50 18.71 -4.90
N ASN A 382 23.01 19.94 -5.17
CA ASN A 382 23.36 21.11 -4.37
C ASN A 382 22.81 20.96 -2.95
N THR A 383 21.56 20.46 -2.81
CA THR A 383 20.99 20.16 -1.50
C THR A 383 21.86 19.17 -0.75
N LEU A 384 22.25 18.09 -1.45
CA LEU A 384 23.01 17.02 -0.83
C LEU A 384 24.37 17.55 -0.36
N TYR A 385 25.03 18.31 -1.24
CA TYR A 385 26.33 18.89 -0.92
C TYR A 385 26.23 19.81 0.30
N ASP A 386 25.15 20.60 0.38
CA ASP A 386 24.96 21.58 1.44
C ASP A 386 24.61 20.91 2.77
N PHE A 387 23.76 19.88 2.76
CA PHE A 387 23.54 19.09 3.96
C PHE A 387 24.84 18.42 4.39
N HIS A 388 25.63 17.91 3.42
CA HIS A 388 26.90 17.28 3.74
C HIS A 388 27.76 18.28 4.51
N LYS A 389 27.97 19.45 3.93
CA LYS A 389 28.84 20.44 4.55
C LYS A 389 28.37 20.93 5.90
N ARG A 390 27.06 21.06 6.07
CA ARG A 390 26.54 21.65 7.29
C ARG A 390 26.14 20.71 8.40
N LYS A 391 25.82 19.46 8.09
CA LYS A 391 25.35 18.57 9.11
C LYS A 391 26.06 17.22 9.20
N PHE A 392 26.64 16.75 8.11
CA PHE A 392 27.20 15.41 8.15
C PHE A 392 28.57 15.38 7.48
N ALA A 393 29.46 16.32 7.84
CA ALA A 393 30.71 16.54 7.12
C ALA A 393 31.66 15.34 7.30
N ASP A 394 31.41 14.50 8.31
CA ASP A 394 32.23 13.33 8.56
C ASP A 394 31.68 12.08 7.88
N GLN A 395 30.63 12.19 7.06
CA GLN A 395 29.98 11.05 6.42
C GLN A 395 30.23 11.13 4.91
N ASP A 396 30.21 9.99 4.22
CA ASP A 396 30.30 9.97 2.75
C ASP A 396 28.98 10.43 2.15
N LEU A 397 28.98 10.67 0.84
CA LEU A 397 27.80 11.25 0.20
C LEU A 397 26.65 10.25 0.18
N ARG A 398 26.88 8.97 -0.01
CA ARG A 398 25.78 8.02 0.02
C ARG A 398 25.06 8.03 1.37
N THR A 399 25.84 8.13 2.45
CA THR A 399 25.29 8.15 3.79
C THR A 399 24.40 9.37 3.96
N VAL A 400 24.89 10.55 3.55
CA VAL A 400 24.05 11.73 3.63
C VAL A 400 22.80 11.60 2.75
N ALA A 401 22.91 11.09 1.51
CA ALA A 401 21.75 11.00 0.62
C ALA A 401 20.71 10.04 1.20
N MET A 402 21.21 8.96 1.76
CA MET A 402 20.35 7.94 2.36
C MET A 402 19.71 8.52 3.62
N ALA A 403 20.38 9.46 4.30
CA ALA A 403 19.82 9.98 5.56
C ALA A 403 18.60 10.82 5.22
N LEU A 404 18.73 11.64 4.17
CA LEU A 404 17.64 12.44 3.63
C LEU A 404 16.51 11.53 3.13
N ALA A 405 16.85 10.53 2.32
CA ALA A 405 15.89 9.61 1.73
C ALA A 405 15.11 8.84 2.80
N VAL A 406 15.80 8.26 3.77
CA VAL A 406 15.20 7.37 4.75
C VAL A 406 14.42 8.20 5.76
N ASP A 407 14.93 9.39 6.09
CA ASP A 407 14.22 10.29 7.00
C ASP A 407 12.84 10.65 6.43
N ARG A 408 12.76 10.93 5.12
CA ARG A 408 11.51 11.39 4.52
C ARG A 408 10.51 10.23 4.54
N VAL A 409 10.98 9.03 4.21
CA VAL A 409 10.11 7.84 4.15
C VAL A 409 9.56 7.59 5.55
N VAL A 410 10.43 7.60 6.55
CA VAL A 410 10.01 7.35 7.92
C VAL A 410 8.97 8.38 8.39
N GLY A 411 9.24 9.68 8.20
CA GLY A 411 8.25 10.69 8.49
C GLY A 411 6.87 10.41 7.89
N ALA A 412 6.83 10.02 6.61
CA ALA A 412 5.56 9.76 5.93
C ALA A 412 4.86 8.55 6.53
N MET A 413 5.61 7.52 6.91
CA MET A 413 5.02 6.33 7.51
C MET A 413 4.47 6.68 8.92
N LYS A 414 5.16 7.56 9.65
CA LYS A 414 4.68 7.94 10.98
C LYS A 414 3.37 8.72 10.85
N ALA A 415 3.35 9.70 9.97
CA ALA A 415 2.15 10.46 9.69
C ALA A 415 0.99 9.52 9.31
N ARG A 416 1.26 8.44 8.58
CA ARG A 416 0.19 7.56 8.17
C ARG A 416 -0.18 6.50 9.18
N GLY A 417 0.44 6.50 10.38
CA GLY A 417 0.14 5.53 11.39
C GLY A 417 0.86 4.18 11.20
N LEU A 418 1.76 4.09 10.23
CA LEU A 418 2.39 2.81 9.93
C LEU A 418 3.61 2.51 10.81
N LEU A 419 4.07 3.51 11.57
CA LEU A 419 5.21 3.34 12.50
C LEU A 419 4.99 4.30 13.66
N THR B 6 -30.79 21.10 14.35
CA THR B 6 -30.26 21.05 15.69
C THR B 6 -29.23 22.16 15.87
N SER B 7 -28.99 22.94 14.81
CA SER B 7 -28.11 24.11 14.94
C SER B 7 -28.86 25.33 14.39
N ASN B 8 -28.73 26.47 15.06
CA ASN B 8 -29.36 27.68 14.53
C ASN B 8 -28.72 28.05 13.22
N LEU B 9 -27.59 27.45 12.91
CA LEU B 9 -26.85 27.81 11.68
C LEU B 9 -27.64 27.42 10.44
N LEU B 10 -28.40 26.31 10.49
CA LEU B 10 -29.15 25.88 9.33
C LEU B 10 -30.33 26.83 9.10
N VAL B 11 -30.90 27.31 10.20
CA VAL B 11 -32.01 28.25 10.09
C VAL B 11 -31.49 29.55 9.45
N GLN B 12 -30.34 30.06 9.89
CA GLN B 12 -29.74 31.25 9.30
C GLN B 12 -29.54 31.03 7.80
N GLN B 13 -28.92 29.90 7.42
CA GLN B 13 -28.59 29.62 6.03
C GLN B 13 -29.83 29.55 5.14
N VAL B 14 -30.82 28.74 5.49
CA VAL B 14 -32.05 28.61 4.73
C VAL B 14 -32.74 29.98 4.58
N LYS B 15 -32.83 30.74 5.67
CA LYS B 15 -33.45 32.05 5.70
C LYS B 15 -32.71 33.03 4.79
N LYS B 16 -31.37 33.09 4.89
CA LYS B 16 -30.54 33.93 4.01
C LYS B 16 -30.77 33.49 2.55
N LEU B 17 -30.93 32.19 2.32
CA LEU B 17 -31.13 31.65 0.98
C LEU B 17 -32.47 32.09 0.35
N TYR B 18 -33.58 32.06 1.11
CA TYR B 18 -34.87 32.51 0.58
C TYR B 18 -34.84 34.01 0.24
N LYS B 19 -34.09 34.81 1.00
CA LYS B 19 -33.99 36.23 0.73
C LYS B 19 -33.29 36.46 -0.60
N VAL B 20 -32.17 35.75 -0.81
CA VAL B 20 -31.40 35.91 -2.04
C VAL B 20 -32.24 35.44 -3.21
N GLY B 21 -32.98 34.34 -3.03
CA GLY B 21 -33.81 33.79 -4.09
C GLY B 21 -34.86 34.79 -4.55
N GLU B 22 -35.45 35.49 -3.59
CA GLU B 22 -36.49 36.46 -3.87
C GLU B 22 -35.89 37.66 -4.61
N LEU B 23 -34.68 38.06 -4.24
CA LEU B 23 -33.98 39.14 -4.93
C LEU B 23 -33.62 38.69 -6.36
N LEU B 24 -33.33 37.40 -6.54
CA LEU B 24 -32.99 36.89 -7.86
C LEU B 24 -34.27 36.64 -8.67
N GLY B 25 -35.44 36.73 -8.04
CA GLY B 25 -36.70 36.50 -8.71
C GLY B 25 -36.96 35.01 -8.98
N LEU B 26 -36.38 34.15 -8.14
CA LEU B 26 -36.56 32.71 -8.26
C LEU B 26 -37.89 32.28 -7.69
N ASP B 27 -38.51 31.29 -8.35
CA ASP B 27 -39.66 30.59 -7.79
C ASP B 27 -39.31 30.04 -6.42
N SER B 28 -40.30 30.09 -5.53
CA SER B 28 -40.23 29.43 -4.25
C SER B 28 -39.79 27.96 -4.40
N GLU B 29 -40.18 27.33 -5.51
CA GLU B 29 -39.99 25.90 -5.68
C GLU B 29 -38.51 25.61 -6.00
N THR B 30 -37.88 26.56 -6.72
CA THR B 30 -36.46 26.49 -7.03
C THR B 30 -35.65 26.58 -5.73
N ILE B 31 -36.00 27.53 -4.86
CA ILE B 31 -35.30 27.75 -3.60
C ILE B 31 -35.42 26.51 -2.71
N ASP B 32 -36.58 25.83 -2.74
CA ASP B 32 -36.78 24.60 -1.98
C ASP B 32 -35.71 23.58 -2.36
N VAL B 33 -35.43 23.49 -3.66
CA VAL B 33 -34.40 22.55 -4.10
C VAL B 33 -33.05 22.96 -3.53
N LEU B 34 -32.64 24.23 -3.71
CA LEU B 34 -31.34 24.66 -3.23
C LEU B 34 -31.20 24.55 -1.71
N SER B 35 -32.30 24.71 -0.96
CA SER B 35 -32.25 24.75 0.49
C SER B 35 -32.10 23.38 1.16
N GLN B 36 -32.00 22.30 0.38
CA GLN B 36 -31.99 20.96 0.92
C GLN B 36 -30.75 20.29 0.36
N PRO B 37 -29.98 19.55 1.16
CA PRO B 37 -28.84 18.86 0.58
C PRO B 37 -29.24 17.69 -0.29
N GLU B 38 -28.42 17.39 -1.31
CA GLU B 38 -28.64 16.22 -2.12
C GLU B 38 -28.50 14.93 -1.36
N ARG B 39 -27.42 14.81 -0.58
CA ARG B 39 -27.21 13.63 0.22
C ARG B 39 -26.56 13.93 1.59
N VAL B 40 -27.04 13.26 2.61
CA VAL B 40 -26.43 13.42 3.93
C VAL B 40 -26.25 12.03 4.52
N MET B 41 -25.03 11.73 4.96
CA MET B 41 -24.80 10.46 5.59
C MET B 41 -24.53 10.69 7.06
N GLN B 42 -25.17 9.84 7.85
CA GLN B 42 -24.86 9.75 9.28
C GLN B 42 -24.26 8.38 9.55
N VAL B 43 -23.16 8.33 10.29
CA VAL B 43 -22.49 7.08 10.60
C VAL B 43 -22.22 6.96 12.10
N LYS B 44 -22.20 5.70 12.54
CA LYS B 44 -21.81 5.32 13.88
C LYS B 44 -20.36 4.85 13.94
N ILE B 45 -19.64 5.33 14.96
CA ILE B 45 -18.24 4.97 15.14
C ILE B 45 -18.03 4.52 16.57
N GLN B 46 -17.67 3.24 16.79
CA GLN B 46 -17.35 2.79 18.15
C GLN B 46 -15.84 2.53 18.27
N ILE B 47 -15.30 2.87 19.45
CA ILE B 47 -13.88 2.85 19.75
C ILE B 47 -13.69 2.25 21.14
N ARG B 48 -12.76 1.30 21.25
CA ARG B 48 -12.32 0.74 22.52
C ARG B 48 -11.19 1.63 23.02
N SER B 49 -11.41 2.33 24.13
CA SER B 49 -10.51 3.38 24.58
C SER B 49 -9.36 2.77 25.38
N SER B 50 -8.37 3.60 25.74
CA SER B 50 -7.17 3.12 26.44
C SER B 50 -7.50 2.64 27.86
N ASP B 51 -8.52 3.22 28.50
CA ASP B 51 -9.04 2.74 29.77
C ASP B 51 -9.67 1.35 29.64
N GLY B 52 -10.14 0.95 28.45
CA GLY B 52 -10.82 -0.33 28.26
C GLY B 52 -12.31 -0.15 27.96
N LYS B 53 -12.81 1.08 28.06
CA LYS B 53 -14.22 1.39 27.86
C LYS B 53 -14.52 1.50 26.37
N LEU B 54 -15.67 0.97 25.95
CA LEU B 54 -16.18 1.16 24.59
C LEU B 54 -16.99 2.47 24.54
N ARG B 55 -16.73 3.33 23.54
CA ARG B 55 -17.45 4.57 23.36
C ARG B 55 -17.98 4.68 21.93
N THR B 56 -19.18 5.25 21.78
CA THR B 56 -19.78 5.39 20.46
C THR B 56 -19.91 6.86 20.10
N PHE B 57 -19.56 7.20 18.85
CA PHE B 57 -19.63 8.57 18.40
C PHE B 57 -20.41 8.63 17.09
N ILE B 58 -21.20 9.69 16.94
CA ILE B 58 -21.93 9.92 15.70
C ILE B 58 -21.20 10.98 14.88
N GLY B 59 -21.20 10.75 13.55
CA GLY B 59 -20.59 11.68 12.66
C GLY B 59 -21.46 11.82 11.38
N TRP B 60 -21.16 12.87 10.65
CA TRP B 60 -21.94 13.14 9.43
C TRP B 60 -21.16 13.61 8.22
N ARG B 61 -21.74 13.39 7.04
CA ARG B 61 -21.16 13.94 5.81
C ARG B 61 -22.35 14.52 5.06
N SER B 62 -22.31 15.82 4.87
CA SER B 62 -23.38 16.51 4.17
C SER B 62 -22.87 16.91 2.80
N GLN B 63 -23.58 16.44 1.77
CA GLN B 63 -23.18 16.65 0.39
C GLN B 63 -24.31 17.50 -0.11
N HIS B 64 -24.08 18.78 -0.14
CA HIS B 64 -25.21 19.69 -0.34
C HIS B 64 -25.62 19.92 -1.78
N ASN B 65 -24.63 20.27 -2.56
CA ASN B 65 -24.89 20.56 -3.97
C ASN B 65 -23.66 20.20 -4.81
N SER B 66 -23.91 19.58 -5.95
CA SER B 66 -22.82 19.13 -6.83
C SER B 66 -23.00 19.59 -8.27
N ALA B 67 -23.74 20.68 -8.41
CA ALA B 67 -24.06 21.16 -9.72
C ALA B 67 -22.82 21.61 -10.46
N LEU B 68 -21.88 22.25 -9.74
CA LEU B 68 -20.68 22.83 -10.35
C LEU B 68 -19.46 21.90 -10.28
N GLY B 69 -19.61 20.71 -9.72
CA GLY B 69 -18.49 19.79 -9.55
C GLY B 69 -18.67 18.86 -8.35
N PRO B 70 -17.66 18.02 -8.06
CA PRO B 70 -17.71 17.21 -6.86
C PRO B 70 -17.80 18.06 -5.60
N TYR B 71 -18.44 17.50 -4.57
CA TYR B 71 -18.54 18.12 -3.26
C TYR B 71 -17.14 18.37 -2.69
N LYS B 72 -17.01 19.53 -2.03
CA LYS B 72 -15.76 20.00 -1.43
C LYS B 72 -16.02 20.71 -0.09
N GLY B 73 -15.27 20.33 0.95
CA GLY B 73 -15.34 20.97 2.25
C GLY B 73 -14.75 20.08 3.34
N GLY B 74 -14.41 20.74 4.43
CA GLY B 74 -13.73 20.16 5.56
C GLY B 74 -14.59 19.37 6.54
N VAL B 75 -13.86 18.73 7.49
CA VAL B 75 -14.48 17.94 8.53
C VAL B 75 -14.10 18.55 9.91
N ARG B 76 -15.09 18.81 10.77
CA ARG B 76 -14.81 19.39 12.10
C ARG B 76 -15.09 18.40 13.21
N TYR B 77 -14.20 18.38 14.22
CA TYR B 77 -14.46 17.57 15.39
C TYR B 77 -14.81 18.52 16.57
N GLY B 78 -15.88 18.20 17.27
CA GLY B 78 -16.28 19.08 18.39
C GLY B 78 -17.45 18.52 19.15
N PRO B 79 -17.53 18.76 20.49
CA PRO B 79 -18.55 18.12 21.30
C PRO B 79 -19.96 18.67 21.07
N ASN B 80 -20.10 19.80 20.36
CA ASN B 80 -21.43 20.37 20.11
C ASN B 80 -21.85 20.19 18.66
N VAL B 81 -21.09 19.40 17.87
CA VAL B 81 -21.38 19.26 16.45
C VAL B 81 -22.71 18.54 16.32
N THR B 82 -23.57 18.98 15.39
CA THR B 82 -24.86 18.33 15.13
C THR B 82 -25.06 18.14 13.64
N GLN B 83 -26.01 17.28 13.24
CA GLN B 83 -26.37 17.09 11.86
C GLN B 83 -26.67 18.43 11.19
N ASP B 84 -27.44 19.32 11.84
CA ASP B 84 -27.84 20.50 11.09
C ASP B 84 -26.70 21.52 10.99
N GLU B 85 -25.74 21.49 11.90
CA GLU B 85 -24.62 22.36 11.77
C GLU B 85 -23.79 21.89 10.53
N VAL B 86 -23.69 20.61 10.39
CA VAL B 86 -22.85 20.08 9.31
C VAL B 86 -23.49 20.40 7.96
N ILE B 87 -24.81 20.21 7.85
CA ILE B 87 -25.58 20.63 6.67
C ILE B 87 -25.40 22.11 6.38
N ALA B 88 -25.57 22.96 7.37
CA ALA B 88 -25.47 24.40 7.17
C ALA B 88 -24.10 24.81 6.65
N LEU B 89 -23.04 24.25 7.24
CA LEU B 89 -21.69 24.53 6.80
C LEU B 89 -21.46 24.03 5.38
N SER B 90 -22.13 22.94 4.97
CA SER B 90 -21.97 22.46 3.61
C SER B 90 -22.63 23.43 2.64
N MET B 91 -23.68 24.16 3.07
CA MET B 91 -24.33 25.09 2.17
C MET B 91 -23.37 26.26 1.96
N ILE B 92 -22.67 26.66 3.02
CA ILE B 92 -21.74 27.78 2.92
C ILE B 92 -20.66 27.41 1.92
N MET B 93 -20.21 26.14 1.94
CA MET B 93 -19.22 25.66 1.01
C MET B 93 -19.70 25.82 -0.43
N THR B 94 -20.95 25.38 -0.73
CA THR B 94 -21.51 25.52 -2.07
C THR B 94 -21.33 26.97 -2.53
N TRP B 95 -21.68 27.95 -1.70
CA TRP B 95 -21.78 29.32 -2.19
C TRP B 95 -20.39 29.92 -2.40
N LYS B 96 -19.48 29.57 -1.50
CA LYS B 96 -18.09 30.06 -1.60
C LYS B 96 -17.39 29.41 -2.81
N ASN B 97 -17.68 28.14 -3.13
CA ASN B 97 -17.01 27.46 -4.24
C ASN B 97 -17.52 28.03 -5.57
N SER B 98 -18.82 28.31 -5.62
CA SER B 98 -19.47 28.99 -6.74
C SER B 98 -18.87 30.39 -6.91
N LEU B 99 -18.88 31.18 -5.85
CA LEU B 99 -18.35 32.55 -5.86
C LEU B 99 -16.94 32.61 -6.45
N LEU B 100 -16.05 31.72 -5.98
CA LEU B 100 -14.67 31.68 -6.43
C LEU B 100 -14.48 30.97 -7.78
N LEU B 101 -15.58 30.55 -8.45
CA LEU B 101 -15.51 29.91 -9.77
C LEU B 101 -14.65 28.64 -9.73
N LEU B 102 -14.79 27.86 -8.64
CA LEU B 102 -14.09 26.59 -8.51
C LEU B 102 -15.01 25.49 -9.02
N PRO B 103 -14.40 24.42 -9.63
CA PRO B 103 -15.20 23.32 -10.17
C PRO B 103 -15.62 22.38 -9.10
N TYR B 104 -16.25 22.92 -8.05
CA TYR B 104 -16.61 22.14 -6.91
C TYR B 104 -17.97 22.48 -6.31
N GLY B 105 -18.65 21.48 -5.79
CA GLY B 105 -19.86 21.69 -5.05
C GLY B 105 -19.54 21.82 -3.54
N GLY B 106 -20.56 21.88 -2.71
CA GLY B 106 -20.38 22.10 -1.29
C GLY B 106 -20.67 20.82 -0.53
N GLY B 107 -19.64 20.46 0.28
CA GLY B 107 -19.73 19.39 1.25
C GLY B 107 -19.15 19.81 2.60
N LYS B 108 -19.51 19.10 3.65
CA LYS B 108 -18.88 19.30 4.97
C LYS B 108 -19.09 18.04 5.78
N GLY B 109 -18.16 17.81 6.72
CA GLY B 109 -18.30 16.75 7.68
C GLY B 109 -18.17 17.24 9.12
N GLY B 110 -18.67 16.41 10.02
CA GLY B 110 -18.23 16.58 11.39
C GLY B 110 -18.52 15.36 12.24
N ILE B 111 -17.82 15.30 13.38
CA ILE B 111 -18.04 14.26 14.36
C ILE B 111 -18.31 14.91 15.72
N ARG B 112 -19.29 14.36 16.40
CA ARG B 112 -19.70 14.86 17.70
C ARG B 112 -18.85 14.14 18.75
N VAL B 113 -17.76 14.83 19.14
CA VAL B 113 -16.72 14.31 20.00
C VAL B 113 -15.93 15.49 20.56
N ASP B 114 -15.42 15.34 21.81
CA ASP B 114 -14.40 16.22 22.35
C ASP B 114 -13.02 15.62 22.07
N PRO B 115 -12.33 16.04 20.98
CA PRO B 115 -11.06 15.40 20.60
C PRO B 115 -9.96 15.65 21.62
N LYS B 116 -10.14 16.68 22.48
CA LYS B 116 -9.17 17.00 23.51
C LYS B 116 -9.17 15.94 24.60
N LYS B 117 -10.20 15.10 24.69
CA LYS B 117 -10.24 14.04 25.69
C LYS B 117 -9.92 12.67 25.11
N LEU B 118 -9.46 12.58 23.86
CA LEU B 118 -9.06 11.31 23.30
C LEU B 118 -7.54 11.31 23.19
N THR B 119 -6.94 10.13 23.29
CA THR B 119 -5.55 9.94 22.92
C THR B 119 -5.35 10.12 21.41
N LEU B 120 -4.10 10.22 20.97
CA LEU B 120 -3.79 10.26 19.54
C LEU B 120 -4.27 9.00 18.84
N LYS B 121 -4.07 7.84 19.47
CA LYS B 121 -4.42 6.57 18.84
C LYS B 121 -5.94 6.48 18.73
N GLU B 122 -6.66 6.97 19.74
CA GLU B 122 -8.11 7.03 19.68
C GLU B 122 -8.59 7.96 18.56
N LEU B 123 -7.93 9.13 18.38
CA LEU B 123 -8.30 10.03 17.32
C LEU B 123 -8.00 9.41 15.96
N GLU B 124 -6.93 8.61 15.87
CA GLU B 124 -6.62 7.95 14.62
C GLU B 124 -7.75 6.99 14.27
N ASP B 125 -8.16 6.20 15.25
CA ASP B 125 -9.14 5.14 15.05
C ASP B 125 -10.46 5.79 14.59
N LEU B 126 -10.85 6.87 15.31
CA LEU B 126 -12.02 7.67 14.95
C LEU B 126 -11.96 8.11 13.49
N SER B 127 -10.88 8.79 13.12
CA SER B 127 -10.69 9.35 11.80
C SER B 127 -10.78 8.25 10.73
N ARG B 128 -10.17 7.09 10.96
CA ARG B 128 -10.12 6.01 9.99
C ARG B 128 -11.52 5.45 9.77
N LYS B 129 -12.25 5.30 10.89
CA LYS B 129 -13.55 4.66 10.83
C LYS B 129 -14.52 5.61 10.12
N TYR B 130 -14.35 6.93 10.32
CA TYR B 130 -15.22 7.95 9.73
C TYR B 130 -15.13 7.78 8.20
N VAL B 131 -13.90 7.77 7.66
CA VAL B 131 -13.69 7.60 6.21
C VAL B 131 -14.19 6.24 5.73
N GLN B 132 -13.91 5.19 6.49
CA GLN B 132 -14.38 3.88 6.07
C GLN B 132 -15.90 3.87 5.86
N LEU B 133 -16.67 4.51 6.72
CA LEU B 133 -18.11 4.29 6.73
C LEU B 133 -18.84 5.11 5.66
N ILE B 134 -18.18 6.14 5.11
CA ILE B 134 -18.73 6.94 4.04
C ILE B 134 -17.99 6.76 2.68
N HIS B 135 -16.90 6.00 2.60
CA HIS B 135 -15.99 6.03 1.45
C HIS B 135 -16.68 5.77 0.10
N LYS B 136 -17.75 4.97 0.03
CA LYS B 136 -18.37 4.72 -1.24
C LYS B 136 -18.96 6.00 -1.85
N TYR B 137 -19.11 7.09 -1.06
CA TYR B 137 -19.54 8.40 -1.57
C TYR B 137 -18.45 9.47 -1.40
N LEU B 138 -17.20 9.02 -1.25
CA LEU B 138 -16.02 9.89 -1.40
C LEU B 138 -15.23 9.53 -2.69
N GLY B 139 -14.26 10.38 -3.10
CA GLY B 139 -13.44 10.17 -4.28
C GLY B 139 -12.94 11.51 -4.81
N SER B 140 -11.86 11.47 -5.57
CA SER B 140 -11.21 12.71 -5.97
C SER B 140 -12.06 13.47 -7.01
N ASP B 141 -13.13 12.82 -7.45
CA ASP B 141 -14.08 13.37 -8.42
C ASP B 141 -15.51 13.10 -7.94
N VAL B 142 -15.64 12.99 -6.61
CA VAL B 142 -16.91 12.71 -5.99
C VAL B 142 -17.11 13.66 -4.81
N ASP B 143 -16.24 13.56 -3.81
CA ASP B 143 -16.28 14.38 -2.59
C ASP B 143 -14.90 14.36 -1.94
N ILE B 144 -14.27 15.54 -1.92
CA ILE B 144 -12.90 15.72 -1.46
C ILE B 144 -12.93 16.46 -0.10
N PRO B 145 -12.71 15.73 1.02
CA PRO B 145 -12.65 16.40 2.32
C PRO B 145 -11.36 17.19 2.59
N ALA B 146 -11.30 17.78 3.76
CA ALA B 146 -10.21 18.69 4.13
C ALA B 146 -10.27 18.95 5.65
N PRO B 147 -9.36 19.73 6.25
CA PRO B 147 -9.48 20.12 7.67
C PRO B 147 -10.59 21.12 7.96
N ASP B 148 -10.89 21.25 9.24
CA ASP B 148 -11.69 22.32 9.77
C ASP B 148 -11.34 22.38 11.26
N ILE B 149 -12.26 22.83 12.10
CA ILE B 149 -11.98 22.88 13.52
C ILE B 149 -11.55 21.50 14.05
N ASN B 150 -10.42 21.54 14.72
CA ASN B 150 -9.85 20.42 15.48
C ASN B 150 -9.42 19.30 14.53
N THR B 151 -9.38 19.59 13.24
CA THR B 151 -8.68 18.71 12.30
C THR B 151 -7.56 19.42 11.55
N ASN B 152 -6.66 18.65 10.92
CA ASN B 152 -5.38 19.24 10.59
C ASN B 152 -4.68 18.28 9.64
N PRO B 153 -3.47 18.59 9.15
CA PRO B 153 -2.81 17.68 8.21
C PRO B 153 -2.58 16.26 8.71
N GLN B 154 -2.38 16.10 10.04
CA GLN B 154 -2.26 14.78 10.64
C GLN B 154 -3.56 14.00 10.46
N THR B 155 -4.70 14.63 10.73
CA THR B 155 -5.98 13.98 10.47
C THR B 155 -6.11 13.52 9.01
N MET B 156 -5.63 14.38 8.11
CA MET B 156 -5.80 14.16 6.68
C MET B 156 -4.94 12.96 6.27
N ALA B 157 -3.80 12.79 6.96
CA ALA B 157 -2.88 11.71 6.65
C ALA B 157 -3.52 10.35 7.01
N TRP B 158 -4.21 10.32 8.15
CA TRP B 158 -4.94 9.12 8.55
C TRP B 158 -6.09 8.83 7.58
N PHE B 159 -6.85 9.88 7.24
CA PHE B 159 -7.95 9.72 6.31
C PHE B 159 -7.41 9.09 5.03
N LEU B 160 -6.36 9.69 4.54
CA LEU B 160 -5.76 9.19 3.30
C LEU B 160 -5.30 7.75 3.44
N ASP B 161 -4.59 7.44 4.57
CA ASP B 161 -4.03 6.08 4.64
C ASP B 161 -5.19 5.05 4.67
N GLU B 162 -6.32 5.44 5.24
CA GLU B 162 -7.46 4.52 5.32
C GLU B 162 -8.08 4.35 3.93
N TYR B 163 -8.11 5.44 3.19
CA TYR B 163 -8.70 5.44 1.87
C TYR B 163 -7.85 4.58 0.93
N ILE B 164 -6.52 4.64 1.10
CA ILE B 164 -5.61 3.80 0.31
C ILE B 164 -5.76 2.33 0.70
N LYS B 165 -5.87 2.06 2.00
CA LYS B 165 -6.11 0.72 2.50
C LYS B 165 -7.35 0.13 1.86
N ILE B 166 -8.46 0.88 1.79
CA ILE B 166 -9.74 0.34 1.36
C ILE B 166 -9.76 0.20 -0.18
N THR B 167 -9.20 1.16 -0.91
CA THR B 167 -9.44 1.25 -2.36
C THR B 167 -8.24 0.64 -3.09
N GLY B 168 -7.08 0.63 -2.43
CA GLY B 168 -5.84 0.21 -3.05
C GLY B 168 -5.25 1.22 -4.04
N LYS B 169 -5.85 2.43 -4.13
CA LYS B 169 -5.36 3.46 -5.02
C LYS B 169 -4.61 4.51 -4.22
N VAL B 170 -3.46 4.95 -4.72
CA VAL B 170 -2.77 6.06 -4.08
C VAL B 170 -3.19 7.35 -4.76
N ASP B 171 -4.43 7.73 -4.43
CA ASP B 171 -5.10 8.88 -5.01
C ASP B 171 -4.95 10.05 -4.05
N PHE B 172 -3.91 10.85 -4.26
CA PHE B 172 -3.62 11.95 -3.37
C PHE B 172 -4.73 13.01 -3.33
N ALA B 173 -5.50 13.12 -4.40
CA ALA B 173 -6.48 14.19 -4.57
C ALA B 173 -7.81 13.92 -3.86
N VAL B 174 -7.91 12.84 -3.07
CA VAL B 174 -9.14 12.53 -2.38
C VAL B 174 -9.28 13.37 -1.12
N PHE B 175 -8.15 13.91 -0.56
CA PHE B 175 -8.17 14.81 0.59
C PHE B 175 -7.25 15.99 0.27
N THR B 176 -7.60 17.19 0.75
CA THR B 176 -6.69 18.33 0.77
C THR B 176 -6.41 18.72 2.24
N GLY B 177 -5.52 19.70 2.45
CA GLY B 177 -4.81 19.93 3.68
C GLY B 177 -3.82 18.84 4.08
N LYS B 178 -3.30 18.09 3.12
CA LYS B 178 -2.43 16.96 3.42
C LYS B 178 -1.05 17.48 3.79
N PRO B 179 -0.22 16.72 4.54
CA PRO B 179 1.19 17.08 4.73
C PRO B 179 1.89 17.14 3.37
N SER B 180 2.88 18.02 3.25
CA SER B 180 3.51 18.26 1.96
C SER B 180 4.27 17.03 1.46
N GLU B 181 4.72 16.13 2.36
CA GLU B 181 5.38 14.89 1.96
C GLU B 181 4.37 13.83 1.52
N LEU B 182 3.07 14.11 1.72
CA LEU B 182 2.06 13.16 1.24
C LEU B 182 1.14 13.85 0.22
N GLY B 183 1.76 14.60 -0.69
CA GLY B 183 1.04 15.20 -1.82
C GLY B 183 0.40 16.53 -1.46
N GLY B 184 0.64 17.05 -0.26
CA GLY B 184 0.15 18.39 0.09
C GLY B 184 1.06 19.46 -0.50
N ILE B 185 0.73 20.70 -0.22
CA ILE B 185 1.52 21.87 -0.62
C ILE B 185 1.70 22.77 0.60
N GLY B 186 2.92 23.31 0.70
CA GLY B 186 3.28 24.12 1.86
C GLY B 186 2.31 25.27 2.11
N VAL B 187 1.92 25.97 1.05
CA VAL B 187 1.07 27.16 1.16
C VAL B 187 -0.30 26.82 1.75
N ARG B 188 -0.79 25.58 1.62
CA ARG B 188 -2.13 25.29 2.13
C ARG B 188 -2.22 25.40 3.66
N LEU B 189 -1.11 25.16 4.36
CA LEU B 189 -1.11 25.33 5.80
C LEU B 189 -1.60 26.72 6.22
N TYR B 190 -1.19 27.76 5.52
CA TYR B 190 -1.44 29.12 5.94
C TYR B 190 -2.25 29.89 4.90
N SER B 191 -2.84 29.19 3.89
CA SER B 191 -3.52 29.89 2.81
C SER B 191 -4.79 30.57 3.33
N THR B 192 -5.49 30.02 4.35
CA THR B 192 -6.69 30.68 4.82
C THR B 192 -6.33 32.03 5.44
N GLY B 193 -5.37 32.02 6.34
CA GLY B 193 -4.93 33.24 7.02
C GLY B 193 -4.29 34.23 6.04
N LEU B 194 -3.53 33.73 5.07
CA LEU B 194 -2.98 34.64 4.07
C LEU B 194 -4.09 35.35 3.31
N GLY B 195 -5.16 34.60 2.95
CA GLY B 195 -6.30 35.16 2.26
C GLY B 195 -7.04 36.20 3.09
N VAL B 196 -7.26 35.88 4.37
CA VAL B 196 -7.99 36.76 5.27
C VAL B 196 -7.18 38.06 5.38
N ALA B 197 -5.90 37.94 5.70
CA ALA B 197 -5.02 39.10 5.83
C ALA B 197 -4.96 39.95 4.56
N THR B 198 -4.83 39.28 3.40
CA THR B 198 -4.78 39.94 2.11
C THR B 198 -6.07 40.75 1.92
N ILE B 199 -7.21 40.08 2.17
CA ILE B 199 -8.50 40.70 1.98
C ILE B 199 -8.69 41.81 3.01
N ALA B 200 -8.26 41.62 4.28
CA ALA B 200 -8.42 42.65 5.29
C ALA B 200 -7.63 43.91 4.91
N ARG B 201 -6.41 43.72 4.40
CA ARG B 201 -5.58 44.86 3.98
C ARG B 201 -6.22 45.60 2.79
N ASP B 202 -6.73 44.84 1.84
CA ASP B 202 -7.29 45.43 0.62
C ASP B 202 -8.53 46.24 1.00
N ALA B 203 -9.42 45.68 1.85
CA ALA B 203 -10.58 46.39 2.37
C ALA B 203 -10.18 47.57 3.23
N ALA B 204 -9.10 47.41 4.01
CA ALA B 204 -8.66 48.51 4.86
C ALA B 204 -8.19 49.67 3.97
N ASN B 205 -7.50 49.36 2.86
CA ASN B 205 -7.06 50.34 1.89
C ASN B 205 -8.28 50.99 1.20
N LYS B 206 -9.30 50.19 0.85
CA LYS B 206 -10.44 50.71 0.11
C LYS B 206 -11.27 51.64 1.02
N PHE B 207 -11.36 51.33 2.32
CA PHE B 207 -12.45 51.84 3.13
C PHE B 207 -12.00 52.57 4.40
N ILE B 208 -10.80 52.29 4.95
CA ILE B 208 -10.46 52.94 6.21
C ILE B 208 -9.06 53.58 6.16
N GLY B 209 -8.50 53.80 4.96
CA GLY B 209 -7.23 54.50 4.84
C GLY B 209 -6.00 53.59 4.98
N GLY B 210 -6.19 52.27 5.13
CA GLY B 210 -5.09 51.33 5.02
C GLY B 210 -4.82 50.56 6.32
N ILE B 211 -3.89 49.61 6.22
CA ILE B 211 -3.71 48.60 7.25
C ILE B 211 -2.70 49.03 8.30
N GLU B 212 -1.79 49.96 7.96
CA GLU B 212 -0.64 50.22 8.80
C GLU B 212 -1.09 50.91 10.08
N GLY B 213 -0.89 50.26 11.23
CA GLY B 213 -1.32 50.82 12.52
C GLY B 213 -2.78 50.53 12.89
N SER B 214 -3.52 49.94 11.95
CA SER B 214 -4.89 49.50 12.19
C SER B 214 -4.89 48.52 13.36
N ARG B 215 -5.81 48.72 14.32
CA ARG B 215 -5.91 47.89 15.50
C ARG B 215 -6.83 46.71 15.20
N VAL B 216 -6.28 45.49 15.38
CA VAL B 216 -6.97 44.28 14.97
C VAL B 216 -7.28 43.45 16.19
N ILE B 217 -8.46 42.82 16.17
CA ILE B 217 -8.79 41.88 17.23
C ILE B 217 -9.27 40.61 16.54
N ILE B 218 -8.62 39.46 16.84
CA ILE B 218 -8.93 38.19 16.20
C ILE B 218 -9.48 37.24 17.28
N GLN B 219 -10.63 36.63 16.98
CA GLN B 219 -11.20 35.61 17.88
C GLN B 219 -10.84 34.25 17.30
N GLY B 220 -10.16 33.42 18.07
CA GLY B 220 -9.60 32.17 17.55
C GLY B 220 -8.14 32.38 17.22
N PHE B 221 -7.32 31.35 17.48
CA PHE B 221 -5.90 31.48 17.29
C PHE B 221 -5.31 30.17 16.75
N GLY B 222 -6.12 29.47 15.94
CA GLY B 222 -5.74 28.21 15.38
C GLY B 222 -5.21 28.38 13.96
N ASN B 223 -5.60 27.47 13.09
CA ASN B 223 -5.09 27.53 11.73
C ASN B 223 -5.43 28.86 11.05
N VAL B 224 -6.67 29.33 11.20
CA VAL B 224 -7.07 30.59 10.59
C VAL B 224 -6.54 31.76 11.41
N GLY B 225 -6.84 31.76 12.73
CA GLY B 225 -6.57 32.85 13.64
C GLY B 225 -5.09 33.20 13.72
N PHE B 226 -4.22 32.20 13.88
CA PHE B 226 -2.81 32.46 14.04
C PHE B 226 -2.20 33.10 12.80
N PHE B 227 -2.48 32.50 11.64
CA PHE B 227 -1.86 32.91 10.40
C PHE B 227 -2.41 34.26 10.00
N THR B 228 -3.70 34.51 10.31
CA THR B 228 -4.27 35.84 10.06
C THR B 228 -3.44 36.87 10.82
N ALA B 229 -3.22 36.57 12.11
CA ALA B 229 -2.50 37.45 13.01
C ALA B 229 -1.07 37.67 12.52
N LYS B 230 -0.34 36.56 12.29
CA LYS B 230 1.01 36.67 11.79
C LYS B 230 1.11 37.52 10.52
N PHE B 231 0.24 37.30 9.54
CA PHE B 231 0.39 38.04 8.30
C PHE B 231 -0.02 39.50 8.43
N LEU B 232 -1.08 39.79 9.22
CA LEU B 232 -1.46 41.16 9.44
C LEU B 232 -0.35 41.90 10.19
N SER B 233 0.32 41.23 11.16
CA SER B 233 1.45 41.82 11.84
C SER B 233 2.52 42.25 10.84
N GLU B 234 2.90 41.33 9.94
CA GLU B 234 3.94 41.55 8.96
C GLU B 234 3.52 42.67 8.01
N MET B 235 2.24 42.78 7.74
CA MET B 235 1.71 43.84 6.86
C MET B 235 1.68 45.21 7.55
N GLY B 236 1.92 45.26 8.88
CA GLY B 236 2.05 46.51 9.61
C GLY B 236 0.84 46.87 10.47
N ALA B 237 -0.12 45.94 10.62
CA ALA B 237 -1.25 46.13 11.51
C ALA B 237 -0.76 45.93 12.93
N LYS B 238 -1.50 46.47 13.87
CA LYS B 238 -1.29 46.26 15.28
C LYS B 238 -2.30 45.23 15.79
N ILE B 239 -1.83 44.07 16.24
CA ILE B 239 -2.74 43.05 16.77
C ILE B 239 -2.97 43.37 18.26
N ILE B 240 -4.12 43.90 18.59
CA ILE B 240 -4.33 44.32 19.97
C ILE B 240 -5.11 43.29 20.79
N GLY B 241 -5.69 42.29 20.13
CA GLY B 241 -6.51 41.32 20.84
C GLY B 241 -6.53 39.99 20.11
N VAL B 242 -6.25 38.92 20.88
CA VAL B 242 -6.41 37.57 20.40
C VAL B 242 -7.16 36.75 21.44
N SER B 243 -7.83 35.68 21.01
CA SER B 243 -8.49 34.78 21.96
C SER B 243 -8.50 33.36 21.45
N ASP B 244 -8.80 32.42 22.37
CA ASP B 244 -9.18 31.08 21.97
C ASP B 244 -10.25 30.57 22.93
N ILE B 245 -10.52 29.26 22.92
CA ILE B 245 -11.60 28.77 23.74
C ILE B 245 -11.30 28.98 25.23
N GLY B 246 -10.06 29.30 25.62
CA GLY B 246 -9.70 29.52 27.03
C GLY B 246 -9.89 30.98 27.46
N GLY B 247 -10.20 31.86 26.48
CA GLY B 247 -10.43 33.27 26.76
C GLY B 247 -9.47 34.10 25.92
N GLY B 248 -9.42 35.41 26.19
CA GLY B 248 -8.72 36.35 25.34
C GLY B 248 -7.79 37.25 26.14
N VAL B 249 -6.99 38.02 25.39
CA VAL B 249 -6.04 38.96 25.95
C VAL B 249 -6.03 40.18 25.05
N ILE B 250 -6.07 41.37 25.67
CA ILE B 250 -6.01 42.64 24.98
C ILE B 250 -4.74 43.38 25.43
N ASN B 251 -4.00 43.94 24.45
CA ASN B 251 -2.88 44.81 24.79
C ASN B 251 -2.82 45.93 23.76
N GLU B 252 -3.13 47.17 24.16
CA GLU B 252 -3.34 48.25 23.22
C GLU B 252 -2.01 48.64 22.57
N ASN B 253 -0.89 48.17 23.16
CA ASN B 253 0.44 48.39 22.61
C ASN B 253 0.77 47.35 21.54
N GLY B 254 -0.04 46.29 21.45
CA GLY B 254 0.23 45.26 20.47
C GLY B 254 0.61 43.93 21.13
N ILE B 255 0.19 42.84 20.51
CA ILE B 255 0.53 41.50 20.95
C ILE B 255 1.66 40.97 20.08
N ASP B 256 2.65 40.33 20.71
CA ASP B 256 3.68 39.59 19.99
C ASP B 256 3.10 38.24 19.59
N VAL B 257 2.80 38.11 18.29
CA VAL B 257 2.06 36.98 17.76
C VAL B 257 2.83 35.65 17.93
N ASN B 258 4.11 35.64 17.64
CA ASN B 258 4.86 34.39 17.79
C ASN B 258 4.94 33.99 19.27
N ARG B 259 5.09 34.97 20.13
CA ARG B 259 5.12 34.70 21.56
C ARG B 259 3.80 34.12 22.05
N ALA B 260 2.70 34.65 21.54
CA ALA B 260 1.40 34.11 21.89
C ALA B 260 1.21 32.66 21.50
N LEU B 261 1.76 32.28 20.35
CA LEU B 261 1.69 30.88 19.99
C LEU B 261 2.56 30.03 20.92
N GLU B 262 3.74 30.52 21.31
CA GLU B 262 4.54 29.87 22.36
C GLU B 262 3.73 29.63 23.63
N VAL B 263 2.98 30.66 24.07
CA VAL B 263 2.15 30.56 25.26
C VAL B 263 1.13 29.46 25.06
N VAL B 264 0.53 29.37 23.86
CA VAL B 264 -0.50 28.37 23.62
C VAL B 264 0.13 26.99 23.76
N GLN B 265 1.30 26.80 23.13
CA GLN B 265 1.94 25.49 23.10
C GLN B 265 2.34 25.09 24.51
N SER B 266 2.81 26.03 25.34
CA SER B 266 3.27 25.65 26.67
C SER B 266 2.16 25.63 27.72
N THR B 267 1.04 26.35 27.52
CA THR B 267 -0.01 26.43 28.53
C THR B 267 -1.36 25.93 28.03
N GLY B 268 -1.56 25.87 26.70
CA GLY B 268 -2.84 25.42 26.17
C GLY B 268 -3.84 26.53 25.83
N SER B 269 -3.62 27.79 26.25
CA SER B 269 -4.48 28.91 25.86
C SER B 269 -3.67 30.20 25.78
N VAL B 270 -4.04 31.05 24.82
CA VAL B 270 -3.47 32.39 24.67
C VAL B 270 -3.90 33.25 25.88
N VAL B 271 -4.90 32.78 26.64
CA VAL B 271 -5.38 33.57 27.77
C VAL B 271 -4.27 33.68 28.83
N ASN B 272 -3.21 32.86 28.72
CA ASN B 272 -2.12 32.86 29.69
C ASN B 272 -1.01 33.82 29.29
N TYR B 273 -1.26 34.65 28.27
CA TYR B 273 -0.32 35.65 27.81
C TYR B 273 -0.19 36.71 28.90
N LEU B 274 1.06 36.92 29.34
CA LEU B 274 1.29 37.63 30.58
C LEU B 274 1.00 39.11 30.39
N GLU B 275 1.49 39.70 29.30
CA GLU B 275 1.44 41.15 29.16
C GLU B 275 0.18 41.60 28.44
N GLY B 276 -0.92 41.72 29.19
CA GLY B 276 -2.19 42.14 28.63
C GLY B 276 -3.32 41.95 29.64
N LYS B 277 -4.49 42.52 29.32
CA LYS B 277 -5.68 42.38 30.13
C LYS B 277 -6.44 41.13 29.67
N LYS B 278 -6.73 40.23 30.62
CA LYS B 278 -7.47 39.00 30.30
C LYS B 278 -8.95 39.31 30.19
N VAL B 279 -9.60 38.75 29.15
CA VAL B 279 -11.01 39.02 28.88
C VAL B 279 -11.75 37.73 28.50
N THR B 280 -13.06 37.75 28.71
CA THR B 280 -13.94 36.74 28.15
C THR B 280 -13.95 36.95 26.64
N ASN B 281 -14.36 35.91 25.94
CA ASN B 281 -14.57 36.01 24.49
C ASN B 281 -15.65 37.04 24.20
N GLU B 282 -16.66 37.10 25.07
CA GLU B 282 -17.76 38.02 24.86
C GLU B 282 -17.23 39.46 24.89
N GLU B 283 -16.39 39.74 25.88
CA GLU B 283 -15.80 41.04 26.07
C GLU B 283 -14.88 41.37 24.90
N LEU B 284 -14.07 40.40 24.48
CA LEU B 284 -13.20 40.62 23.35
C LEU B 284 -13.98 41.18 22.15
N LEU B 285 -15.09 40.53 21.80
CA LEU B 285 -15.80 40.88 20.57
C LEU B 285 -16.37 42.31 20.59
N ILE B 286 -16.58 42.88 21.79
CA ILE B 286 -17.18 44.20 21.88
C ILE B 286 -16.15 45.23 22.33
N SER B 287 -14.88 44.83 22.29
CA SER B 287 -13.78 45.72 22.63
C SER B 287 -13.45 46.67 21.48
N ASP B 288 -12.90 47.82 21.86
CA ASP B 288 -12.57 48.85 20.90
C ASP B 288 -11.48 48.37 19.95
N CYS B 289 -11.69 48.55 18.64
CA CYS B 289 -10.70 48.16 17.63
C CYS B 289 -11.08 48.74 16.29
N ASP B 290 -10.23 48.58 15.29
CA ASP B 290 -10.55 49.07 13.97
C ASP B 290 -11.10 47.92 13.10
N ILE B 291 -10.40 46.78 13.16
CA ILE B 291 -10.80 45.60 12.43
C ILE B 291 -11.09 44.47 13.41
N LEU B 292 -12.26 43.81 13.27
CA LEU B 292 -12.59 42.64 14.07
C LEU B 292 -12.67 41.42 13.15
N ILE B 293 -11.96 40.33 13.56
CA ILE B 293 -11.86 39.14 12.73
C ILE B 293 -12.30 37.91 13.53
N PRO B 294 -13.61 37.58 13.51
CA PRO B 294 -14.07 36.28 13.99
C PRO B 294 -13.39 35.16 13.23
N ALA B 295 -12.67 34.28 13.95
CA ALA B 295 -11.88 33.22 13.31
C ALA B 295 -11.95 31.92 14.12
N ALA B 296 -13.06 31.73 14.83
CA ALA B 296 -13.26 30.55 15.66
C ALA B 296 -14.51 29.79 15.18
N VAL B 297 -15.69 30.23 15.61
CA VAL B 297 -16.90 29.44 15.40
C VAL B 297 -18.00 30.34 14.85
N GLU B 298 -19.16 29.73 14.55
CA GLU B 298 -20.29 30.45 13.98
C GLU B 298 -21.11 31.14 15.07
N ASN B 299 -21.91 32.11 14.66
CA ASN B 299 -22.98 32.70 15.46
C ASN B 299 -22.43 33.40 16.70
N VAL B 300 -21.24 33.99 16.60
CA VAL B 300 -20.59 34.62 17.73
C VAL B 300 -21.05 36.08 17.80
N ILE B 301 -21.51 36.64 16.67
CA ILE B 301 -22.06 37.98 16.67
C ILE B 301 -23.52 37.91 16.22
N ASN B 302 -24.41 38.45 17.07
CA ASN B 302 -25.83 38.15 16.99
C ASN B 302 -26.59 39.42 17.38
N LYS B 303 -27.90 39.30 17.57
CA LYS B 303 -28.68 40.51 17.84
C LYS B 303 -28.27 41.14 19.18
N PHE B 304 -27.69 40.37 20.11
CA PHE B 304 -27.36 40.86 21.45
C PHE B 304 -26.05 41.67 21.43
N ASN B 305 -25.00 41.23 20.69
CA ASN B 305 -23.71 41.96 20.75
C ASN B 305 -23.43 42.81 19.51
N ALA B 306 -24.17 42.59 18.39
CA ALA B 306 -23.94 43.38 17.19
C ALA B 306 -24.05 44.88 17.45
N PRO B 307 -25.01 45.38 18.31
CA PRO B 307 -25.06 46.80 18.66
C PRO B 307 -23.85 47.36 19.37
N LYS B 308 -23.09 46.51 20.07
CA LYS B 308 -21.96 46.87 20.91
C LYS B 308 -20.58 46.63 20.28
N VAL B 309 -20.51 46.03 19.09
CA VAL B 309 -19.23 45.89 18.37
C VAL B 309 -18.71 47.30 18.04
N ARG B 310 -17.41 47.53 18.21
CA ARG B 310 -16.82 48.87 18.09
C ARG B 310 -15.94 49.01 16.84
N ALA B 311 -15.86 47.97 15.99
CA ALA B 311 -15.00 47.99 14.83
C ALA B 311 -15.60 48.79 13.69
N LYS B 312 -14.74 49.30 12.82
CA LYS B 312 -15.14 49.86 11.54
C LYS B 312 -15.42 48.80 10.47
N LEU B 313 -14.66 47.70 10.52
CA LEU B 313 -14.58 46.68 9.49
C LEU B 313 -14.56 45.28 10.13
N ILE B 314 -15.53 44.42 9.77
CA ILE B 314 -15.48 43.03 10.16
C ILE B 314 -15.03 42.19 8.95
N VAL B 315 -14.04 41.30 9.15
CA VAL B 315 -13.58 40.36 8.11
C VAL B 315 -13.78 38.93 8.64
N GLU B 316 -14.65 38.19 7.97
CA GLU B 316 -15.09 36.89 8.47
C GLU B 316 -14.08 35.79 8.10
N GLY B 317 -13.24 35.41 9.06
CA GLY B 317 -12.35 34.26 8.92
C GLY B 317 -13.12 32.95 9.13
N ALA B 318 -13.89 32.89 10.23
CA ALA B 318 -14.79 31.78 10.52
C ALA B 318 -15.86 31.66 9.46
N ASN B 319 -16.45 30.49 9.38
CA ASN B 319 -17.72 30.35 8.69
C ASN B 319 -18.88 30.81 9.56
N GLY B 320 -19.76 31.61 8.94
CA GLY B 320 -21.00 32.01 9.59
C GLY B 320 -20.89 32.66 10.97
N PRO B 321 -19.97 33.61 11.25
CA PRO B 321 -19.86 34.22 12.57
C PRO B 321 -20.96 35.22 12.94
N LEU B 322 -21.51 35.90 11.92
CA LEU B 322 -22.61 36.83 12.12
C LEU B 322 -23.95 36.18 11.77
N THR B 323 -24.97 36.47 12.59
CA THR B 323 -26.31 36.05 12.28
C THR B 323 -26.93 37.06 11.31
N ALA B 324 -28.08 36.69 10.77
CA ALA B 324 -28.79 37.61 9.89
C ALA B 324 -29.16 38.90 10.62
N ASP B 325 -29.47 38.84 11.93
CA ASP B 325 -29.88 40.04 12.64
C ASP B 325 -28.65 40.94 12.71
N ALA B 326 -27.48 40.30 12.90
CA ALA B 326 -26.25 41.05 13.05
C ALA B 326 -25.96 41.83 11.78
N ASP B 327 -26.15 41.21 10.60
CA ASP B 327 -25.93 41.82 9.29
C ASP B 327 -26.77 43.11 9.23
N GLU B 328 -28.02 42.99 9.63
CA GLU B 328 -28.94 44.14 9.56
C GLU B 328 -28.44 45.30 10.43
N ILE B 329 -28.01 44.97 11.67
CA ILE B 329 -27.49 45.97 12.57
C ILE B 329 -26.20 46.56 12.02
N MET B 330 -25.27 45.74 11.49
CA MET B 330 -24.04 46.30 10.95
C MET B 330 -24.31 47.24 9.78
N LYS B 331 -25.26 46.87 8.94
CA LYS B 331 -25.67 47.74 7.85
C LYS B 331 -26.19 49.08 8.35
N GLN B 332 -27.04 49.04 9.39
CA GLN B 332 -27.62 50.26 9.95
C GLN B 332 -26.56 51.11 10.61
N ARG B 333 -25.50 50.46 11.15
CA ARG B 333 -24.46 51.14 11.87
C ARG B 333 -23.33 51.64 10.99
N GLY B 334 -23.33 51.25 9.69
CA GLY B 334 -22.26 51.62 8.78
C GLY B 334 -20.97 50.82 8.99
N VAL B 335 -21.10 49.60 9.54
CA VAL B 335 -19.96 48.71 9.72
C VAL B 335 -19.90 47.83 8.47
N ILE B 336 -18.77 47.87 7.78
CA ILE B 336 -18.57 47.06 6.58
C ILE B 336 -18.21 45.63 6.98
N VAL B 337 -18.98 44.65 6.45
CA VAL B 337 -18.68 43.25 6.68
C VAL B 337 -18.21 42.59 5.39
N ILE B 338 -17.02 41.97 5.44
CA ILE B 338 -16.51 41.18 4.32
C ILE B 338 -16.90 39.75 4.62
N PRO B 339 -17.85 39.20 3.84
CA PRO B 339 -18.41 37.88 4.14
C PRO B 339 -17.45 36.68 4.03
N ASP B 340 -17.73 35.66 4.80
CA ASP B 340 -16.90 34.46 4.83
C ASP B 340 -16.67 33.91 3.43
N ILE B 341 -17.74 33.87 2.66
CA ILE B 341 -17.62 33.21 1.33
C ILE B 341 -16.54 33.86 0.48
N LEU B 342 -16.22 35.12 0.68
CA LEU B 342 -15.02 35.71 0.09
C LEU B 342 -13.79 35.62 1.01
N ALA B 343 -13.89 36.12 2.24
CA ALA B 343 -12.73 36.47 3.02
C ALA B 343 -11.94 35.22 3.35
N ASN B 344 -12.61 34.06 3.53
CA ASN B 344 -11.98 32.90 4.08
C ASN B 344 -11.67 31.88 3.00
N ALA B 345 -12.00 32.23 1.74
CA ALA B 345 -11.86 31.29 0.64
C ALA B 345 -10.42 30.93 0.32
N GLY B 346 -9.41 31.54 0.99
CA GLY B 346 -8.02 31.10 0.81
C GLY B 346 -7.82 29.60 1.15
N GLY B 347 -8.55 29.09 2.12
CA GLY B 347 -8.50 27.66 2.40
C GLY B 347 -8.87 26.83 1.18
N VAL B 348 -10.10 26.99 0.67
CA VAL B 348 -10.60 26.13 -0.38
C VAL B 348 -9.91 26.44 -1.70
N VAL B 349 -9.46 27.70 -1.92
CA VAL B 349 -8.70 27.99 -3.13
C VAL B 349 -7.33 27.32 -3.03
N GLY B 350 -6.72 27.33 -1.85
CA GLY B 350 -5.50 26.55 -1.65
C GLY B 350 -5.72 25.05 -1.84
N SER B 351 -6.90 24.56 -1.45
CA SER B 351 -7.27 23.16 -1.64
C SER B 351 -7.36 22.83 -3.12
N TYR B 352 -7.98 23.77 -3.85
CA TYR B 352 -8.07 23.62 -5.30
C TYR B 352 -6.69 23.46 -5.92
N VAL B 353 -5.73 24.33 -5.57
CA VAL B 353 -4.41 24.20 -6.14
C VAL B 353 -3.76 22.87 -5.76
N GLU B 354 -3.92 22.46 -4.51
CA GLU B 354 -3.42 21.19 -4.07
C GLU B 354 -4.05 20.05 -4.87
N TRP B 355 -5.36 20.09 -5.06
CA TRP B 355 -6.07 19.05 -5.79
C TRP B 355 -5.65 19.01 -7.29
N ALA B 356 -5.57 20.17 -7.91
CA ALA B 356 -5.16 20.24 -9.32
C ALA B 356 -3.72 19.77 -9.47
N ASN B 357 -2.87 20.20 -8.54
CA ASN B 357 -1.48 19.79 -8.54
C ASN B 357 -1.40 18.26 -8.43
N ASN B 358 -2.16 17.64 -7.53
CA ASN B 358 -2.17 16.18 -7.45
C ASN B 358 -2.60 15.55 -8.79
N ARG B 359 -3.66 16.06 -9.39
CA ARG B 359 -4.18 15.54 -10.64
C ARG B 359 -3.16 15.70 -11.75
N SER B 360 -2.40 16.79 -11.72
CA SER B 360 -1.42 17.11 -12.73
C SER B 360 -0.16 16.26 -12.60
N GLY B 361 0.04 15.66 -11.44
CA GLY B 361 1.25 14.89 -11.19
C GLY B 361 2.26 15.65 -10.32
N GLY B 362 1.90 16.85 -9.87
CA GLY B 362 2.70 17.53 -8.86
C GLY B 362 3.55 18.64 -9.46
N ILE B 363 3.17 19.12 -10.66
CA ILE B 363 3.99 20.06 -11.41
C ILE B 363 4.20 21.35 -10.60
N ILE B 364 3.09 21.95 -10.12
CA ILE B 364 3.02 23.33 -9.63
C ILE B 364 3.92 23.52 -8.40
N SER B 365 4.77 24.55 -8.41
CA SER B 365 5.66 24.83 -7.30
C SER B 365 4.92 25.60 -6.21
N ASP B 366 5.57 25.73 -5.04
CA ASP B 366 4.96 26.40 -3.89
C ASP B 366 4.79 27.88 -4.19
N GLU B 367 5.71 28.46 -4.99
CA GLU B 367 5.70 29.90 -5.24
C GLU B 367 4.64 30.27 -6.28
N GLU B 368 4.52 29.47 -7.34
CA GLU B 368 3.43 29.65 -8.29
C GLU B 368 2.10 29.53 -7.53
N ALA B 369 2.01 28.55 -6.61
CA ALA B 369 0.79 28.25 -5.87
C ALA B 369 0.35 29.44 -5.02
N LYS B 370 1.28 30.04 -4.27
CA LYS B 370 1.00 31.21 -3.48
C LYS B 370 0.38 32.29 -4.36
N LYS B 371 0.98 32.51 -5.54
CA LYS B 371 0.57 33.59 -6.42
C LYS B 371 -0.86 33.35 -6.93
N LEU B 372 -1.14 32.11 -7.32
CA LEU B 372 -2.44 31.74 -7.87
C LEU B 372 -3.57 31.99 -6.85
N ILE B 373 -3.30 31.69 -5.58
CA ILE B 373 -4.30 31.85 -4.54
C ILE B 373 -4.58 33.32 -4.31
N VAL B 374 -3.49 34.09 -4.10
CA VAL B 374 -3.62 35.49 -3.76
C VAL B 374 -4.29 36.26 -4.90
N ASP B 375 -3.88 35.95 -6.12
CA ASP B 375 -4.49 36.62 -7.26
C ASP B 375 -5.98 36.30 -7.37
N ARG B 376 -6.40 35.07 -7.15
CA ARG B 376 -7.80 34.72 -7.33
C ARG B 376 -8.63 35.46 -6.30
N MET B 377 -8.09 35.58 -5.10
CA MET B 377 -8.79 36.29 -4.03
C MET B 377 -8.97 37.77 -4.35
N ILE B 378 -7.88 38.43 -4.70
CA ILE B 378 -7.97 39.86 -4.98
C ILE B 378 -8.89 40.09 -6.19
N ASN B 379 -8.71 39.26 -7.23
CA ASN B 379 -9.54 39.37 -8.41
C ASN B 379 -11.02 39.23 -8.03
N ALA B 380 -11.31 38.26 -7.16
CA ALA B 380 -12.68 38.01 -6.79
C ALA B 380 -13.24 39.19 -6.01
N PHE B 381 -12.45 39.76 -5.09
CA PHE B 381 -12.91 40.92 -4.32
C PHE B 381 -13.17 42.10 -5.25
N ASN B 382 -12.24 42.32 -6.20
CA ASN B 382 -12.34 43.44 -7.12
C ASN B 382 -13.54 43.26 -8.05
N THR B 383 -13.79 42.02 -8.51
CA THR B 383 -14.96 41.76 -9.34
C THR B 383 -16.24 42.09 -8.58
N LEU B 384 -16.31 41.67 -7.31
CA LEU B 384 -17.49 41.79 -6.46
C LEU B 384 -17.78 43.26 -6.15
N TYR B 385 -16.70 44.00 -5.88
CA TYR B 385 -16.75 45.43 -5.60
C TYR B 385 -17.33 46.22 -6.77
N ASP B 386 -16.80 45.97 -7.98
CA ASP B 386 -17.19 46.71 -9.18
C ASP B 386 -18.63 46.34 -9.54
N PHE B 387 -18.94 45.05 -9.42
CA PHE B 387 -20.26 44.55 -9.70
C PHE B 387 -21.30 45.25 -8.82
N HIS B 388 -20.95 45.34 -7.53
CA HIS B 388 -21.84 45.85 -6.52
C HIS B 388 -22.21 47.32 -6.76
N LYS B 389 -21.33 48.10 -7.42
CA LYS B 389 -21.66 49.46 -7.78
C LYS B 389 -22.84 49.53 -8.73
N ARG B 390 -22.95 48.57 -9.66
CA ARG B 390 -23.92 48.61 -10.74
C ARG B 390 -25.20 47.85 -10.38
N LYS B 391 -25.06 46.71 -9.69
CA LYS B 391 -26.19 45.85 -9.41
C LYS B 391 -26.22 45.51 -7.91
N PHE B 392 -27.44 45.48 -7.35
CA PHE B 392 -27.69 45.11 -5.96
C PHE B 392 -27.03 46.13 -5.04
N ALA B 393 -26.86 47.36 -5.53
CA ALA B 393 -26.27 48.44 -4.74
C ALA B 393 -27.08 48.75 -3.48
N ASP B 394 -28.34 48.29 -3.44
CA ASP B 394 -29.24 48.46 -2.31
C ASP B 394 -29.09 47.31 -1.29
N GLN B 395 -28.15 46.39 -1.53
CA GLN B 395 -27.88 45.28 -0.64
C GLN B 395 -26.42 45.30 -0.18
N ASP B 396 -26.14 44.61 0.93
CA ASP B 396 -24.79 44.54 1.47
C ASP B 396 -23.95 43.59 0.61
N LEU B 397 -22.67 43.52 0.95
CA LEU B 397 -21.70 42.75 0.22
C LEU B 397 -22.00 41.25 0.29
N ARG B 398 -22.37 40.75 1.46
CA ARG B 398 -22.77 39.36 1.58
C ARG B 398 -23.87 39.03 0.57
N THR B 399 -24.85 39.92 0.46
CA THR B 399 -26.02 39.60 -0.32
C THR B 399 -25.69 39.52 -1.80
N VAL B 400 -24.84 40.44 -2.28
CA VAL B 400 -24.40 40.46 -3.66
C VAL B 400 -23.52 39.24 -3.95
N ALA B 401 -22.63 38.85 -3.02
CA ALA B 401 -21.84 37.66 -3.23
C ALA B 401 -22.76 36.44 -3.37
N MET B 402 -23.76 36.33 -2.50
CA MET B 402 -24.65 35.19 -2.49
C MET B 402 -25.47 35.16 -3.77
N ALA B 403 -25.86 36.36 -4.23
CA ALA B 403 -26.65 36.49 -5.44
C ALA B 403 -25.87 35.89 -6.61
N LEU B 404 -24.61 36.29 -6.77
CA LEU B 404 -23.78 35.71 -7.83
C LEU B 404 -23.64 34.20 -7.65
N ALA B 405 -23.37 33.78 -6.39
CA ALA B 405 -23.04 32.38 -6.10
C ALA B 405 -24.23 31.47 -6.43
N VAL B 406 -25.41 31.90 -6.00
CA VAL B 406 -26.63 31.14 -6.21
C VAL B 406 -27.00 31.10 -7.69
N ASP B 407 -26.85 32.24 -8.38
CA ASP B 407 -27.23 32.37 -9.77
C ASP B 407 -26.40 31.40 -10.63
N ARG B 408 -25.12 31.25 -10.30
CA ARG B 408 -24.26 30.35 -11.05
C ARG B 408 -24.69 28.88 -10.85
N VAL B 409 -24.94 28.51 -9.60
CA VAL B 409 -25.46 27.18 -9.30
C VAL B 409 -26.76 26.91 -10.05
N VAL B 410 -27.73 27.83 -9.98
CA VAL B 410 -29.01 27.64 -10.65
C VAL B 410 -28.82 27.42 -12.14
N GLY B 411 -27.95 28.24 -12.76
CA GLY B 411 -27.69 28.10 -14.18
C GLY B 411 -27.12 26.72 -14.53
N ALA B 412 -26.21 26.21 -13.71
CA ALA B 412 -25.62 24.90 -13.94
C ALA B 412 -26.67 23.79 -13.77
N MET B 413 -27.58 23.96 -12.82
CA MET B 413 -28.62 22.95 -12.59
C MET B 413 -29.62 22.96 -13.77
N LYS B 414 -29.91 24.15 -14.29
CA LYS B 414 -30.85 24.27 -15.40
C LYS B 414 -30.25 23.57 -16.61
N ALA B 415 -28.97 23.89 -16.87
CA ALA B 415 -28.24 23.25 -17.96
C ALA B 415 -28.30 21.73 -17.84
N ARG B 416 -28.19 21.19 -16.61
CA ARG B 416 -28.19 19.75 -16.43
C ARG B 416 -29.61 19.16 -16.39
N GLY B 417 -30.67 19.93 -16.61
CA GLY B 417 -32.04 19.42 -16.58
C GLY B 417 -32.58 19.19 -15.15
N LEU B 418 -32.00 19.84 -14.16
CA LEU B 418 -32.29 19.41 -12.80
C LEU B 418 -33.31 20.31 -12.12
N LEU B 419 -33.73 21.36 -12.84
CA LEU B 419 -34.42 22.52 -12.29
C LEU B 419 -35.20 23.15 -13.43
N THR C 6 13.37 -22.60 1.35
CA THR C 6 13.23 -22.50 2.80
C THR C 6 12.55 -23.75 3.36
N SER C 7 12.39 -24.77 2.52
CA SER C 7 11.82 -26.05 3.00
C SER C 7 12.07 -27.22 2.03
N ASN C 8 12.05 -28.43 2.55
CA ASN C 8 12.25 -29.61 1.72
C ASN C 8 10.90 -30.12 1.26
N LEU C 9 9.84 -29.65 1.91
CA LEU C 9 8.48 -30.04 1.53
C LEU C 9 8.22 -29.67 0.06
N LEU C 10 8.82 -28.58 -0.44
CA LEU C 10 8.65 -28.22 -1.83
C LEU C 10 9.49 -29.16 -2.70
N VAL C 11 10.67 -29.48 -2.23
CA VAL C 11 11.53 -30.41 -2.95
C VAL C 11 10.81 -31.76 -3.11
N GLN C 12 10.22 -32.28 -2.02
CA GLN C 12 9.44 -33.51 -2.05
C GLN C 12 8.26 -33.46 -3.02
N GLN C 13 7.41 -32.41 -2.95
CA GLN C 13 6.26 -32.26 -3.84
C GLN C 13 6.67 -32.19 -5.31
N VAL C 14 7.71 -31.38 -5.63
CA VAL C 14 8.20 -31.31 -7.00
C VAL C 14 8.68 -32.71 -7.44
N LYS C 15 9.42 -33.43 -6.57
CA LYS C 15 9.97 -34.73 -6.98
C LYS C 15 8.84 -35.72 -7.26
N LYS C 16 7.76 -35.69 -6.45
CA LYS C 16 6.62 -36.58 -6.65
C LYS C 16 5.93 -36.25 -7.99
N LEU C 17 5.94 -34.98 -8.36
CA LEU C 17 5.24 -34.57 -9.55
C LEU C 17 5.99 -35.07 -10.79
N TYR C 18 7.33 -35.00 -10.78
CA TYR C 18 8.17 -35.55 -11.84
C TYR C 18 7.94 -37.05 -11.99
N LYS C 19 7.82 -37.79 -10.90
CA LYS C 19 7.60 -39.23 -10.99
C LYS C 19 6.22 -39.51 -11.55
N VAL C 20 5.20 -38.78 -11.10
CA VAL C 20 3.85 -39.00 -11.58
C VAL C 20 3.76 -38.60 -13.06
N GLY C 21 4.43 -37.51 -13.45
CA GLY C 21 4.39 -37.05 -14.82
C GLY C 21 5.03 -38.09 -15.74
N GLU C 22 6.14 -38.66 -15.27
CA GLU C 22 6.81 -39.72 -16.00
C GLU C 22 5.86 -40.91 -16.16
N LEU C 23 5.17 -41.31 -15.08
CA LEU C 23 4.22 -42.41 -15.14
C LEU C 23 3.09 -42.17 -16.15
N LEU C 24 2.64 -40.91 -16.28
CA LEU C 24 1.56 -40.54 -17.18
C LEU C 24 2.07 -40.32 -18.61
N GLY C 25 3.39 -40.39 -18.84
CA GLY C 25 3.98 -40.14 -20.13
C GLY C 25 3.96 -38.66 -20.54
N LEU C 26 3.98 -37.75 -19.56
CA LEU C 26 3.94 -36.31 -19.84
C LEU C 26 5.36 -35.85 -20.14
N ASP C 27 5.52 -34.87 -21.02
CA ASP C 27 6.88 -34.45 -21.32
C ASP C 27 7.34 -33.52 -20.21
N SER C 28 8.66 -33.43 -20.11
CA SER C 28 9.38 -32.59 -19.18
C SER C 28 8.80 -31.17 -19.11
N GLU C 29 8.49 -30.60 -20.28
CA GLU C 29 8.00 -29.24 -20.41
C GLU C 29 6.63 -29.06 -19.78
N THR C 30 5.75 -30.07 -19.87
CA THR C 30 4.45 -30.02 -19.24
C THR C 30 4.60 -30.05 -17.72
N ILE C 31 5.45 -30.95 -17.25
CA ILE C 31 5.72 -31.12 -15.83
C ILE C 31 6.27 -29.82 -15.25
N ASP C 32 7.12 -29.13 -16.02
CA ASP C 32 7.73 -27.89 -15.54
C ASP C 32 6.65 -26.86 -15.23
N VAL C 33 5.65 -26.76 -16.11
CA VAL C 33 4.55 -25.84 -15.91
C VAL C 33 3.80 -26.19 -14.64
N LEU C 34 3.52 -27.47 -14.46
CA LEU C 34 2.75 -27.90 -13.31
C LEU C 34 3.48 -27.67 -11.99
N SER C 35 4.81 -27.78 -12.01
CA SER C 35 5.63 -27.75 -10.80
C SER C 35 5.86 -26.32 -10.29
N GLN C 36 5.43 -25.31 -11.03
CA GLN C 36 5.69 -23.95 -10.61
C GLN C 36 4.34 -23.33 -10.30
N PRO C 37 4.25 -22.56 -9.20
CA PRO C 37 2.99 -21.90 -8.93
C PRO C 37 2.71 -20.78 -9.93
N GLU C 38 1.44 -20.58 -10.17
CA GLU C 38 1.01 -19.46 -11.01
C GLU C 38 1.35 -18.11 -10.44
N ARG C 39 1.07 -17.93 -9.11
CA ARG C 39 1.36 -16.66 -8.51
C ARG C 39 1.60 -16.92 -7.02
N VAL C 40 2.58 -16.22 -6.47
CA VAL C 40 2.81 -16.26 -5.01
C VAL C 40 3.00 -14.84 -4.55
N MET C 41 2.31 -14.44 -3.45
CA MET C 41 2.51 -13.15 -2.87
C MET C 41 3.16 -13.31 -1.49
N GLN C 42 4.18 -12.48 -1.24
CA GLN C 42 4.73 -12.29 0.08
C GLN C 42 4.37 -10.89 0.57
N VAL C 43 3.97 -10.78 1.84
CA VAL C 43 3.57 -9.53 2.39
C VAL C 43 4.20 -9.29 3.76
N LYS C 44 4.47 -8.01 4.04
CA LYS C 44 4.99 -7.58 5.31
C LYS C 44 3.86 -7.10 6.20
N ILE C 45 3.81 -7.61 7.44
CA ILE C 45 2.83 -7.12 8.41
C ILE C 45 3.59 -6.60 9.61
N GLN C 46 3.32 -5.34 10.02
CA GLN C 46 3.89 -4.86 11.25
C GLN C 46 2.75 -4.52 12.21
N ILE C 47 3.01 -4.83 13.49
CA ILE C 47 2.08 -4.67 14.57
C ILE C 47 2.83 -4.01 15.74
N ARG C 48 2.13 -3.12 16.43
CA ARG C 48 2.60 -2.56 17.69
C ARG C 48 1.76 -3.18 18.79
N SER C 49 2.42 -3.95 19.66
CA SER C 49 1.84 -4.43 20.91
C SER C 49 1.46 -3.26 21.83
N SER C 50 0.78 -3.56 22.92
CA SER C 50 0.46 -2.53 23.90
C SER C 50 1.71 -2.29 24.71
N ASP C 51 2.60 -3.27 24.75
CA ASP C 51 3.87 -3.10 25.44
C ASP C 51 4.60 -1.96 24.75
N GLY C 52 4.23 -1.68 23.51
CA GLY C 52 4.84 -0.58 22.81
C GLY C 52 5.83 -1.03 21.78
N LYS C 53 6.10 -2.33 21.71
CA LYS C 53 7.12 -2.76 20.77
C LYS C 53 6.50 -2.99 19.40
N LEU C 54 7.23 -2.59 18.36
CA LEU C 54 6.83 -2.85 16.98
C LEU C 54 7.48 -4.17 16.54
N ARG C 55 6.67 -5.07 15.99
CA ARG C 55 7.18 -6.32 15.47
C ARG C 55 6.76 -6.44 14.01
N THR C 56 7.61 -7.11 13.22
CA THR C 56 7.37 -7.33 11.79
C THR C 56 7.25 -8.82 11.49
N PHE C 57 6.21 -9.21 10.74
CA PHE C 57 5.99 -10.59 10.33
C PHE C 57 5.85 -10.69 8.82
N ILE C 58 6.36 -11.78 8.27
CA ILE C 58 6.24 -12.06 6.85
C ILE C 58 5.20 -13.15 6.64
N GLY C 59 4.33 -12.98 5.64
CA GLY C 59 3.41 -14.05 5.28
C GLY C 59 3.37 -14.26 3.76
N TRP C 60 2.64 -15.32 3.34
CA TRP C 60 2.59 -15.74 1.95
C TRP C 60 1.21 -16.25 1.61
N ARG C 61 0.86 -16.08 0.30
CA ARG C 61 -0.27 -16.72 -0.33
C ARG C 61 0.22 -17.27 -1.66
N SER C 62 0.24 -18.62 -1.71
CA SER C 62 0.65 -19.36 -2.91
C SER C 62 -0.57 -19.83 -3.69
N GLN C 63 -0.64 -19.37 -4.93
CA GLN C 63 -1.72 -19.68 -5.82
C GLN C 63 -1.13 -20.59 -6.90
N HIS C 64 -1.23 -21.90 -6.63
CA HIS C 64 -0.43 -22.89 -7.37
C HIS C 64 -0.98 -23.08 -8.80
N ASN C 65 -2.26 -23.44 -8.86
CA ASN C 65 -2.88 -23.84 -10.12
C ASN C 65 -4.39 -23.58 -10.07
N SER C 66 -4.93 -22.96 -11.13
CA SER C 66 -6.33 -22.65 -11.25
C SER C 66 -6.99 -23.19 -12.54
N ALA C 67 -6.48 -24.28 -13.14
CA ALA C 67 -7.00 -24.94 -14.32
C ALA C 67 -8.47 -25.30 -14.11
N LEU C 68 -8.79 -25.74 -12.86
CA LEU C 68 -10.09 -26.36 -12.58
C LEU C 68 -11.03 -25.39 -11.85
N GLY C 69 -10.55 -24.19 -11.51
CA GLY C 69 -11.35 -23.31 -10.68
C GLY C 69 -10.51 -22.32 -9.87
N PRO C 70 -11.17 -21.46 -9.07
CA PRO C 70 -10.40 -20.51 -8.27
C PRO C 70 -9.56 -21.29 -7.26
N TYR C 71 -8.47 -20.65 -6.83
CA TYR C 71 -7.60 -21.26 -5.83
C TYR C 71 -8.40 -21.50 -4.55
N LYS C 72 -8.06 -22.58 -3.83
CA LYS C 72 -8.72 -23.00 -2.59
C LYS C 72 -7.72 -23.64 -1.66
N GLY C 73 -7.67 -23.16 -0.41
CA GLY C 73 -6.78 -23.70 0.61
C GLY C 73 -6.64 -22.79 1.85
N GLY C 74 -6.18 -23.38 2.95
CA GLY C 74 -6.19 -22.69 4.22
C GLY C 74 -4.96 -21.81 4.42
N VAL C 75 -4.87 -21.30 5.68
CA VAL C 75 -3.82 -20.39 6.09
C VAL C 75 -3.30 -20.85 7.45
N ARG C 76 -2.00 -21.20 7.51
CA ARG C 76 -1.40 -21.61 8.77
C ARG C 76 -0.55 -20.49 9.35
N TYR C 77 -0.60 -20.41 10.71
CA TYR C 77 0.29 -19.55 11.48
C TYR C 77 1.29 -20.44 12.25
N GLY C 78 2.55 -20.06 12.26
CA GLY C 78 3.57 -20.97 12.82
C GLY C 78 4.97 -20.39 12.73
N PRO C 79 5.85 -20.59 13.74
CA PRO C 79 7.13 -19.87 13.76
C PRO C 79 8.14 -20.44 12.73
N ASN C 80 7.84 -21.60 12.16
CA ASN C 80 8.77 -22.20 11.21
C ASN C 80 8.22 -22.13 9.77
N VAL C 81 7.08 -21.47 9.57
CA VAL C 81 6.49 -21.35 8.24
C VAL C 81 7.47 -20.63 7.33
N THR C 82 7.58 -21.14 6.09
CA THR C 82 8.41 -20.56 5.05
C THR C 82 7.63 -20.46 3.74
N GLN C 83 8.16 -19.63 2.85
CA GLN C 83 7.71 -19.53 1.47
C GLN C 83 7.60 -20.92 0.83
N ASP C 84 8.67 -21.75 0.89
CA ASP C 84 8.56 -23.03 0.22
C ASP C 84 7.54 -23.95 0.89
N GLU C 85 7.36 -23.90 2.21
CA GLU C 85 6.35 -24.74 2.84
C GLU C 85 4.95 -24.38 2.31
N VAL C 86 4.64 -23.09 2.16
CA VAL C 86 3.32 -22.65 1.72
C VAL C 86 3.05 -23.03 0.25
N ILE C 87 4.05 -22.82 -0.61
CA ILE C 87 4.00 -23.29 -2.02
C ILE C 87 3.74 -24.78 -2.07
N ALA C 88 4.54 -25.57 -1.32
CA ALA C 88 4.35 -26.99 -1.30
C ALA C 88 2.95 -27.38 -0.85
N LEU C 89 2.42 -26.80 0.24
CA LEU C 89 1.07 -27.12 0.66
C LEU C 89 0.03 -26.72 -0.37
N SER C 90 0.25 -25.62 -1.07
CA SER C 90 -0.64 -25.26 -2.17
C SER C 90 -0.67 -26.29 -3.33
N MET C 91 0.44 -27.01 -3.58
CA MET C 91 0.45 -28.05 -4.60
C MET C 91 -0.39 -29.22 -4.09
N ILE C 92 -0.33 -29.53 -2.78
CA ILE C 92 -1.10 -30.66 -2.28
C ILE C 92 -2.60 -30.35 -2.46
N MET C 93 -2.97 -29.07 -2.35
CA MET C 93 -4.35 -28.62 -2.45
C MET C 93 -4.84 -28.76 -3.90
N THR C 94 -4.00 -28.39 -4.87
CA THR C 94 -4.35 -28.60 -6.31
C THR C 94 -4.71 -30.07 -6.50
N TRP C 95 -3.86 -31.02 -6.06
CA TRP C 95 -4.15 -32.41 -6.35
C TRP C 95 -5.36 -32.94 -5.59
N LYS C 96 -5.57 -32.53 -4.34
CA LYS C 96 -6.67 -33.09 -3.57
C LYS C 96 -7.98 -32.54 -4.10
N ASN C 97 -7.94 -31.27 -4.47
CA ASN C 97 -9.10 -30.60 -5.08
C ASN C 97 -9.49 -31.23 -6.43
N SER C 98 -8.48 -31.62 -7.22
CA SER C 98 -8.71 -32.26 -8.51
C SER C 98 -9.25 -33.67 -8.26
N LEU C 99 -8.68 -34.35 -7.25
CA LEU C 99 -9.00 -35.75 -6.98
C LEU C 99 -10.44 -35.90 -6.57
N LEU C 100 -10.94 -34.95 -5.78
CA LEU C 100 -12.29 -34.96 -5.28
C LEU C 100 -13.28 -34.31 -6.24
N LEU C 101 -12.88 -34.04 -7.49
CA LEU C 101 -13.71 -33.45 -8.53
C LEU C 101 -14.40 -32.17 -8.01
N LEU C 102 -13.65 -31.31 -7.30
CA LEU C 102 -14.15 -30.02 -6.86
C LEU C 102 -13.79 -28.98 -7.93
N PRO C 103 -14.62 -27.92 -8.06
CA PRO C 103 -14.36 -26.87 -9.04
C PRO C 103 -13.38 -25.89 -8.50
N TYR C 104 -12.25 -26.42 -8.02
CA TYR C 104 -11.25 -25.58 -7.42
C TYR C 104 -9.81 -25.89 -7.77
N GLY C 105 -8.99 -24.87 -7.83
CA GLY C 105 -7.59 -25.04 -7.99
C GLY C 105 -6.93 -25.08 -6.60
N GLY C 106 -5.61 -25.07 -6.53
CA GLY C 106 -4.93 -25.16 -5.25
C GLY C 106 -4.25 -23.87 -4.80
N GLY C 107 -4.50 -23.51 -3.52
CA GLY C 107 -3.86 -22.37 -2.90
C GLY C 107 -3.61 -22.66 -1.42
N LYS C 108 -2.71 -21.87 -0.85
CA LYS C 108 -2.47 -22.01 0.58
C LYS C 108 -1.81 -20.73 1.08
N GLY C 109 -1.94 -20.39 2.39
CA GLY C 109 -1.21 -19.24 2.88
C GLY C 109 -0.53 -19.61 4.19
N GLY C 110 0.42 -18.80 4.61
CA GLY C 110 1.03 -18.97 5.92
C GLY C 110 1.66 -17.66 6.40
N ILE C 111 1.74 -17.50 7.74
CA ILE C 111 2.49 -16.40 8.28
C ILE C 111 3.52 -16.96 9.26
N ARG C 112 4.73 -16.37 9.25
CA ARG C 112 5.82 -16.85 10.06
C ARG C 112 5.70 -16.09 11.38
N VAL C 113 5.00 -16.71 12.29
CA VAL C 113 4.73 -16.12 13.59
C VAL C 113 4.51 -17.21 14.63
N ASP C 114 4.83 -16.93 15.91
CA ASP C 114 4.38 -17.82 16.96
C ASP C 114 3.12 -17.24 17.59
N PRO C 115 1.91 -17.75 17.19
CA PRO C 115 0.63 -17.12 17.53
C PRO C 115 0.36 -17.26 19.04
N LYS C 116 1.07 -18.19 19.69
CA LYS C 116 0.90 -18.40 21.12
C LYS C 116 1.53 -17.25 21.91
N LYS C 117 2.39 -16.44 21.29
CA LYS C 117 3.06 -15.33 21.97
C LYS C 117 2.36 -13.99 21.69
N LEU C 118 1.26 -14.01 20.93
CA LEU C 118 0.53 -12.79 20.66
C LEU C 118 -0.77 -12.80 21.47
N THR C 119 -1.24 -11.61 21.79
CA THR C 119 -2.56 -11.45 22.37
C THR C 119 -3.63 -11.67 21.29
N LEU C 120 -4.87 -11.82 21.77
CA LEU C 120 -5.97 -11.97 20.83
C LEU C 120 -6.02 -10.75 19.92
N LYS C 121 -5.87 -9.53 20.48
CA LYS C 121 -5.98 -8.32 19.68
C LYS C 121 -4.83 -8.26 18.66
N GLU C 122 -3.63 -8.70 19.04
CA GLU C 122 -2.48 -8.80 18.15
C GLU C 122 -2.73 -9.79 17.02
N LEU C 123 -3.34 -10.93 17.33
CA LEU C 123 -3.72 -11.89 16.32
C LEU C 123 -4.75 -11.34 15.35
N GLU C 124 -5.70 -10.57 15.87
CA GLU C 124 -6.69 -9.98 15.00
C GLU C 124 -6.02 -8.98 14.07
N ASP C 125 -5.11 -8.18 14.58
CA ASP C 125 -4.48 -7.15 13.78
C ASP C 125 -3.69 -7.82 12.65
N LEU C 126 -2.94 -8.86 13.05
CA LEU C 126 -2.21 -9.70 12.10
C LEU C 126 -3.11 -10.21 10.99
N SER C 127 -4.17 -10.94 11.38
CA SER C 127 -5.06 -11.54 10.42
C SER C 127 -5.70 -10.53 9.45
N ARG C 128 -6.15 -9.38 9.94
CA ARG C 128 -6.74 -8.32 9.12
C ARG C 128 -5.74 -7.82 8.09
N LYS C 129 -4.50 -7.60 8.55
CA LYS C 129 -3.49 -7.03 7.69
C LYS C 129 -3.10 -8.02 6.58
N TYR C 130 -2.98 -9.31 6.92
CA TYR C 130 -2.72 -10.33 5.90
C TYR C 130 -3.74 -10.24 4.77
N VAL C 131 -5.03 -10.15 5.14
CA VAL C 131 -6.07 -10.13 4.11
C VAL C 131 -5.97 -8.85 3.29
N GLN C 132 -5.85 -7.71 3.96
CA GLN C 132 -5.71 -6.42 3.28
C GLN C 132 -4.60 -6.47 2.21
N LEU C 133 -3.42 -6.98 2.55
CA LEU C 133 -2.22 -6.91 1.73
C LEU C 133 -2.30 -7.81 0.49
N ILE C 134 -3.22 -8.81 0.46
CA ILE C 134 -3.36 -9.66 -0.71
C ILE C 134 -4.73 -9.54 -1.40
N HIS C 135 -5.64 -8.68 -0.91
CA HIS C 135 -7.06 -8.84 -1.22
C HIS C 135 -7.32 -8.66 -2.70
N LYS C 136 -6.52 -7.89 -3.44
CA LYS C 136 -6.79 -7.74 -4.86
C LYS C 136 -6.68 -9.06 -5.65
N TYR C 137 -6.04 -10.11 -5.07
CA TYR C 137 -6.03 -11.45 -5.64
C TYR C 137 -6.77 -12.48 -4.79
N LEU C 138 -7.74 -12.01 -3.98
CA LEU C 138 -8.73 -12.89 -3.35
C LEU C 138 -10.12 -12.62 -3.92
N GLY C 139 -11.09 -13.54 -3.67
CA GLY C 139 -12.47 -13.30 -4.04
C GLY C 139 -13.19 -14.64 -3.99
N SER C 140 -14.51 -14.62 -4.00
CA SER C 140 -15.28 -15.88 -3.98
C SER C 140 -15.19 -16.63 -5.33
N ASP C 141 -14.66 -15.98 -6.35
CA ASP C 141 -14.42 -16.62 -7.65
C ASP C 141 -12.99 -16.36 -8.11
N VAL C 142 -12.07 -16.26 -7.12
CA VAL C 142 -10.67 -15.94 -7.34
C VAL C 142 -9.80 -16.83 -6.45
N ASP C 143 -9.87 -16.64 -5.14
CA ASP C 143 -9.13 -17.45 -4.21
C ASP C 143 -9.81 -17.37 -2.85
N ILE C 144 -10.24 -18.53 -2.35
CA ILE C 144 -11.07 -18.69 -1.18
C ILE C 144 -10.24 -19.34 -0.07
N PRO C 145 -9.74 -18.56 0.91
CA PRO C 145 -9.01 -19.13 2.03
C PRO C 145 -9.88 -19.84 3.07
N ALA C 146 -9.22 -20.38 4.10
CA ALA C 146 -9.87 -21.22 5.07
C ALA C 146 -8.86 -21.47 6.20
N PRO C 147 -9.28 -22.25 7.17
CA PRO C 147 -8.28 -22.46 8.21
C PRO C 147 -7.22 -23.51 7.94
N ASP C 148 -6.27 -23.62 8.84
CA ASP C 148 -5.28 -24.66 8.79
C ASP C 148 -4.71 -24.58 10.21
N ILE C 149 -3.46 -24.95 10.36
CA ILE C 149 -2.83 -24.88 11.69
C ILE C 149 -2.85 -23.50 12.36
N ASN C 150 -3.30 -23.48 13.63
CA ASN C 150 -3.29 -22.28 14.43
C ASN C 150 -4.27 -21.22 13.91
N THR C 151 -5.11 -21.57 12.91
CA THR C 151 -6.22 -20.69 12.55
C THR C 151 -7.55 -21.47 12.65
N ASN C 152 -8.70 -20.76 12.67
CA ASN C 152 -9.93 -21.38 13.15
C ASN C 152 -11.07 -20.45 12.72
N PRO C 153 -12.35 -20.78 13.00
CA PRO C 153 -13.47 -19.88 12.73
C PRO C 153 -13.34 -18.43 13.19
N GLN C 154 -12.70 -18.23 14.34
CA GLN C 154 -12.45 -16.89 14.85
C GLN C 154 -11.55 -16.12 13.89
N THR C 155 -10.51 -16.78 13.44
CA THR C 155 -9.61 -16.19 12.45
C THR C 155 -10.38 -15.85 11.17
N MET C 156 -11.30 -16.74 10.79
CA MET C 156 -12.04 -16.54 9.56
C MET C 156 -13.04 -15.40 9.79
N ALA C 157 -13.56 -15.19 11.01
CA ALA C 157 -14.41 -14.05 11.25
C ALA C 157 -13.65 -12.71 11.02
N TRP C 158 -12.39 -12.67 11.42
CA TRP C 158 -11.55 -11.47 11.27
C TRP C 158 -11.22 -11.21 9.81
N PHE C 159 -10.82 -12.27 9.11
CA PHE C 159 -10.60 -12.24 7.68
C PHE C 159 -11.82 -11.65 6.98
N LEU C 160 -13.00 -12.24 7.24
CA LEU C 160 -14.23 -11.79 6.62
C LEU C 160 -14.49 -10.33 6.93
N ASP C 161 -14.37 -9.92 8.19
CA ASP C 161 -14.76 -8.58 8.59
C ASP C 161 -13.86 -7.54 7.91
N GLU C 162 -12.57 -7.91 7.77
CA GLU C 162 -11.64 -7.00 7.09
C GLU C 162 -12.02 -6.92 5.62
N TYR C 163 -12.48 -8.03 5.03
CA TYR C 163 -12.73 -8.10 3.60
C TYR C 163 -13.97 -7.25 3.30
N ILE C 164 -14.92 -7.28 4.24
CA ILE C 164 -16.14 -6.46 4.18
C ILE C 164 -15.77 -4.99 4.25
N LYS C 165 -14.97 -4.65 5.26
CA LYS C 165 -14.42 -3.30 5.39
C LYS C 165 -13.87 -2.79 4.07
N ILE C 166 -13.02 -3.59 3.42
CA ILE C 166 -12.29 -3.15 2.24
C ILE C 166 -13.18 -3.05 1.01
N THR C 167 -14.00 -4.08 0.76
CA THR C 167 -14.74 -4.20 -0.48
C THR C 167 -16.12 -3.56 -0.37
N GLY C 168 -16.69 -3.46 0.84
CA GLY C 168 -18.05 -2.97 0.98
C GLY C 168 -19.06 -4.09 0.76
N LYS C 169 -18.58 -5.32 0.49
CA LYS C 169 -19.47 -6.39 0.03
C LYS C 169 -19.55 -7.46 1.12
N VAL C 170 -20.76 -7.94 1.40
CA VAL C 170 -20.93 -9.00 2.38
C VAL C 170 -20.97 -10.33 1.64
N ASP C 171 -19.80 -10.66 1.10
CA ASP C 171 -19.59 -11.85 0.30
C ASP C 171 -19.09 -12.96 1.20
N PHE C 172 -20.06 -13.71 1.76
CA PHE C 172 -19.79 -14.82 2.65
C PHE C 172 -18.87 -15.85 2.00
N ALA C 173 -18.95 -15.98 0.68
CA ALA C 173 -18.24 -17.10 0.04
C ALA C 173 -16.72 -16.88 -0.09
N VAL C 174 -16.16 -15.71 0.25
CA VAL C 174 -14.75 -15.43 0.07
C VAL C 174 -13.91 -16.22 1.08
N PHE C 175 -14.50 -16.68 2.19
CA PHE C 175 -13.77 -17.52 3.14
C PHE C 175 -14.61 -18.73 3.53
N THR C 176 -13.97 -19.87 3.84
CA THR C 176 -14.73 -21.00 4.38
C THR C 176 -14.16 -21.30 5.76
N GLY C 177 -14.78 -22.24 6.49
CA GLY C 177 -14.44 -22.37 7.91
C GLY C 177 -15.05 -21.25 8.78
N LYS C 178 -16.03 -20.52 8.26
CA LYS C 178 -16.61 -19.40 9.00
C LYS C 178 -17.46 -19.91 10.15
N PRO C 179 -17.65 -19.12 11.24
CA PRO C 179 -18.70 -19.41 12.18
C PRO C 179 -20.09 -19.55 11.54
N SER C 180 -20.92 -20.46 12.12
CA SER C 180 -22.27 -20.70 11.63
C SER C 180 -23.08 -19.40 11.53
N GLU C 181 -22.93 -18.53 12.52
CA GLU C 181 -23.71 -17.31 12.55
C GLU C 181 -23.18 -16.28 11.53
N LEU C 182 -22.08 -16.60 10.81
CA LEU C 182 -21.53 -15.70 9.80
C LEU C 182 -21.37 -16.42 8.47
N GLY C 183 -22.34 -17.28 8.13
CA GLY C 183 -22.42 -17.88 6.81
C GLY C 183 -21.71 -19.22 6.76
N GLY C 184 -21.23 -19.70 7.91
CA GLY C 184 -20.59 -21.00 8.01
C GLY C 184 -21.67 -22.08 8.03
N ILE C 185 -21.22 -23.32 8.11
CA ILE C 185 -22.11 -24.49 8.32
C ILE C 185 -21.52 -25.34 9.43
N GLY C 186 -22.40 -25.82 10.33
CA GLY C 186 -21.97 -26.57 11.50
C GLY C 186 -21.09 -27.78 11.15
N VAL C 187 -21.39 -28.45 10.03
CA VAL C 187 -20.62 -29.65 9.69
C VAL C 187 -19.16 -29.33 9.36
N ARG C 188 -18.86 -28.11 8.88
CA ARG C 188 -17.50 -27.79 8.52
C ARG C 188 -16.55 -27.87 9.71
N LEU C 189 -17.02 -27.52 10.92
CA LEU C 189 -16.17 -27.62 12.11
C LEU C 189 -15.52 -29.00 12.23
N TYR C 190 -16.28 -30.07 11.94
CA TYR C 190 -15.81 -31.41 12.21
C TYR C 190 -15.71 -32.26 10.93
N SER C 191 -15.79 -31.63 9.75
CA SER C 191 -15.86 -32.38 8.51
C SER C 191 -14.56 -33.12 8.24
N THR C 192 -13.38 -32.51 8.47
CA THR C 192 -12.11 -33.18 8.23
C THR C 192 -12.01 -34.48 9.01
N GLY C 193 -12.25 -34.39 10.33
CA GLY C 193 -12.15 -35.53 11.21
C GLY C 193 -13.25 -36.57 10.94
N LEU C 194 -14.41 -36.13 10.48
CA LEU C 194 -15.46 -37.06 10.09
C LEU C 194 -15.02 -37.87 8.87
N GLY C 195 -14.30 -37.17 7.98
CA GLY C 195 -13.80 -37.76 6.74
C GLY C 195 -12.69 -38.74 7.08
N VAL C 196 -11.76 -38.34 7.97
CA VAL C 196 -10.67 -39.22 8.39
C VAL C 196 -11.24 -40.48 9.06
N ALA C 197 -12.16 -40.33 9.99
CA ALA C 197 -12.77 -41.48 10.67
C ALA C 197 -13.53 -42.36 9.70
N THR C 198 -14.29 -41.74 8.79
CA THR C 198 -15.10 -42.49 7.84
C THR C 198 -14.19 -43.34 6.96
N ILE C 199 -13.10 -42.72 6.47
CA ILE C 199 -12.14 -43.40 5.60
C ILE C 199 -11.38 -44.47 6.39
N ALA C 200 -11.05 -44.18 7.64
CA ALA C 200 -10.27 -45.13 8.42
C ALA C 200 -11.11 -46.39 8.68
N ARG C 201 -12.38 -46.18 9.05
CA ARG C 201 -13.32 -47.27 9.25
C ARG C 201 -13.44 -48.14 7.98
N ASP C 202 -13.67 -47.49 6.83
CA ASP C 202 -13.84 -48.18 5.56
C ASP C 202 -12.59 -48.99 5.21
N ALA C 203 -11.41 -48.36 5.29
CA ALA C 203 -10.14 -49.04 5.05
C ALA C 203 -9.95 -50.16 6.06
N ALA C 204 -10.29 -49.94 7.33
CA ALA C 204 -10.16 -50.97 8.35
C ALA C 204 -11.05 -52.17 8.03
N ASN C 205 -12.28 -51.90 7.59
CA ASN C 205 -13.21 -52.93 7.13
C ASN C 205 -12.60 -53.69 5.94
N LYS C 206 -11.94 -52.98 5.01
CA LYS C 206 -11.43 -53.61 3.81
C LYS C 206 -10.17 -54.43 4.11
N PHE C 207 -9.38 -54.08 5.13
CA PHE C 207 -8.01 -54.59 5.14
C PHE C 207 -7.61 -55.25 6.46
N ILE C 208 -8.08 -54.79 7.63
CA ILE C 208 -7.53 -55.32 8.88
C ILE C 208 -8.61 -55.93 9.78
N GLY C 209 -9.76 -56.29 9.22
CA GLY C 209 -10.77 -57.02 9.96
C GLY C 209 -11.71 -56.11 10.75
N GLY C 210 -11.75 -54.81 10.46
CA GLY C 210 -12.81 -53.92 10.93
C GLY C 210 -12.32 -52.90 11.96
N ILE C 211 -13.17 -51.92 12.28
CA ILE C 211 -12.80 -50.80 13.13
C ILE C 211 -13.13 -51.06 14.61
N GLU C 212 -14.03 -52.00 14.90
CA GLU C 212 -14.50 -52.16 16.27
C GLU C 212 -13.43 -52.85 17.10
N GLY C 213 -13.00 -52.20 18.19
CA GLY C 213 -11.93 -52.70 19.02
C GLY C 213 -10.53 -52.36 18.51
N SER C 214 -10.44 -51.67 17.38
CA SER C 214 -9.15 -51.24 16.86
C SER C 214 -8.42 -50.31 17.79
N ARG C 215 -7.13 -50.49 17.94
CA ARG C 215 -6.34 -49.64 18.76
C ARG C 215 -5.76 -48.52 17.93
N VAL C 216 -6.23 -47.32 18.21
CA VAL C 216 -5.81 -46.17 17.44
C VAL C 216 -4.95 -45.15 18.13
N ILE C 217 -3.91 -44.71 17.49
CA ILE C 217 -3.07 -43.61 17.94
C ILE C 217 -3.18 -42.46 16.94
N ILE C 218 -3.48 -41.26 17.48
CA ILE C 218 -3.56 -40.01 16.75
C ILE C 218 -2.51 -39.02 17.27
N GLN C 219 -1.73 -38.45 16.35
CA GLN C 219 -0.80 -37.36 16.62
C GLN C 219 -1.43 -36.02 16.23
N GLY C 220 -1.54 -35.12 17.22
CA GLY C 220 -2.25 -33.86 17.10
C GLY C 220 -3.66 -34.03 17.64
N PHE C 221 -4.20 -32.94 18.23
CA PHE C 221 -5.46 -33.02 18.92
C PHE C 221 -6.24 -31.72 18.75
N GLY C 222 -6.06 -31.08 17.60
CA GLY C 222 -6.76 -29.88 17.23
C GLY C 222 -7.96 -30.22 16.38
N ASN C 223 -8.15 -29.42 15.33
CA ASN C 223 -9.38 -29.50 14.58
C ASN C 223 -9.50 -30.87 13.96
N VAL C 224 -8.39 -31.39 13.36
CA VAL C 224 -8.45 -32.69 12.74
C VAL C 224 -8.44 -33.77 13.81
N GLY C 225 -7.42 -33.73 14.70
CA GLY C 225 -7.14 -34.80 15.63
C GLY C 225 -8.27 -35.04 16.62
N PHE C 226 -8.81 -33.98 17.23
CA PHE C 226 -9.91 -34.15 18.18
C PHE C 226 -11.10 -34.87 17.54
N PHE C 227 -11.56 -34.35 16.39
CA PHE C 227 -12.77 -34.85 15.77
C PHE C 227 -12.58 -36.25 15.21
N THR C 228 -11.38 -36.55 14.67
CA THR C 228 -11.03 -37.90 14.29
C THR C 228 -11.22 -38.81 15.49
N ALA C 229 -10.64 -38.42 16.63
CA ALA C 229 -10.71 -39.22 17.84
C ALA C 229 -12.14 -39.43 18.30
N LYS C 230 -12.96 -38.35 18.29
CA LYS C 230 -14.34 -38.42 18.71
C LYS C 230 -15.10 -39.41 17.85
N PHE C 231 -15.06 -39.23 16.51
CA PHE C 231 -15.81 -40.07 15.60
C PHE C 231 -15.31 -41.53 15.65
N LEU C 232 -14.01 -41.77 15.71
CA LEU C 232 -13.57 -43.15 15.81
C LEU C 232 -13.98 -43.79 17.13
N SER C 233 -14.01 -43.00 18.22
CA SER C 233 -14.53 -43.51 19.48
C SER C 233 -15.96 -43.98 19.29
N GLU C 234 -16.78 -43.11 18.68
CA GLU C 234 -18.21 -43.35 18.52
C GLU C 234 -18.46 -44.58 17.66
N MET C 235 -17.55 -44.83 16.70
CA MET C 235 -17.62 -45.95 15.77
C MET C 235 -17.17 -47.29 16.35
N GLY C 236 -16.65 -47.30 17.60
CA GLY C 236 -16.27 -48.53 18.26
C GLY C 236 -14.76 -48.68 18.46
N ALA C 237 -13.98 -47.71 18.03
CA ALA C 237 -12.53 -47.89 18.07
C ALA C 237 -12.07 -47.48 19.47
N LYS C 238 -10.93 -48.01 19.90
CA LYS C 238 -10.31 -47.62 21.15
C LYS C 238 -9.12 -46.69 20.85
N ILE C 239 -9.21 -45.47 21.37
CA ILE C 239 -8.14 -44.50 21.25
C ILE C 239 -7.14 -44.72 22.39
N ILE C 240 -5.95 -45.26 22.07
CA ILE C 240 -5.00 -45.59 23.11
C ILE C 240 -3.89 -44.52 23.21
N GLY C 241 -3.86 -43.55 22.28
CA GLY C 241 -2.81 -42.56 22.31
C GLY C 241 -3.25 -41.28 21.58
N VAL C 242 -3.05 -40.14 22.24
CA VAL C 242 -3.20 -38.84 21.62
C VAL C 242 -2.00 -37.98 21.98
N SER C 243 -1.83 -36.88 21.26
CA SER C 243 -0.74 -35.98 21.51
C SER C 243 -0.94 -34.59 20.94
N ASP C 244 -0.04 -33.70 21.26
CA ASP C 244 -0.05 -32.36 20.71
C ASP C 244 1.33 -31.82 20.89
N ILE C 245 1.55 -30.55 20.64
CA ILE C 245 2.89 -30.00 20.68
C ILE C 245 3.54 -30.23 22.05
N GLY C 246 2.71 -30.31 23.08
CA GLY C 246 3.23 -30.55 24.44
C GLY C 246 3.73 -31.97 24.74
N GLY C 247 3.47 -32.94 23.85
CA GLY C 247 3.78 -34.34 24.11
C GLY C 247 2.50 -35.18 24.04
N GLY C 248 2.62 -36.48 24.30
CA GLY C 248 1.49 -37.37 24.18
C GLY C 248 1.22 -38.19 25.42
N VAL C 249 0.17 -39.00 25.33
CA VAL C 249 -0.25 -39.84 26.43
C VAL C 249 -0.80 -41.13 25.83
N ILE C 250 -0.35 -42.26 26.40
CA ILE C 250 -0.79 -43.57 26.00
C ILE C 250 -1.50 -44.24 27.17
N ASN C 251 -2.65 -44.85 26.88
CA ASN C 251 -3.39 -45.66 27.83
C ASN C 251 -4.06 -46.80 27.08
N GLU C 252 -3.59 -48.02 27.33
CA GLU C 252 -4.06 -49.17 26.59
C GLU C 252 -5.53 -49.42 26.92
N ASN C 253 -6.02 -48.88 28.05
CA ASN C 253 -7.41 -49.05 28.41
C ASN C 253 -8.31 -48.05 27.67
N GLY C 254 -7.74 -47.12 26.90
CA GLY C 254 -8.53 -46.16 26.15
C GLY C 254 -8.46 -44.78 26.80
N ILE C 255 -8.32 -43.76 25.95
CA ILE C 255 -8.43 -42.35 26.33
C ILE C 255 -9.90 -41.94 26.29
N ASP C 256 -10.35 -41.18 27.30
CA ASP C 256 -11.63 -40.49 27.26
C ASP C 256 -11.46 -39.20 26.47
N VAL C 257 -12.06 -39.15 25.27
CA VAL C 257 -11.72 -38.14 24.28
C VAL C 257 -12.20 -36.74 24.73
N ASN C 258 -13.39 -36.67 25.30
CA ASN C 258 -13.90 -35.38 25.80
C ASN C 258 -13.13 -34.87 27.01
N ARG C 259 -12.76 -35.76 27.91
CA ARG C 259 -11.96 -35.38 29.07
C ARG C 259 -10.65 -34.83 28.62
N ALA C 260 -10.09 -35.45 27.58
CA ALA C 260 -8.83 -35.00 27.06
C ALA C 260 -8.89 -33.59 26.52
N LEU C 261 -9.96 -33.25 25.82
CA LEU C 261 -10.09 -31.88 25.35
C LEU C 261 -10.23 -30.94 26.56
N GLU C 262 -10.94 -31.35 27.59
CA GLU C 262 -11.05 -30.52 28.78
C GLU C 262 -9.68 -30.28 29.42
N VAL C 263 -8.76 -31.28 29.31
CA VAL C 263 -7.41 -31.11 29.79
C VAL C 263 -6.69 -30.07 28.94
N VAL C 264 -6.86 -30.12 27.60
CA VAL C 264 -6.22 -29.11 26.77
C VAL C 264 -6.72 -27.72 27.20
N GLN C 265 -8.04 -27.59 27.27
CA GLN C 265 -8.69 -26.34 27.64
C GLN C 265 -8.19 -25.79 28.97
N SER C 266 -8.00 -26.63 29.99
CA SER C 266 -7.68 -26.07 31.30
C SER C 266 -6.17 -25.98 31.51
N THR C 267 -5.35 -26.77 30.79
CA THR C 267 -3.92 -26.82 31.05
C THR C 267 -3.05 -26.41 29.87
N GLY C 268 -3.61 -26.37 28.66
CA GLY C 268 -2.84 -25.99 27.49
C GLY C 268 -2.31 -27.16 26.67
N SER C 269 -2.31 -28.40 27.20
CA SER C 269 -1.76 -29.53 26.42
C SER C 269 -2.31 -30.85 26.96
N VAL C 270 -2.55 -31.77 26.00
CA VAL C 270 -3.17 -33.05 26.27
C VAL C 270 -2.19 -33.92 27.05
N VAL C 271 -0.94 -33.45 27.15
CA VAL C 271 0.12 -34.23 27.81
C VAL C 271 -0.14 -34.26 29.31
N ASN C 272 -1.00 -33.36 29.81
CA ASN C 272 -1.30 -33.30 31.23
C ASN C 272 -2.41 -34.28 31.61
N TYR C 273 -2.91 -35.08 30.64
CA TYR C 273 -3.89 -36.09 30.96
C TYR C 273 -3.29 -37.01 32.02
N LEU C 274 -4.07 -37.20 33.10
CA LEU C 274 -3.61 -37.91 34.29
C LEU C 274 -3.49 -39.41 34.04
N GLU C 275 -4.53 -40.01 33.45
CA GLU C 275 -4.60 -41.46 33.37
C GLU C 275 -3.93 -42.00 32.11
N GLY C 276 -2.60 -42.03 32.13
CA GLY C 276 -1.81 -42.61 31.05
C GLY C 276 -0.32 -42.32 31.20
N LYS C 277 0.48 -42.94 30.31
CA LYS C 277 1.92 -42.72 30.28
C LYS C 277 2.21 -41.51 29.38
N LYS C 278 2.84 -40.49 29.95
CA LYS C 278 3.36 -39.39 29.16
C LYS C 278 4.54 -39.87 28.32
N VAL C 279 4.53 -39.45 27.06
CA VAL C 279 5.53 -39.86 26.08
C VAL C 279 5.83 -38.67 25.18
N THR C 280 6.98 -38.71 24.50
CA THR C 280 7.25 -37.71 23.49
C THR C 280 6.46 -38.10 22.24
N ASN C 281 6.39 -37.14 21.33
CA ASN C 281 5.77 -37.38 20.04
C ASN C 281 6.53 -38.49 19.30
N GLU C 282 7.86 -38.48 19.37
CA GLU C 282 8.65 -39.48 18.65
C GLU C 282 8.25 -40.86 19.16
N GLU C 283 8.09 -40.98 20.48
CA GLU C 283 7.70 -42.24 21.10
C GLU C 283 6.26 -42.63 20.75
N LEU C 284 5.33 -41.66 20.70
CA LEU C 284 3.94 -41.97 20.36
C LEU C 284 3.85 -42.58 18.96
N LEU C 285 4.59 -42.00 18.04
CA LEU C 285 4.52 -42.44 16.63
C LEU C 285 4.98 -43.89 16.42
N ILE C 286 5.83 -44.43 17.31
CA ILE C 286 6.38 -45.76 17.14
C ILE C 286 5.80 -46.70 18.20
N SER C 287 4.72 -46.29 18.88
CA SER C 287 4.06 -47.15 19.87
C SER C 287 3.09 -48.12 19.19
N ASP C 288 2.82 -49.24 19.88
CA ASP C 288 2.04 -50.32 19.30
C ASP C 288 0.58 -49.90 19.13
N CYS C 289 0.04 -50.19 17.95
CA CYS C 289 -1.34 -49.87 17.65
C CYS C 289 -1.77 -50.58 16.37
N ASP C 290 -3.09 -50.55 16.11
CA ASP C 290 -3.62 -51.05 14.84
C ASP C 290 -3.57 -49.96 13.77
N ILE C 291 -4.05 -48.75 14.14
CA ILE C 291 -4.15 -47.65 13.19
C ILE C 291 -3.41 -46.44 13.76
N LEU C 292 -2.54 -45.83 12.93
CA LEU C 292 -1.83 -44.61 13.29
C LEU C 292 -2.29 -43.47 12.39
N ILE C 293 -2.66 -42.34 13.02
CA ILE C 293 -3.19 -41.20 12.29
C ILE C 293 -2.42 -39.93 12.66
N PRO C 294 -1.41 -39.59 11.85
CA PRO C 294 -0.70 -38.30 11.93
C PRO C 294 -1.70 -37.21 11.58
N ALA C 295 -1.89 -36.24 12.50
CA ALA C 295 -2.90 -35.22 12.38
C ALA C 295 -2.35 -33.89 12.90
N ALA C 296 -1.04 -33.68 12.74
CA ALA C 296 -0.38 -32.49 13.25
C ALA C 296 0.37 -31.80 12.14
N VAL C 297 1.53 -32.30 11.73
CA VAL C 297 2.40 -31.57 10.83
C VAL C 297 3.06 -32.54 9.86
N GLU C 298 3.76 -31.98 8.90
CA GLU C 298 4.39 -32.72 7.81
C GLU C 298 5.67 -33.37 8.31
N ASN C 299 6.04 -34.42 7.60
CA ASN C 299 7.37 -35.01 7.65
C ASN C 299 7.69 -35.49 9.07
N VAL C 300 6.69 -36.03 9.77
CA VAL C 300 6.90 -36.59 11.11
C VAL C 300 7.35 -38.05 11.04
N ILE C 301 7.09 -38.76 9.94
CA ILE C 301 7.55 -40.12 9.72
C ILE C 301 8.45 -40.15 8.47
N ASN C 302 9.69 -40.62 8.68
CA ASN C 302 10.76 -40.46 7.72
C ASN C 302 11.56 -41.76 7.65
N LYS C 303 12.73 -41.73 7.04
CA LYS C 303 13.45 -42.99 6.87
C LYS C 303 13.93 -43.51 8.22
N PHE C 304 14.01 -42.66 9.24
CA PHE C 304 14.57 -43.04 10.53
C PHE C 304 13.54 -43.73 11.46
N ASN C 305 12.29 -43.24 11.54
CA ASN C 305 11.29 -43.89 12.38
C ASN C 305 10.33 -44.81 11.61
N ALA C 306 10.23 -44.68 10.26
CA ALA C 306 9.31 -45.53 9.51
C ALA C 306 9.53 -47.03 9.78
N PRO C 307 10.77 -47.53 9.90
CA PRO C 307 10.99 -48.94 10.25
C PRO C 307 10.49 -49.31 11.64
N LYS C 308 10.24 -48.31 12.50
CA LYS C 308 9.84 -48.57 13.87
C LYS C 308 8.33 -48.40 14.08
N VAL C 309 7.63 -47.85 13.09
CA VAL C 309 6.19 -47.66 13.27
C VAL C 309 5.58 -49.00 13.41
N ARG C 310 4.59 -49.15 14.28
CA ARG C 310 4.01 -50.46 14.55
C ARG C 310 2.61 -50.71 14.05
N ALA C 311 2.07 -49.77 13.31
CA ALA C 311 0.72 -49.90 12.83
C ALA C 311 0.48 -50.77 11.61
N LYS C 312 -0.71 -51.33 11.51
CA LYS C 312 -1.07 -52.05 10.29
C LYS C 312 -1.58 -51.12 9.19
N LEU C 313 -2.13 -49.97 9.59
CA LEU C 313 -2.84 -49.04 8.71
C LEU C 313 -2.51 -47.63 9.17
N ILE C 314 -2.05 -46.80 8.24
CA ILE C 314 -1.79 -45.39 8.47
C ILE C 314 -2.79 -44.58 7.63
N VAL C 315 -3.49 -43.67 8.28
CA VAL C 315 -4.44 -42.76 7.64
C VAL C 315 -3.93 -41.33 7.87
N GLU C 316 -3.64 -40.63 6.77
CA GLU C 316 -3.01 -39.31 6.86
C GLU C 316 -4.07 -38.23 7.07
N GLY C 317 -4.20 -37.72 8.32
CA GLY C 317 -4.98 -36.56 8.61
C GLY C 317 -4.22 -35.28 8.27
N ALA C 318 -2.93 -35.24 8.63
CA ALA C 318 -2.09 -34.09 8.30
C ALA C 318 -1.86 -34.08 6.81
N ASN C 319 -1.48 -32.91 6.28
CA ASN C 319 -0.82 -32.84 4.99
C ASN C 319 0.64 -33.26 5.11
N GLY C 320 1.05 -34.18 4.23
CA GLY C 320 2.42 -34.58 4.01
C GLY C 320 3.15 -35.20 5.22
N PRO C 321 2.55 -36.10 6.03
CA PRO C 321 3.20 -36.57 7.25
C PRO C 321 4.30 -37.60 7.01
N LEU C 322 4.19 -38.35 5.90
CA LEU C 322 5.20 -39.34 5.59
C LEU C 322 6.06 -38.82 4.44
N THR C 323 7.38 -39.01 4.57
CA THR C 323 8.31 -38.82 3.46
C THR C 323 8.21 -39.97 2.45
N ALA C 324 8.80 -39.76 1.27
CA ALA C 324 8.83 -40.77 0.23
C ALA C 324 9.61 -42.02 0.68
N ASP C 325 10.72 -41.81 1.40
CA ASP C 325 11.43 -42.91 2.04
C ASP C 325 10.50 -43.72 2.92
N ALA C 326 9.65 -43.02 3.70
CA ALA C 326 8.68 -43.71 4.54
C ALA C 326 7.69 -44.52 3.72
N ASP C 327 7.14 -43.94 2.65
CA ASP C 327 6.21 -44.65 1.77
C ASP C 327 6.85 -45.95 1.28
N GLU C 328 8.10 -45.83 0.87
CA GLU C 328 8.84 -46.99 0.37
C GLU C 328 8.94 -48.09 1.43
N ILE C 329 9.27 -47.71 2.67
CA ILE C 329 9.44 -48.66 3.76
C ILE C 329 8.09 -49.28 4.12
N MET C 330 7.00 -48.48 4.11
CA MET C 330 5.68 -49.02 4.42
C MET C 330 5.26 -50.07 3.38
N LYS C 331 5.40 -49.72 2.11
CA LYS C 331 5.18 -50.64 1.01
C LYS C 331 5.89 -51.98 1.29
N GLN C 332 7.18 -51.90 1.55
CA GLN C 332 7.96 -53.11 1.81
C GLN C 332 7.42 -53.90 2.99
N ARG C 333 6.93 -53.20 4.04
CA ARG C 333 6.53 -53.85 5.27
C ARG C 333 5.09 -54.35 5.21
N GLY C 334 4.38 -53.97 4.15
CA GLY C 334 2.98 -54.32 3.99
C GLY C 334 2.07 -53.48 4.89
N VAL C 335 2.54 -52.28 5.29
CA VAL C 335 1.72 -51.33 6.02
C VAL C 335 0.94 -50.49 5.00
N ILE C 336 -0.37 -50.50 5.15
CA ILE C 336 -1.26 -49.75 4.26
C ILE C 336 -1.22 -48.27 4.65
N VAL C 337 -1.02 -47.40 3.65
CA VAL C 337 -1.09 -45.95 3.81
C VAL C 337 -2.18 -45.37 2.93
N ILE C 338 -3.13 -44.68 3.58
CA ILE C 338 -4.19 -43.98 2.89
C ILE C 338 -3.70 -42.53 2.82
N PRO C 339 -3.47 -42.03 1.60
CA PRO C 339 -2.87 -40.71 1.43
C PRO C 339 -3.73 -39.50 1.87
N ASP C 340 -3.08 -38.41 2.19
CA ASP C 340 -3.74 -37.22 2.67
C ASP C 340 -4.76 -36.70 1.66
N ILE C 341 -4.34 -36.66 0.40
CA ILE C 341 -5.20 -36.07 -0.63
C ILE C 341 -6.55 -36.76 -0.66
N LEU C 342 -6.66 -38.05 -0.35
CA LEU C 342 -7.96 -38.64 -0.11
C LEU C 342 -8.45 -38.46 1.35
N ALA C 343 -7.65 -38.91 2.31
CA ALA C 343 -8.12 -39.15 3.67
C ALA C 343 -8.57 -37.88 4.39
N ASN C 344 -7.86 -36.76 4.15
CA ASN C 344 -8.13 -35.53 4.86
C ASN C 344 -9.01 -34.57 4.08
N ALA C 345 -9.52 -35.00 2.91
CA ALA C 345 -10.25 -34.12 2.01
C ALA C 345 -11.63 -33.72 2.54
N GLY C 346 -12.07 -34.29 3.68
CA GLY C 346 -13.29 -33.86 4.39
C GLY C 346 -13.31 -32.37 4.74
N GLY C 347 -12.12 -31.79 4.92
CA GLY C 347 -12.08 -30.34 5.13
C GLY C 347 -12.49 -29.54 3.89
N VAL C 348 -11.78 -29.74 2.78
CA VAL C 348 -12.04 -28.98 1.57
C VAL C 348 -13.37 -29.37 0.93
N VAL C 349 -13.88 -30.60 1.13
CA VAL C 349 -15.21 -30.94 0.62
C VAL C 349 -16.26 -30.20 1.43
N GLY C 350 -16.03 -30.17 2.74
CA GLY C 350 -16.93 -29.39 3.59
C GLY C 350 -16.89 -27.92 3.24
N SER C 351 -15.69 -27.39 3.00
CA SER C 351 -15.58 -26.02 2.52
C SER C 351 -16.35 -25.84 1.19
N TYR C 352 -16.28 -26.82 0.29
CA TYR C 352 -17.06 -26.72 -0.95
C TYR C 352 -18.56 -26.55 -0.63
N VAL C 353 -19.04 -27.33 0.34
CA VAL C 353 -20.45 -27.30 0.67
C VAL C 353 -20.81 -25.93 1.26
N GLU C 354 -19.94 -25.40 2.12
CA GLU C 354 -20.13 -24.08 2.71
C GLU C 354 -20.24 -22.99 1.63
N TRP C 355 -19.29 -23.02 0.69
CA TRP C 355 -19.14 -22.05 -0.40
C TRP C 355 -20.33 -22.12 -1.36
N ALA C 356 -20.74 -23.36 -1.69
CA ALA C 356 -21.90 -23.58 -2.55
C ALA C 356 -23.17 -23.10 -1.85
N ASN C 357 -23.32 -23.41 -0.56
CA ASN C 357 -24.45 -22.97 0.25
C ASN C 357 -24.51 -21.45 0.26
N ASN C 358 -23.34 -20.78 0.41
CA ASN C 358 -23.30 -19.33 0.40
C ASN C 358 -23.75 -18.74 -0.94
N ARG C 359 -23.24 -19.31 -2.02
CA ARG C 359 -23.57 -18.86 -3.37
C ARG C 359 -25.03 -19.07 -3.69
N SER C 360 -25.60 -20.21 -3.26
CA SER C 360 -27.00 -20.51 -3.56
C SER C 360 -27.94 -19.77 -2.60
N GLY C 361 -27.38 -18.94 -1.72
CA GLY C 361 -28.15 -18.07 -0.85
C GLY C 361 -28.42 -18.66 0.53
N GLY C 362 -27.93 -19.89 0.80
CA GLY C 362 -27.85 -20.42 2.15
C GLY C 362 -28.89 -21.50 2.46
N ILE C 363 -29.34 -22.23 1.43
CA ILE C 363 -30.52 -23.09 1.53
C ILE C 363 -30.15 -24.48 2.05
N ILE C 364 -29.03 -25.06 1.58
CA ILE C 364 -28.63 -26.42 1.91
C ILE C 364 -28.68 -26.61 3.43
N SER C 365 -29.42 -27.62 3.88
CA SER C 365 -29.53 -27.91 5.29
C SER C 365 -28.27 -28.55 5.80
N ASP C 366 -28.15 -28.63 7.11
CA ASP C 366 -26.94 -29.17 7.70
C ASP C 366 -26.88 -30.69 7.50
N GLU C 367 -27.98 -31.39 7.69
CA GLU C 367 -28.01 -32.85 7.54
C GLU C 367 -27.61 -33.31 6.15
N GLU C 368 -28.21 -32.74 5.12
CA GLU C 368 -27.82 -33.00 3.75
C GLU C 368 -26.33 -32.70 3.54
N ALA C 369 -25.80 -31.69 4.23
CA ALA C 369 -24.38 -31.36 4.12
C ALA C 369 -23.53 -32.55 4.57
N LYS C 370 -23.89 -33.11 5.72
CA LYS C 370 -23.17 -34.25 6.29
C LYS C 370 -23.15 -35.39 5.28
N LYS C 371 -24.27 -35.54 4.56
CA LYS C 371 -24.43 -36.64 3.64
C LYS C 371 -23.57 -36.43 2.40
N LEU C 372 -23.62 -35.22 1.84
CA LEU C 372 -22.86 -34.87 0.65
C LEU C 372 -21.37 -35.14 0.85
N ILE C 373 -20.85 -34.82 2.05
CA ILE C 373 -19.42 -34.93 2.32
C ILE C 373 -19.01 -36.41 2.40
N VAL C 374 -19.75 -37.19 3.20
CA VAL C 374 -19.44 -38.59 3.46
C VAL C 374 -19.52 -39.40 2.17
N ASP C 375 -20.56 -39.16 1.38
CA ASP C 375 -20.79 -39.88 0.14
C ASP C 375 -19.62 -39.66 -0.83
N ARG C 376 -19.20 -38.39 -1.02
CA ARG C 376 -18.21 -38.04 -2.01
C ARG C 376 -16.89 -38.75 -1.67
N MET C 377 -16.60 -38.78 -0.38
CA MET C 377 -15.33 -39.32 0.09
C MET C 377 -15.32 -40.83 0.00
N ILE C 378 -16.44 -41.51 0.33
CA ILE C 378 -16.50 -42.96 0.18
C ILE C 378 -16.40 -43.32 -1.30
N ASN C 379 -17.17 -42.59 -2.13
CA ASN C 379 -17.15 -42.80 -3.57
C ASN C 379 -15.73 -42.63 -4.14
N ALA C 380 -15.02 -41.59 -3.68
CA ALA C 380 -13.67 -41.37 -4.16
C ALA C 380 -12.76 -42.55 -3.77
N PHE C 381 -12.87 -43.04 -2.53
CA PHE C 381 -12.05 -44.15 -2.07
C PHE C 381 -12.35 -45.39 -2.90
N ASN C 382 -13.66 -45.65 -3.13
CA ASN C 382 -14.07 -46.85 -3.86
C ASN C 382 -13.59 -46.77 -5.30
N THR C 383 -13.80 -45.62 -5.96
CA THR C 383 -13.30 -45.39 -7.32
C THR C 383 -11.80 -45.69 -7.38
N LEU C 384 -11.05 -45.17 -6.42
CA LEU C 384 -9.60 -45.28 -6.42
C LEU C 384 -9.21 -46.72 -6.20
N TYR C 385 -9.87 -47.37 -5.24
CA TYR C 385 -9.65 -48.78 -4.95
C TYR C 385 -9.85 -49.64 -6.20
N ASP C 386 -10.98 -49.45 -6.91
CA ASP C 386 -11.32 -50.23 -8.09
C ASP C 386 -10.33 -49.94 -9.23
N PHE C 387 -10.05 -48.65 -9.45
CA PHE C 387 -9.13 -48.22 -10.50
C PHE C 387 -7.76 -48.88 -10.35
N HIS C 388 -7.32 -49.02 -9.09
CA HIS C 388 -5.99 -49.50 -8.74
C HIS C 388 -5.81 -50.98 -9.07
N LYS C 389 -6.91 -51.74 -9.06
CA LYS C 389 -6.88 -53.14 -9.45
C LYS C 389 -6.52 -53.29 -10.93
N ARG C 390 -6.85 -52.29 -11.76
CA ARG C 390 -6.78 -52.43 -13.20
C ARG C 390 -5.59 -51.67 -13.80
N LYS C 391 -5.24 -50.51 -13.25
CA LYS C 391 -4.12 -49.73 -13.75
C LYS C 391 -3.27 -49.28 -12.56
N PHE C 392 -1.96 -49.18 -12.80
CA PHE C 392 -0.98 -48.73 -11.81
C PHE C 392 -0.98 -49.64 -10.59
N ALA C 393 -1.21 -50.95 -10.79
CA ALA C 393 -1.25 -51.92 -9.70
C ALA C 393 0.13 -52.06 -9.04
N ASP C 394 1.20 -51.66 -9.76
CA ASP C 394 2.57 -51.74 -9.26
C ASP C 394 2.94 -50.50 -8.45
N GLN C 395 2.02 -49.54 -8.31
CA GLN C 395 2.24 -48.31 -7.55
C GLN C 395 1.42 -48.32 -6.26
N ASP C 396 1.79 -47.47 -5.30
CA ASP C 396 0.98 -47.31 -4.09
C ASP C 396 -0.23 -46.43 -4.41
N LEU C 397 -1.12 -46.36 -3.43
CA LEU C 397 -2.36 -45.59 -3.50
C LEU C 397 -2.08 -44.11 -3.73
N ARG C 398 -1.08 -43.58 -3.01
CA ARG C 398 -0.70 -42.18 -3.21
C ARG C 398 -0.42 -41.89 -4.68
N THR C 399 0.41 -42.74 -5.30
CA THR C 399 0.82 -42.51 -6.67
C THR C 399 -0.38 -42.56 -7.62
N VAL C 400 -1.28 -43.54 -7.44
CA VAL C 400 -2.47 -43.65 -8.27
C VAL C 400 -3.35 -42.39 -8.13
N ALA C 401 -3.59 -41.98 -6.88
CA ALA C 401 -4.40 -40.82 -6.56
C ALA C 401 -3.83 -39.57 -7.23
N MET C 402 -2.51 -39.36 -7.09
CA MET C 402 -1.87 -38.22 -7.73
C MET C 402 -1.94 -38.29 -9.25
N ALA C 403 -1.84 -39.51 -9.79
CA ALA C 403 -1.92 -39.71 -11.25
C ALA C 403 -3.26 -39.22 -11.80
N LEU C 404 -4.36 -39.59 -11.12
CA LEU C 404 -5.69 -39.17 -11.50
C LEU C 404 -5.85 -37.66 -11.33
N ALA C 405 -5.27 -37.11 -10.26
CA ALA C 405 -5.38 -35.68 -9.93
C ALA C 405 -4.64 -34.85 -10.99
N VAL C 406 -3.42 -35.28 -11.32
CA VAL C 406 -2.60 -34.60 -12.31
C VAL C 406 -3.21 -34.69 -13.71
N ASP C 407 -3.75 -35.86 -14.07
CA ASP C 407 -4.36 -36.08 -15.37
C ASP C 407 -5.53 -35.12 -15.59
N ARG C 408 -6.32 -34.90 -14.54
CA ARG C 408 -7.49 -34.05 -14.68
C ARG C 408 -7.05 -32.60 -14.89
N VAL C 409 -6.10 -32.19 -14.07
CA VAL C 409 -5.55 -30.85 -14.20
C VAL C 409 -5.03 -30.63 -15.64
N VAL C 410 -4.20 -31.57 -16.13
CA VAL C 410 -3.59 -31.41 -17.45
C VAL C 410 -4.66 -31.31 -18.53
N GLY C 411 -5.67 -32.19 -18.47
CA GLY C 411 -6.77 -32.17 -19.42
C GLY C 411 -7.45 -30.80 -19.48
N ALA C 412 -7.70 -30.17 -18.31
CA ALA C 412 -8.32 -28.84 -18.27
C ALA C 412 -7.41 -27.75 -18.84
N MET C 413 -6.09 -27.87 -18.60
CA MET C 413 -5.17 -26.88 -19.13
C MET C 413 -5.07 -27.02 -20.66
N LYS C 414 -5.14 -28.24 -21.16
CA LYS C 414 -5.11 -28.49 -22.60
C LYS C 414 -6.32 -27.80 -23.26
N ALA C 415 -7.50 -27.99 -22.65
CA ALA C 415 -8.74 -27.43 -23.19
C ALA C 415 -8.69 -25.91 -23.26
N ARG C 416 -7.99 -25.28 -22.29
CA ARG C 416 -7.92 -23.85 -22.11
C ARG C 416 -6.77 -23.24 -22.93
N GLY C 417 -6.05 -24.09 -23.70
CA GLY C 417 -4.99 -23.64 -24.58
C GLY C 417 -3.71 -23.27 -23.84
N LEU C 418 -3.52 -23.79 -22.61
CA LEU C 418 -2.42 -23.38 -21.74
C LEU C 418 -1.22 -24.30 -21.86
N LEU C 419 -1.39 -25.47 -22.51
CA LEU C 419 -0.42 -26.55 -22.51
C LEU C 419 -0.24 -27.07 -23.94
C1 AKG D . 15.88 2.92 -12.20
O1 AKG D . 15.97 4.08 -11.81
O2 AKG D . 16.76 2.08 -12.00
C2 AKG D . 14.80 2.58 -12.84
O5 AKG D . 14.28 1.49 -12.63
C3 AKG D . 14.12 3.51 -13.81
C4 AKG D . 12.62 3.32 -13.69
C5 AKG D . 11.80 4.54 -14.05
O3 AKG D . 12.23 5.31 -14.93
O4 AKG D . 10.73 4.72 -13.44
PA NAD E . 20.88 -2.08 -21.15
O1A NAD E . 20.25 -3.44 -21.19
O2A NAD E . 20.41 -1.01 -22.13
O5B NAD E . 22.44 -2.18 -21.16
C5B NAD E . 23.17 -3.08 -20.36
C4B NAD E . 24.62 -2.95 -20.73
O4B NAD E . 25.40 -3.59 -19.70
C3B NAD E . 25.06 -3.61 -22.05
O3B NAD E . 26.13 -2.79 -22.52
C2B NAD E . 25.44 -5.02 -21.58
O2B NAD E . 26.26 -5.74 -22.49
C1B NAD E . 26.16 -4.63 -20.29
N9A NAD E . 26.31 -5.71 -19.32
C8A NAD E . 25.40 -6.68 -19.00
N7A NAD E . 25.87 -7.56 -18.16
C5A NAD E . 27.17 -7.16 -17.94
C6A NAD E . 28.19 -7.68 -17.13
N6A NAD E . 28.01 -8.75 -16.37
N1A NAD E . 29.38 -7.05 -17.12
C2A NAD E . 29.54 -5.98 -17.90
N3A NAD E . 28.65 -5.39 -18.70
C4A NAD E . 27.48 -6.04 -18.69
O3 NAD E . 20.59 -1.57 -19.62
PN NAD E . 20.70 -0.12 -19.01
O1N NAD E . 19.34 0.53 -19.13
O2N NAD E . 21.86 0.63 -19.59
O5D NAD E . 20.96 -0.38 -17.46
C5D NAD E . 22.34 -0.45 -16.94
C4D NAD E . 22.34 -0.17 -15.46
O4D NAD E . 21.71 1.12 -15.18
C3D NAD E . 21.59 -1.18 -14.58
O3D NAD E . 22.06 -1.27 -13.23
C2D NAD E . 20.22 -0.49 -14.45
O2D NAD E . 19.43 -0.87 -13.32
C1D NAD E . 20.71 0.95 -14.22
N1N NAD E . 19.71 2.02 -14.48
C2N NAD E . 19.00 2.04 -15.65
C3N NAD E . 18.06 3.05 -15.84
C7N NAD E . 17.25 3.21 -17.08
O7N NAD E . 16.60 4.27 -17.18
N7N NAD E . 17.47 2.37 -18.10
C4N NAD E . 17.90 4.04 -14.88
C5N NAD E . 18.68 4.03 -13.74
C6N NAD E . 19.60 3.04 -13.58
C1 EDO F . 21.93 4.16 -1.61
O1 EDO F . 23.02 4.25 -2.54
C2 EDO F . 21.27 2.83 -1.67
O2 EDO F . 22.19 1.76 -1.58
C1 EDO G . 7.65 -13.64 -4.08
O1 EDO G . 8.63 -14.44 -4.73
C2 EDO G . 6.80 -14.42 -3.18
O2 EDO G . 7.49 -14.70 -1.99
C1 EDO H . 0.44 -1.81 0.68
O1 EDO H . 0.32 -1.64 -0.71
C2 EDO H . -0.86 -1.71 1.39
O2 EDO H . -1.77 -2.77 1.07
C1 EDO I . -1.40 0.88 -2.30
O1 EDO I . -1.22 0.52 -0.92
C2 EDO I . -0.53 0.20 -3.30
O2 EDO I . -0.77 -1.19 -3.38
C1 EDO J . 2.82 2.50 3.15
O1 EDO J . 3.89 1.87 3.89
C2 EDO J . 1.76 1.50 2.76
O2 EDO J . 1.24 0.68 3.78
C1 AKG K . -13.93 25.98 4.45
O1 AKG K . -13.73 26.79 3.55
O2 AKG K . -14.48 26.27 5.50
C2 AKG K . -13.51 24.77 4.26
O5 AKG K . -14.11 23.80 4.71
C3 AKG K . -12.22 24.52 3.51
C4 AKG K . -12.13 23.06 3.13
C5 AKG K . -11.24 22.82 1.92
O3 AKG K . -10.16 23.43 1.87
O4 AKG K . -11.66 22.07 1.04
PA NAD L . -8.63 25.28 14.55
O1A NAD L . -9.17 24.05 15.17
O2A NAD L . -7.30 25.29 13.89
O5B NAD L . -8.64 26.48 15.60
C5B NAD L . -9.85 26.85 16.28
C4B NAD L . -9.52 28.00 17.18
O4B NAD L . -10.74 28.54 17.73
C3B NAD L . -8.66 27.65 18.42
O3B NAD L . -7.86 28.75 18.81
C2B NAD L . -9.73 27.33 19.45
O2B NAD L . -9.28 27.41 20.79
C1B NAD L . -10.72 28.44 19.13
N9A NAD L . -12.08 28.18 19.58
C8A NAD L . -12.79 27.01 19.50
N7A NAD L . -14.00 27.12 19.98
C5A NAD L . -14.09 28.44 20.40
C6A NAD L . -15.13 29.17 20.99
N6A NAD L . -16.32 28.67 21.28
N1A NAD L . -14.88 30.47 21.27
C2A NAD L . -13.67 30.98 20.99
N3A NAD L . -12.63 30.39 20.43
C4A NAD L . -12.91 29.10 20.15
O3 NAD L . -9.72 25.75 13.48
PN NAD L . -9.53 26.64 12.17
O1N NAD L . -8.65 27.81 12.46
O2N NAD L . -9.09 25.76 11.06
O5D NAD L . -11.03 27.11 11.87
C5D NAD L . -11.57 28.28 12.51
C4D NAD L . -12.76 28.77 11.72
O4D NAD L . -12.36 29.04 10.36
C3D NAD L . -13.94 27.80 11.60
O3D NAD L . -15.18 28.48 11.48
C2D NAD L . -13.64 27.10 10.28
O2D NAD L . -14.78 26.46 9.74
C1D NAD L . -13.20 28.32 9.47
N1N NAD L . -12.41 28.05 8.25
C2N NAD L . -11.31 27.24 8.28
C3N NAD L . -10.58 27.04 7.11
C7N NAD L . -9.36 26.16 7.09
O7N NAD L . -8.76 25.99 6.03
N7N NAD L . -8.96 25.63 8.23
C4N NAD L . -10.95 27.66 5.94
C5N NAD L . -12.05 28.49 5.93
C6N NAD L . -12.76 28.70 7.08
C1 EDO M . -26.56 16.53 -8.82
O1 EDO M . -27.70 15.84 -9.24
C2 EDO M . -26.43 17.88 -9.36
O2 EDO M . -27.35 18.79 -8.67
C1 EDO N . -23.39 32.67 3.66
O1 EDO N . -24.15 32.85 4.82
C2 EDO N . -22.95 33.93 3.04
O2 EDO N . -21.93 34.55 3.74
C1 EDO O . -26.30 12.89 -7.86
O1 EDO O . -25.16 12.91 -8.73
C2 EDO O . -25.97 13.32 -6.47
O2 EDO O . -24.84 12.65 -5.97
C1 EDO P . 0.90 13.81 -7.25
O1 EDO P . -0.34 13.04 -7.35
C2 EDO P . 0.78 14.77 -6.14
O2 EDO P . 1.36 15.97 -6.40
C1 AKG Q . -6.50 -28.66 3.51
O1 AKG Q . -5.42 -28.83 4.05
O2 AKG Q . -7.18 -29.58 3.07
C2 AKG Q . -7.01 -27.47 3.41
O5 AKG Q . -6.28 -26.48 3.34
C3 AKG Q . -8.49 -27.26 3.45
C4 AKG Q . -8.88 -25.80 3.38
C5 AKG Q . -10.30 -25.58 2.94
O3 AKG Q . -10.50 -24.91 1.91
O4 AKG Q . -11.21 -26.12 3.60
PA NAD R . -4.97 -27.19 14.67
O1A NAD R . -4.16 -25.95 14.85
O2A NAD R . -6.43 -27.20 14.87
O5B NAD R . -4.33 -28.39 15.53
C5B NAD R . -2.93 -28.70 15.45
C4B NAD R . -2.64 -29.78 16.46
O4B NAD R . -1.30 -30.29 16.22
C3B NAD R . -2.62 -29.32 17.93
O3B NAD R . -2.93 -30.41 18.79
C2B NAD R . -1.17 -28.89 18.09
O2B NAD R . -0.73 -28.79 19.42
C1B NAD R . -0.51 -30.06 17.36
N9A NAD R . 0.87 -29.80 16.95
C8A NAD R . 1.38 -28.63 16.45
N7A NAD R . 2.66 -28.70 16.18
C5A NAD R . 3.01 -30.00 16.52
C6A NAD R . 4.23 -30.71 16.46
N6A NAD R . 5.36 -30.18 16.01
N1A NAD R . 4.23 -31.98 16.88
C2A NAD R . 3.08 -32.52 17.32
N3A NAD R . 1.88 -31.96 17.42
C4A NAD R . 1.91 -30.69 16.99
O3 NAD R . -4.66 -27.72 13.19
PN NAD R . -5.54 -28.69 12.29
O1N NAD R . -6.51 -27.90 11.50
O2N NAD R . -6.09 -29.82 13.09
O5D NAD R . -4.42 -29.23 11.27
C5D NAD R . -3.68 -30.42 11.54
C4D NAD R . -3.13 -30.97 10.24
O4D NAD R . -4.23 -31.35 9.38
C3D NAD R . -2.28 -30.00 9.39
O3D NAD R . -1.33 -30.72 8.60
C2D NAD R . -3.32 -29.39 8.46
O2D NAD R . -2.75 -28.82 7.31
C1D NAD R . -4.09 -30.67 8.14
N1N NAD R . -5.43 -30.47 7.54
C2N NAD R . -6.35 -29.65 8.15
C3N NAD R . -7.60 -29.51 7.58
C7N NAD R . -8.64 -28.65 8.23
O7N NAD R . -9.79 -28.64 7.76
N7N NAD R . -8.30 -27.95 9.30
C4N NAD R . -7.92 -30.17 6.41
C5N NAD R . -6.99 -30.99 5.81
C6N NAD R . -5.75 -31.14 6.39
C1 EDO S . -7.14 -2.80 10.13
O1 EDO S . -7.73 -2.31 8.93
C2 EDO S . -5.71 -3.27 10.07
O2 EDO S . -4.69 -2.36 9.63
C1 EDO T . 0.09 -36.51 -2.32
O1 EDO T . -0.04 -37.43 -1.28
C2 EDO T . 1.07 -35.42 -2.05
O2 EDO T . 2.22 -35.78 -1.33
C1 EDO U . -4.65 -20.09 -15.23
O1 EDO U . -3.88 -19.66 -16.32
C2 EDO U . -5.04 -21.52 -15.43
O2 EDO U . -3.87 -22.40 -15.35
C1 EDO V . -11.01 -7.41 -5.07
O1 EDO V . -10.37 -6.15 -5.00
C2 EDO V . -11.10 -8.05 -3.75
O2 EDO V . -11.60 -9.35 -3.88
#